data_9J3V
#
_entry.id   9J3V
#
_cell.length_a   85.852
_cell.length_b   120.876
_cell.length_c   89.221
_cell.angle_alpha   90.00
_cell.angle_beta   91.51
_cell.angle_gamma   90.00
#
_symmetry.space_group_name_H-M   'P 1 21 1'
#
loop_
_entity.id
_entity.type
_entity.pdbx_description
1 polymer 'Putative molybdopterin oxidoreductase'
2 non-polymer 'FE (II) ION'
3 non-polymer ISOLEUCINE
4 water water
#
_entity_poly.entity_id   1
_entity_poly.type   'polypeptide(L)'
_entity_poly.pdbx_seq_one_letter_code
;VTVNALALSAAEQQDLDARVGKEIDAARLRRADNAFFGEARKAESVTPEAALAIAHRWRAMTKAFMFTTLSGLGVMARRF
QGQDAPDHELLAAFQTVYQVIGDDLDNAAPAFREVAPRGPAGIHYVWWEDTVLKPVAAHVAEEDRQSAAVLPRAVTGLLD
SMDRLATHPLGAAVQLRVVEDIALDIAVGFRRLYAKVEVPGTTLFAGRDDLAWVDSHIKAETMHAAQVSDEDTGMTRLVA
DREQAEEFLTAVREYAAHWSAALETYAQALRDGHA
;
_entity_poly.pdbx_strand_id   A,B,C,D,E,F
#
loop_
_chem_comp.id
_chem_comp.type
_chem_comp.name
_chem_comp.formula
FE2 non-polymer 'FE (II) ION' 'Fe 2'
#
# COMPACT_ATOMS: atom_id res chain seq x y z
N LEU A 8 42.03 -9.20 -19.24
CA LEU A 8 41.29 -10.20 -18.49
C LEU A 8 41.94 -10.52 -17.16
N SER A 9 43.22 -10.19 -17.03
CA SER A 9 43.96 -10.45 -15.81
C SER A 9 43.40 -9.62 -14.66
N ALA A 10 43.62 -10.10 -13.43
CA ALA A 10 43.07 -9.40 -12.27
C ALA A 10 43.68 -8.02 -12.14
N ALA A 11 44.97 -7.87 -12.45
CA ALA A 11 45.58 -6.56 -12.58
C ALA A 11 44.78 -5.67 -13.54
N GLU A 12 44.44 -6.21 -14.71
CA GLU A 12 43.67 -5.44 -15.69
C GLU A 12 42.25 -5.17 -15.23
N GLN A 13 41.63 -6.11 -14.51
CA GLN A 13 40.31 -5.85 -13.95
C GLN A 13 40.34 -4.68 -12.99
N GLN A 14 41.31 -4.68 -12.07
CA GLN A 14 41.47 -3.56 -11.14
C GLN A 14 41.68 -2.25 -11.89
N ASP A 15 42.57 -2.27 -12.89
CA ASP A 15 42.85 -1.07 -13.68
C ASP A 15 41.58 -0.54 -14.34
N LEU A 16 40.84 -1.42 -15.04
CA LEU A 16 39.61 -1.02 -15.71
C LEU A 16 38.61 -0.40 -14.73
N ASP A 17 38.37 -1.08 -13.60
CA ASP A 17 37.41 -0.56 -12.62
C ASP A 17 37.81 0.83 -12.14
N ALA A 18 39.10 1.02 -11.83
CA ALA A 18 39.54 2.33 -11.33
C ALA A 18 39.44 3.39 -12.41
N ARG A 19 39.78 3.05 -13.65
CA ARG A 19 39.66 4.01 -14.74
C ARG A 19 38.21 4.40 -14.98
N VAL A 20 37.28 3.46 -14.81
CA VAL A 20 35.87 3.79 -14.94
C VAL A 20 35.45 4.77 -13.85
N GLY A 21 35.83 4.49 -12.61
CA GLY A 21 35.56 5.43 -11.53
C GLY A 21 36.11 6.82 -11.81
N LYS A 22 37.35 6.90 -12.31
CA LYS A 22 37.94 8.20 -12.60
C LYS A 22 37.22 8.89 -13.76
N GLU A 23 36.77 8.13 -14.76
CA GLU A 23 35.97 8.72 -15.83
C GLU A 23 34.71 9.35 -15.29
N ILE A 24 34.02 8.65 -14.38
CA ILE A 24 32.81 9.22 -13.80
C ILE A 24 33.14 10.45 -12.96
N ASP A 25 34.30 10.45 -12.30
CA ASP A 25 34.76 11.64 -11.60
C ASP A 25 34.89 12.82 -12.56
N ALA A 26 35.65 12.63 -13.64
CA ALA A 26 35.94 13.71 -14.59
C ALA A 26 34.67 14.31 -15.20
N ALA A 27 33.61 13.52 -15.33
CA ALA A 27 32.39 14.04 -15.93
C ALA A 27 31.64 14.99 -15.01
N ARG A 28 32.20 15.32 -13.85
CA ARG A 28 31.53 16.16 -12.85
C ARG A 28 30.14 15.62 -12.54
N LEU A 29 30.12 14.35 -12.13
CA LEU A 29 28.89 13.66 -11.79
C LEU A 29 28.78 13.28 -10.32
N ARG A 30 29.80 13.57 -9.51
CA ARG A 30 29.70 13.17 -8.13
C ARG A 30 28.90 14.21 -7.33
N ARG A 31 28.50 13.81 -6.12
CA ARG A 31 27.79 14.69 -5.20
C ARG A 31 28.36 16.10 -5.16
N ALA A 32 29.68 16.21 -4.95
CA ALA A 32 30.28 17.49 -4.66
C ALA A 32 30.33 18.40 -5.89
N ASP A 33 30.47 17.83 -7.09
CA ASP A 33 30.80 18.61 -8.27
C ASP A 33 29.60 18.98 -9.13
N ASN A 34 28.55 18.16 -9.17
CA ASN A 34 27.50 18.36 -10.16
C ASN A 34 26.59 19.51 -9.79
N ALA A 35 26.18 20.28 -10.81
CA ALA A 35 25.38 21.48 -10.60
C ALA A 35 24.00 21.14 -10.04
N PHE A 36 23.38 20.07 -10.54
CA PHE A 36 22.01 19.77 -10.12
C PHE A 36 21.92 19.44 -8.63
N PHE A 37 22.85 18.64 -8.11
CA PHE A 37 22.79 18.26 -6.71
C PHE A 37 22.91 19.48 -5.80
N GLY A 38 23.88 20.35 -6.08
CA GLY A 38 24.04 21.55 -5.29
C GLY A 38 22.86 22.50 -5.42
N GLU A 39 22.43 22.77 -6.66
CA GLU A 39 21.30 23.67 -6.87
C GLU A 39 20.04 23.17 -6.18
N ALA A 40 19.84 21.84 -6.15
CA ALA A 40 18.66 21.30 -5.48
C ALA A 40 18.82 21.38 -3.98
N ARG A 41 20.04 21.25 -3.47
CA ARG A 41 20.27 21.40 -2.03
C ARG A 41 20.04 22.85 -1.58
N LYS A 42 20.45 23.82 -2.40
CA LYS A 42 20.48 25.22 -1.99
C LYS A 42 19.24 26.02 -2.34
N ALA A 43 18.35 25.49 -3.19
CA ALA A 43 17.19 26.26 -3.61
C ALA A 43 16.29 26.57 -2.43
N GLU A 44 15.95 27.86 -2.27
CA GLU A 44 15.01 28.24 -1.22
C GLU A 44 13.60 27.81 -1.58
N SER A 45 13.21 28.04 -2.83
CA SER A 45 11.92 27.60 -3.33
C SER A 45 12.07 27.16 -4.78
N VAL A 46 11.04 26.50 -5.29
CA VAL A 46 11.03 25.98 -6.65
C VAL A 46 9.68 26.29 -7.25
N THR A 47 9.69 26.84 -8.46
CA THR A 47 8.46 27.16 -9.15
C THR A 47 7.81 25.90 -9.68
N PRO A 48 6.47 25.88 -9.82
CA PRO A 48 5.84 24.70 -10.42
C PRO A 48 6.21 24.50 -11.88
N GLU A 49 6.70 25.55 -12.55
CA GLU A 49 7.12 25.43 -13.93
C GLU A 49 8.49 24.76 -14.05
N ALA A 50 9.45 25.19 -13.24
CA ALA A 50 10.75 24.51 -13.20
C ALA A 50 10.60 23.06 -12.76
N ALA A 51 9.75 22.82 -11.75
CA ALA A 51 9.49 21.45 -11.32
C ALA A 51 8.91 20.61 -12.46
N LEU A 52 7.93 21.17 -13.19
CA LEU A 52 7.34 20.44 -14.30
C LEU A 52 8.35 20.18 -15.41
N ALA A 53 9.26 21.13 -15.65
CA ALA A 53 10.27 20.92 -16.67
C ALA A 53 11.19 19.76 -16.29
N ILE A 54 11.63 19.75 -15.03
CA ILE A 54 12.44 18.64 -14.54
C ILE A 54 11.67 17.33 -14.66
N ALA A 55 10.38 17.36 -14.34
CA ALA A 55 9.56 16.15 -14.42
C ALA A 55 9.51 15.59 -15.84
N HIS A 56 9.29 16.47 -16.83
CA HIS A 56 9.26 16.01 -18.22
C HIS A 56 10.60 15.45 -18.65
N ARG A 57 11.69 16.16 -18.30
CA ARG A 57 13.00 15.68 -18.69
C ARG A 57 13.29 14.32 -18.07
N TRP A 58 12.99 14.15 -16.78
CA TRP A 58 13.25 12.88 -16.13
C TRP A 58 12.39 11.77 -16.72
N ARG A 59 11.11 12.05 -16.99
CA ARG A 59 10.26 11.08 -17.67
C ARG A 59 10.95 10.55 -18.92
N ALA A 60 11.40 11.45 -19.79
CA ALA A 60 12.02 11.02 -21.04
C ALA A 60 13.28 10.21 -20.78
N MET A 61 14.11 10.68 -19.86
CA MET A 61 15.42 10.01 -19.63
C MET A 61 15.25 8.61 -19.02
N THR A 62 14.30 8.43 -18.11
CA THR A 62 14.16 7.13 -17.40
C THR A 62 13.47 6.13 -18.34
N LYS A 63 12.53 6.58 -19.17
CA LYS A 63 11.90 5.70 -20.17
C LYS A 63 12.97 5.24 -21.15
N ALA A 64 13.76 6.18 -21.68
CA ALA A 64 14.81 5.79 -22.60
C ALA A 64 15.84 4.88 -21.92
N PHE A 65 16.23 5.21 -20.69
CA PHE A 65 17.18 4.38 -19.96
C PHE A 65 16.69 2.94 -19.87
N MET A 66 15.46 2.74 -19.38
CA MET A 66 14.95 1.40 -19.19
C MET A 66 14.85 0.66 -20.52
N PHE A 67 14.21 1.28 -21.52
CA PHE A 67 13.98 0.54 -22.77
C PHE A 67 15.28 0.24 -23.50
N THR A 68 16.20 1.21 -23.60
CA THR A 68 17.45 0.96 -24.30
C THR A 68 18.36 0.02 -23.53
N THR A 69 18.29 0.01 -22.20
CA THR A 69 19.06 -0.97 -21.43
C THR A 69 18.51 -2.37 -21.65
N LEU A 70 17.18 -2.52 -21.69
CA LEU A 70 16.61 -3.82 -22.04
C LEU A 70 17.04 -4.27 -23.43
N SER A 71 17.10 -3.33 -24.38
CA SER A 71 17.60 -3.66 -25.71
C SER A 71 19.04 -4.15 -25.65
N GLY A 72 19.89 -3.46 -24.87
CA GLY A 72 21.27 -3.91 -24.72
C GLY A 72 21.36 -5.29 -24.09
N LEU A 73 20.48 -5.58 -23.14
CA LEU A 73 20.41 -6.92 -22.56
C LEU A 73 20.10 -7.95 -23.63
N GLY A 74 19.13 -7.66 -24.51
CA GLY A 74 18.82 -8.59 -25.58
C GLY A 74 19.97 -8.79 -26.56
N VAL A 75 20.69 -7.70 -26.86
CA VAL A 75 21.87 -7.80 -27.71
C VAL A 75 22.90 -8.73 -27.06
N MET A 76 23.13 -8.57 -25.76
CA MET A 76 24.18 -9.39 -25.11
C MET A 76 23.77 -10.86 -25.18
N ALA A 77 22.48 -11.14 -25.09
CA ALA A 77 21.97 -12.52 -25.09
C ALA A 77 22.20 -13.18 -26.45
N ARG A 78 22.05 -12.41 -27.53
CA ARG A 78 22.26 -12.94 -28.90
C ARG A 78 23.73 -13.27 -29.09
N ARG A 79 24.62 -12.54 -28.41
CA ARG A 79 26.07 -12.86 -28.49
C ARG A 79 26.35 -14.11 -27.66
N PHE A 80 25.73 -14.22 -26.49
CA PHE A 80 25.91 -15.45 -25.67
C PHE A 80 25.36 -16.65 -26.46
N GLN A 81 24.24 -16.46 -27.16
CA GLN A 81 23.71 -17.56 -28.01
C GLN A 81 24.77 -17.91 -29.05
N GLY A 82 25.48 -16.89 -29.54
CA GLY A 82 26.54 -17.16 -30.51
C GLY A 82 27.64 -18.05 -29.98
N GLN A 83 27.84 -18.09 -28.67
CA GLN A 83 28.90 -18.88 -28.07
C GLN A 83 28.39 -20.25 -27.66
N ASP A 84 29.29 -21.24 -27.68
CA ASP A 84 28.88 -22.63 -27.42
C ASP A 84 28.61 -22.87 -25.95
N ALA A 85 29.46 -22.34 -25.07
CA ALA A 85 29.28 -22.45 -23.63
C ALA A 85 29.76 -21.15 -23.01
N PRO A 86 28.88 -20.15 -22.92
CA PRO A 86 29.28 -18.85 -22.35
C PRO A 86 29.94 -18.98 -20.99
N ASP A 87 30.93 -18.13 -20.75
CA ASP A 87 31.67 -18.16 -19.50
C ASP A 87 30.76 -17.81 -18.34
N HIS A 88 30.80 -18.65 -17.29
CA HIS A 88 29.86 -18.50 -16.18
C HIS A 88 30.05 -17.19 -15.41
N GLU A 89 31.26 -16.64 -15.38
CA GLU A 89 31.43 -15.34 -14.71
C GLU A 89 30.69 -14.25 -15.47
N LEU A 90 30.81 -14.27 -16.80
CA LEU A 90 30.03 -13.36 -17.63
C LEU A 90 28.54 -13.63 -17.46
N LEU A 91 28.15 -14.88 -17.27
CA LEU A 91 26.73 -15.17 -17.04
C LEU A 91 26.25 -14.58 -15.72
N ALA A 92 27.10 -14.60 -14.69
CA ALA A 92 26.76 -13.94 -13.43
C ALA A 92 26.56 -12.44 -13.62
N ALA A 93 27.47 -11.81 -14.36
CA ALA A 93 27.32 -10.38 -14.64
C ALA A 93 26.06 -10.11 -15.46
N PHE A 94 25.74 -10.99 -16.41
CA PHE A 94 24.50 -10.88 -17.17
C PHE A 94 23.29 -10.95 -16.25
N GLN A 95 23.31 -11.89 -15.29
CA GLN A 95 22.24 -11.97 -14.30
C GLN A 95 22.12 -10.66 -13.54
N THR A 96 23.26 -10.02 -13.23
CA THR A 96 23.20 -8.72 -12.56
C THR A 96 22.50 -7.69 -13.44
N VAL A 97 22.84 -7.64 -14.72
CA VAL A 97 22.13 -6.75 -15.65
C VAL A 97 20.63 -6.97 -15.54
N TYR A 98 20.23 -8.24 -15.65
CA TYR A 98 18.82 -8.58 -15.64
C TYR A 98 18.15 -8.11 -14.36
N GLN A 99 18.78 -8.40 -13.21
CA GLN A 99 18.22 -8.06 -11.92
C GLN A 99 18.05 -6.56 -11.77
N VAL A 100 19.12 -5.80 -12.04
CA VAL A 100 19.08 -4.36 -11.79
C VAL A 100 18.03 -3.70 -12.68
N ILE A 101 18.10 -3.93 -13.99
CA ILE A 101 17.14 -3.22 -14.85
C ILE A 101 15.72 -3.74 -14.68
N GLY A 102 15.52 -4.97 -14.20
CA GLY A 102 14.17 -5.46 -13.96
C GLY A 102 13.41 -4.75 -12.86
N ASP A 103 14.11 -4.10 -11.94
CA ASP A 103 13.42 -3.33 -10.90
C ASP A 103 12.59 -2.20 -11.50
N ASP A 104 13.11 -1.53 -12.54
CA ASP A 104 12.35 -0.48 -13.20
C ASP A 104 11.10 -1.02 -13.88
N LEU A 105 11.15 -2.26 -14.35
CA LEU A 105 10.03 -2.83 -15.09
C LEU A 105 8.98 -3.47 -14.19
N ASP A 106 9.38 -4.06 -13.05
CA ASP A 106 8.42 -4.84 -12.29
C ASP A 106 8.63 -4.81 -10.78
N ASN A 107 9.56 -4.00 -10.25
CA ASN A 107 9.64 -3.71 -8.82
C ASN A 107 9.87 -4.97 -7.97
N ALA A 108 10.84 -5.78 -8.38
CA ALA A 108 11.13 -7.01 -7.64
C ALA A 108 11.75 -6.71 -6.28
N ALA A 109 12.68 -5.77 -6.22
CA ALA A 109 13.42 -5.49 -5.00
C ALA A 109 12.46 -5.15 -3.85
N PRO A 110 12.83 -5.51 -2.61
CA PRO A 110 11.92 -5.24 -1.48
C PRO A 110 11.57 -3.78 -1.31
N ALA A 111 12.55 -2.88 -1.51
CA ALA A 111 12.29 -1.45 -1.38
C ALA A 111 11.16 -1.01 -2.29
N PHE A 112 11.05 -1.61 -3.47
CA PHE A 112 10.01 -1.29 -4.44
C PHE A 112 8.74 -2.10 -4.28
N ARG A 113 8.87 -3.39 -3.93
CA ARG A 113 7.71 -4.27 -3.88
C ARG A 113 6.64 -3.77 -2.90
N GLU A 114 7.04 -3.06 -1.86
CA GLU A 114 6.07 -2.63 -0.84
C GLU A 114 5.19 -1.49 -1.34
N VAL A 115 5.75 -0.53 -2.08
CA VAL A 115 5.06 0.72 -2.34
C VAL A 115 4.69 0.93 -3.80
N ALA A 116 5.28 0.18 -4.73
CA ALA A 116 5.02 0.53 -6.11
C ALA A 116 3.65 0.01 -6.56
N PRO A 117 2.97 0.74 -7.44
CA PRO A 117 1.70 0.24 -7.97
C PRO A 117 1.90 -1.09 -8.68
N ARG A 118 0.86 -1.91 -8.67
CA ARG A 118 0.91 -3.19 -9.36
C ARG A 118 0.79 -2.98 -10.87
N GLY A 119 1.35 -3.91 -11.63
CA GLY A 119 1.23 -3.92 -13.07
C GLY A 119 1.96 -2.78 -13.75
N PRO A 120 1.48 -2.40 -14.93
CA PRO A 120 2.16 -1.35 -15.71
C PRO A 120 2.29 -0.02 -14.98
N ALA A 121 1.33 0.30 -14.10
CA ALA A 121 1.40 1.55 -13.34
C ALA A 121 2.64 1.60 -12.46
N GLY A 122 3.30 0.46 -12.23
CA GLY A 122 4.51 0.42 -11.45
C GLY A 122 5.78 0.56 -12.24
N ILE A 123 5.72 0.49 -13.58
CA ILE A 123 6.87 0.84 -14.40
C ILE A 123 7.30 2.26 -14.05
N HIS A 124 8.60 2.44 -13.87
CA HIS A 124 9.08 3.59 -13.12
C HIS A 124 8.83 4.90 -13.85
N TYR A 125 8.93 4.92 -15.19
CA TYR A 125 8.59 6.15 -15.89
C TYR A 125 7.09 6.41 -15.84
N VAL A 126 6.28 5.35 -15.83
CA VAL A 126 4.83 5.52 -15.70
C VAL A 126 4.47 5.95 -14.28
N TRP A 127 5.07 5.29 -13.29
CA TRP A 127 4.89 5.66 -11.90
C TRP A 127 5.25 7.12 -11.66
N TRP A 128 6.36 7.56 -12.28
CA TRP A 128 6.79 8.95 -12.17
C TRP A 128 5.81 9.89 -12.87
N GLU A 129 5.30 9.50 -14.04
CA GLU A 129 4.23 10.26 -14.68
C GLU A 129 3.08 10.49 -13.72
N ASP A 130 2.60 9.42 -13.08
CA ASP A 130 1.35 9.48 -12.35
C ASP A 130 1.48 10.19 -11.01
N THR A 131 2.62 10.03 -10.31
CA THR A 131 2.72 10.52 -8.95
C THR A 131 3.55 11.79 -8.78
N VAL A 132 4.39 12.13 -9.76
CA VAL A 132 5.22 13.32 -9.69
C VAL A 132 4.76 14.32 -10.75
N LEU A 133 4.98 14.00 -12.02
CA LEU A 133 4.73 14.93 -13.12
C LEU A 133 3.31 15.51 -13.08
N LYS A 134 2.29 14.67 -13.26
CA LYS A 134 0.92 15.16 -13.34
C LYS A 134 0.47 15.98 -12.13
N PRO A 135 0.77 15.59 -10.88
CA PRO A 135 0.38 16.48 -9.76
C PRO A 135 1.02 17.85 -9.86
N VAL A 136 2.26 17.94 -10.33
CA VAL A 136 2.89 19.24 -10.53
C VAL A 136 2.27 19.97 -11.71
N ALA A 137 1.84 19.23 -12.74
CA ALA A 137 1.27 19.86 -13.93
C ALA A 137 -0.10 20.47 -13.64
N ALA A 138 -0.79 19.97 -12.62
CA ALA A 138 -2.06 20.58 -12.25
C ALA A 138 -1.89 22.03 -11.82
N HIS A 139 -0.69 22.44 -11.38
CA HIS A 139 -0.42 23.79 -10.91
C HIS A 139 0.35 24.62 -11.93
N VAL A 140 0.24 24.31 -13.22
CA VAL A 140 0.94 25.04 -14.27
C VAL A 140 -0.06 25.40 -15.35
N ALA A 141 0.01 26.63 -15.84
CA ALA A 141 -0.91 27.12 -16.86
C ALA A 141 -0.67 26.40 -18.19
N GLU A 142 -1.72 26.36 -19.01
CA GLU A 142 -1.68 25.56 -20.23
C GLU A 142 -0.49 25.92 -21.12
N GLU A 143 -0.18 27.21 -21.24
CA GLU A 143 0.97 27.64 -22.06
C GLU A 143 2.29 27.22 -21.43
N ASP A 144 2.40 27.31 -20.10
CA ASP A 144 3.64 26.96 -19.45
C ASP A 144 3.88 25.47 -19.46
N ARG A 145 2.82 24.66 -19.55
CA ARG A 145 2.99 23.22 -19.71
C ARG A 145 3.70 22.93 -21.03
N GLN A 146 3.19 23.53 -22.11
CA GLN A 146 3.87 23.41 -23.39
C GLN A 146 5.34 23.82 -23.28
N SER A 147 5.68 24.81 -22.45
CA SER A 147 7.12 25.07 -22.40
C SER A 147 7.80 23.91 -21.65
N ALA A 148 7.20 23.44 -20.53
CA ALA A 148 7.91 22.45 -19.73
C ALA A 148 8.18 21.19 -20.51
N ALA A 149 7.38 20.89 -21.53
CA ALA A 149 7.58 19.68 -22.33
C ALA A 149 8.74 19.78 -23.34
N VAL A 150 9.24 20.98 -23.64
CA VAL A 150 10.28 21.10 -24.67
C VAL A 150 11.61 20.60 -24.11
N LEU A 151 12.20 19.60 -24.79
CA LEU A 151 13.39 18.99 -24.21
C LEU A 151 14.63 19.76 -24.63
N PRO A 152 15.51 20.11 -23.68
CA PRO A 152 16.78 20.74 -24.06
C PRO A 152 17.60 19.85 -24.98
N ARG A 153 18.54 20.49 -25.68
CA ARG A 153 19.41 19.75 -26.60
C ARG A 153 20.32 18.78 -25.85
N ALA A 154 20.76 19.12 -24.64
CA ALA A 154 21.57 18.19 -23.87
C ALA A 154 20.76 16.94 -23.51
N VAL A 155 19.48 17.13 -23.20
CA VAL A 155 18.61 16.00 -22.87
C VAL A 155 18.40 15.11 -24.08
N THR A 156 18.05 15.71 -25.22
CA THR A 156 17.86 14.93 -26.44
C THR A 156 19.15 14.28 -26.89
N GLY A 157 20.29 14.91 -26.63
CA GLY A 157 21.57 14.28 -26.92
C GLY A 157 21.81 13.05 -26.06
N LEU A 158 21.43 13.12 -24.79
CA LEU A 158 21.50 11.93 -23.94
C LEU A 158 20.59 10.84 -24.48
N LEU A 159 19.37 11.21 -24.91
CA LEU A 159 18.47 10.21 -25.48
C LEU A 159 19.06 9.56 -26.73
N ASP A 160 19.72 10.36 -27.58
CA ASP A 160 20.35 9.81 -28.77
C ASP A 160 21.51 8.88 -28.41
N SER A 161 22.29 9.25 -27.40
CA SER A 161 23.34 8.37 -26.90
C SER A 161 22.78 7.03 -26.43
N MET A 162 21.67 7.09 -25.69
CA MET A 162 21.03 5.85 -25.23
C MET A 162 20.56 5.01 -26.41
N ASP A 163 19.96 5.67 -27.42
CA ASP A 163 19.54 4.93 -28.61
C ASP A 163 20.71 4.27 -29.32
N ARG A 164 21.88 4.90 -29.29
CA ARG A 164 23.06 4.25 -29.85
C ARG A 164 23.46 3.03 -29.02
N LEU A 165 23.54 3.20 -27.70
CA LEU A 165 23.93 2.10 -26.82
C LEU A 165 22.92 0.96 -26.80
N ALA A 166 21.67 1.21 -27.23
CA ALA A 166 20.65 0.18 -27.25
C ALA A 166 21.04 -1.04 -28.07
N THR A 167 21.95 -0.89 -29.03
CA THR A 167 22.39 -2.00 -29.86
C THR A 167 23.86 -2.32 -29.66
N HIS A 168 24.49 -1.69 -28.67
CA HIS A 168 25.93 -1.92 -28.41
C HIS A 168 26.09 -3.18 -27.57
N PRO A 169 27.07 -4.05 -27.89
CA PRO A 169 27.27 -5.29 -27.16
C PRO A 169 27.57 -5.11 -25.66
N LEU A 170 27.97 -3.90 -25.26
CA LEU A 170 28.32 -3.63 -23.85
C LEU A 170 27.56 -2.38 -23.37
N GLY A 171 26.56 -1.95 -24.13
CA GLY A 171 25.81 -0.72 -23.81
C GLY A 171 25.06 -0.78 -22.50
N ALA A 172 24.36 -1.88 -22.25
CA ALA A 172 23.60 -2.05 -20.99
C ALA A 172 24.57 -1.92 -19.81
N ALA A 173 25.77 -2.48 -19.95
CA ALA A 173 26.77 -2.43 -18.87
C ALA A 173 27.21 -1.00 -18.65
N VAL A 174 27.51 -0.29 -19.73
CA VAL A 174 27.94 1.14 -19.63
C VAL A 174 26.82 1.94 -18.98
N GLN A 175 25.58 1.71 -19.41
CA GLN A 175 24.44 2.51 -18.89
C GLN A 175 24.21 2.18 -17.41
N LEU A 176 24.16 0.89 -17.06
CA LEU A 176 23.92 0.55 -15.67
C LEU A 176 25.07 1.05 -14.79
N ARG A 177 26.32 0.86 -15.25
CA ARG A 177 27.47 1.26 -14.47
C ARG A 177 27.44 2.76 -14.13
N VAL A 178 27.03 3.59 -15.08
CA VAL A 178 27.02 5.04 -14.81
C VAL A 178 25.76 5.45 -14.04
N VAL A 179 24.59 5.07 -14.57
CA VAL A 179 23.33 5.56 -14.02
C VAL A 179 23.15 5.07 -12.61
N GLU A 180 23.42 3.80 -12.35
CA GLU A 180 23.25 3.27 -11.00
C GLU A 180 24.24 3.87 -10.03
N ASP A 181 25.37 4.38 -10.54
CA ASP A 181 26.34 5.05 -9.67
C ASP A 181 25.83 6.42 -9.24
N ILE A 182 25.10 7.12 -10.10
CA ILE A 182 24.64 8.47 -9.74
C ILE A 182 23.16 8.52 -9.33
N ALA A 183 22.48 7.36 -9.29
CA ALA A 183 21.04 7.32 -9.09
C ALA A 183 20.62 7.87 -7.74
N LEU A 184 21.39 7.58 -6.68
CA LEU A 184 20.99 8.01 -5.34
C LEU A 184 21.02 9.53 -5.24
N ASP A 185 22.10 10.14 -5.75
CA ASP A 185 22.18 11.60 -5.73
C ASP A 185 21.04 12.22 -6.52
N ILE A 186 20.67 11.63 -7.66
CA ILE A 186 19.52 12.17 -8.41
C ILE A 186 18.25 12.09 -7.56
N ALA A 187 18.02 10.94 -6.91
CA ALA A 187 16.81 10.78 -6.12
C ALA A 187 16.77 11.74 -4.94
N VAL A 188 17.93 11.99 -4.33
CA VAL A 188 18.00 12.95 -3.22
C VAL A 188 17.69 14.36 -3.71
N GLY A 189 18.27 14.75 -4.85
CA GLY A 189 17.92 16.03 -5.43
C GLY A 189 16.43 16.17 -5.67
N PHE A 190 15.78 15.08 -6.10
CA PHE A 190 14.34 15.12 -6.30
C PHE A 190 13.60 15.29 -4.98
N ARG A 191 14.00 14.53 -3.96
CA ARG A 191 13.37 14.64 -2.65
C ARG A 191 13.47 16.05 -2.10
N ARG A 192 14.66 16.67 -2.22
CA ARG A 192 14.84 18.03 -1.77
C ARG A 192 13.97 19.01 -2.55
N LEU A 193 14.10 19.01 -3.88
CA LEU A 193 13.46 20.06 -4.67
C LEU A 193 11.94 19.95 -4.70
N TYR A 194 11.40 18.73 -4.78
CA TYR A 194 9.95 18.60 -4.92
C TYR A 194 9.21 18.82 -3.62
N ALA A 195 9.91 18.90 -2.50
CA ALA A 195 9.29 19.34 -1.25
C ALA A 195 9.21 20.86 -1.17
N LYS A 196 10.02 21.56 -1.96
CA LYS A 196 10.13 23.01 -1.94
C LYS A 196 9.44 23.67 -3.12
N VAL A 197 8.32 23.11 -3.57
CA VAL A 197 7.59 23.67 -4.70
C VAL A 197 6.57 24.66 -4.17
N GLU A 198 6.59 25.88 -4.69
CA GLU A 198 5.68 26.94 -4.25
C GLU A 198 4.43 26.90 -5.11
N VAL A 199 3.32 26.46 -4.52
CA VAL A 199 2.01 26.64 -5.12
C VAL A 199 1.21 27.54 -4.18
N PRO A 200 0.70 28.67 -4.67
CA PRO A 200 0.03 29.63 -3.77
C PRO A 200 -1.39 29.14 -3.46
N GLY A 201 -1.62 28.85 -2.18
CA GLY A 201 -2.90 28.32 -1.75
C GLY A 201 -2.75 27.03 -0.97
N THR A 202 -2.40 25.95 -1.65
CA THR A 202 -2.27 24.64 -1.02
C THR A 202 -0.80 24.28 -0.84
N THR A 203 -0.56 23.08 -0.33
CA THR A 203 0.73 22.43 -0.37
C THR A 203 0.70 21.37 -1.46
N LEU A 204 1.88 21.02 -1.97
CA LEU A 204 1.93 20.12 -3.11
C LEU A 204 2.13 18.66 -2.69
N PHE A 205 3.30 18.35 -2.14
CA PHE A 205 3.61 16.97 -1.77
C PHE A 205 3.69 16.83 -0.26
N ALA A 206 2.56 17.04 0.42
CA ALA A 206 2.54 17.19 1.87
C ALA A 206 2.42 15.87 2.63
N GLY A 207 1.76 14.87 2.05
CA GLY A 207 1.40 13.67 2.78
C GLY A 207 2.48 12.60 2.80
N ARG A 208 2.47 11.82 3.89
CA ARG A 208 3.48 10.82 4.22
C ARG A 208 3.89 9.92 3.06
N ASP A 209 2.98 9.65 2.12
CA ASP A 209 3.25 8.73 1.03
C ASP A 209 3.22 9.41 -0.34
N ASP A 210 3.41 10.73 -0.38
CA ASP A 210 3.21 11.45 -1.63
C ASP A 210 4.37 11.32 -2.60
N LEU A 211 5.59 11.11 -2.10
CA LEU A 211 6.75 10.86 -2.95
C LEU A 211 7.28 9.43 -2.79
N ALA A 212 6.36 8.45 -2.76
CA ALA A 212 6.77 7.05 -2.61
C ALA A 212 7.81 6.65 -3.64
N TRP A 213 7.67 7.13 -4.88
CA TRP A 213 8.68 6.91 -5.91
C TRP A 213 10.08 7.26 -5.40
N VAL A 214 10.22 8.48 -4.89
CA VAL A 214 11.53 8.98 -4.51
C VAL A 214 12.03 8.29 -3.24
N ASP A 215 11.13 8.05 -2.28
CA ASP A 215 11.54 7.43 -1.03
C ASP A 215 12.03 6.00 -1.27
N SER A 216 11.28 5.23 -2.05
CA SER A 216 11.69 3.87 -2.37
C SER A 216 13.00 3.86 -3.16
N HIS A 217 13.18 4.83 -4.07
CA HIS A 217 14.44 4.89 -4.80
C HIS A 217 15.60 5.22 -3.88
N ILE A 218 15.40 6.12 -2.91
CA ILE A 218 16.48 6.44 -1.98
C ILE A 218 16.84 5.20 -1.17
N LYS A 219 15.85 4.40 -0.81
CA LYS A 219 16.16 3.15 -0.11
C LYS A 219 16.94 2.17 -1.00
N ALA A 220 16.60 2.07 -2.29
CA ALA A 220 17.15 0.99 -3.12
C ALA A 220 18.39 1.34 -3.95
N GLU A 221 18.74 2.62 -4.11
CA GLU A 221 19.78 2.94 -5.08
C GLU A 221 21.19 2.68 -4.56
N THR A 222 21.40 2.66 -3.25
CA THR A 222 22.72 2.28 -2.74
C THR A 222 23.02 0.82 -3.04
N MET A 223 21.99 -0.01 -3.05
CA MET A 223 22.16 -1.42 -3.37
C MET A 223 22.36 -1.60 -4.86
N HIS A 224 21.63 -0.82 -5.67
CA HIS A 224 21.84 -0.90 -7.10
C HIS A 224 23.27 -0.49 -7.49
N ALA A 225 23.78 0.59 -6.90
CA ALA A 225 25.16 1.00 -7.17
C ALA A 225 26.15 -0.07 -6.74
N ALA A 226 25.89 -0.71 -5.59
CA ALA A 226 26.77 -1.80 -5.17
C ALA A 226 26.73 -2.97 -6.15
N GLN A 227 25.54 -3.27 -6.68
CA GLN A 227 25.42 -4.37 -7.62
C GLN A 227 26.17 -4.10 -8.92
N VAL A 228 26.07 -2.87 -9.44
CA VAL A 228 26.71 -2.60 -10.72
C VAL A 228 28.21 -2.36 -10.59
N SER A 229 28.71 -2.04 -9.40
CA SER A 229 30.15 -1.81 -9.25
C SER A 229 30.88 -3.00 -8.64
N ASP A 230 30.18 -4.11 -8.36
CA ASP A 230 30.80 -5.26 -7.73
C ASP A 230 31.98 -5.77 -8.57
N GLU A 231 33.07 -6.12 -7.88
CA GLU A 231 34.27 -6.58 -8.56
C GLU A 231 34.13 -7.97 -9.18
N ASP A 232 33.19 -8.78 -8.71
CA ASP A 232 33.04 -10.15 -9.19
C ASP A 232 31.84 -10.35 -10.10
N THR A 233 30.71 -9.71 -9.80
CA THR A 233 29.50 -9.85 -10.62
C THR A 233 28.99 -8.50 -11.11
N GLY A 234 29.86 -7.49 -11.16
CA GLY A 234 29.47 -6.17 -11.59
C GLY A 234 29.59 -5.97 -13.09
N MET A 235 29.21 -4.77 -13.53
CA MET A 235 29.05 -4.51 -14.96
C MET A 235 30.37 -4.66 -15.72
N THR A 236 31.47 -4.18 -15.13
CA THR A 236 32.75 -4.27 -15.83
C THR A 236 33.23 -5.70 -15.98
N ARG A 237 32.60 -6.65 -15.29
CA ARG A 237 32.89 -8.07 -15.48
C ARG A 237 32.23 -8.65 -16.72
N LEU A 238 31.51 -7.82 -17.48
CA LEU A 238 30.98 -8.29 -18.78
C LEU A 238 32.05 -7.98 -19.83
N VAL A 239 33.16 -7.37 -19.41
CA VAL A 239 34.30 -7.08 -20.33
C VAL A 239 35.27 -8.25 -20.23
N ALA A 240 35.52 -8.94 -21.34
CA ALA A 240 36.37 -10.16 -21.27
C ALA A 240 37.63 -10.03 -22.11
N ASP A 241 37.93 -8.83 -22.60
CA ASP A 241 39.10 -8.65 -23.49
C ASP A 241 39.61 -7.22 -23.31
N ARG A 242 40.89 -6.98 -23.62
CA ARG A 242 41.50 -5.65 -23.44
C ARG A 242 40.90 -4.67 -24.45
N GLU A 243 40.61 -5.14 -25.65
CA GLU A 243 39.99 -4.27 -26.68
C GLU A 243 38.65 -3.80 -26.14
N GLN A 244 37.93 -4.71 -25.47
CA GLN A 244 36.59 -4.37 -24.93
C GLN A 244 36.76 -3.40 -23.78
N ALA A 245 37.80 -3.58 -22.97
CA ALA A 245 38.03 -2.64 -21.89
C ALA A 245 38.17 -1.21 -22.40
N GLU A 246 38.95 -1.03 -23.47
CA GLU A 246 39.14 0.32 -23.99
C GLU A 246 37.85 0.84 -24.60
N GLU A 247 37.15 -0.02 -25.36
CA GLU A 247 35.86 0.40 -25.90
C GLU A 247 34.91 0.82 -24.78
N PHE A 248 34.91 0.06 -23.68
CA PHE A 248 34.09 0.36 -22.52
C PHE A 248 34.44 1.69 -21.91
N LEU A 249 35.73 1.99 -21.79
CA LEU A 249 36.13 3.25 -21.14
C LEU A 249 35.72 4.46 -21.98
N THR A 250 35.95 4.40 -23.30
CA THR A 250 35.51 5.53 -24.12
C THR A 250 34.00 5.67 -24.13
N ALA A 251 33.27 4.54 -24.12
CA ALA A 251 31.81 4.59 -24.05
C ALA A 251 31.36 5.24 -22.76
N VAL A 252 31.95 4.85 -21.63
CA VAL A 252 31.64 5.48 -20.35
C VAL A 252 31.92 6.98 -20.42
N ARG A 253 33.02 7.36 -21.07
CA ARG A 253 33.39 8.78 -21.13
C ARG A 253 32.28 9.59 -21.83
N GLU A 254 31.95 9.19 -23.06
CA GLU A 254 30.94 9.96 -23.81
C GLU A 254 29.58 9.90 -23.13
N TYR A 255 29.21 8.73 -22.58
CA TYR A 255 27.89 8.59 -21.95
C TYR A 255 27.78 9.44 -20.69
N ALA A 256 28.82 9.42 -19.84
CA ALA A 256 28.84 10.25 -18.64
C ALA A 256 28.82 11.72 -19.00
N ALA A 257 29.50 12.10 -20.08
CA ALA A 257 29.44 13.49 -20.54
C ALA A 257 28.00 13.88 -20.89
N HIS A 258 27.33 13.03 -21.66
CA HIS A 258 25.93 13.29 -22.00
C HIS A 258 25.06 13.41 -20.75
N TRP A 259 25.27 12.54 -19.77
CA TRP A 259 24.45 12.58 -18.54
C TRP A 259 24.71 13.86 -17.75
N SER A 260 25.98 14.25 -17.61
CA SER A 260 26.30 15.50 -16.92
C SER A 260 25.65 16.69 -17.63
N ALA A 261 25.76 16.73 -18.95
CA ALA A 261 25.13 17.81 -19.70
C ALA A 261 23.63 17.85 -19.46
N ALA A 262 22.98 16.69 -19.46
CA ALA A 262 21.54 16.65 -19.23
C ALA A 262 21.17 17.17 -17.84
N LEU A 263 21.91 16.76 -16.82
CA LEU A 263 21.59 17.19 -15.45
C LEU A 263 21.89 18.67 -15.23
N GLU A 264 22.86 19.21 -15.96
CA GLU A 264 23.09 20.65 -15.89
C GLU A 264 21.84 21.43 -16.28
N THR A 265 21.04 20.90 -17.21
CA THR A 265 19.81 21.58 -17.64
C THR A 265 18.85 21.68 -16.46
N TYR A 266 18.90 20.72 -15.54
CA TYR A 266 17.96 20.71 -14.39
C TYR A 266 18.33 21.83 -13.45
N ALA A 267 19.62 22.06 -13.26
CA ALA A 267 20.09 23.16 -12.42
C ALA A 267 19.66 24.49 -13.01
N GLN A 268 19.85 24.67 -14.32
CA GLN A 268 19.39 25.90 -15.00
C GLN A 268 17.92 26.16 -14.66
N ALA A 269 17.09 25.14 -14.81
CA ALA A 269 15.64 25.30 -14.54
C ALA A 269 15.41 25.80 -13.12
N LEU A 270 16.13 25.23 -12.15
CA LEU A 270 15.95 25.62 -10.74
C LEU A 270 16.38 27.07 -10.57
N ARG A 271 17.50 27.45 -11.20
CA ARG A 271 18.03 28.82 -11.03
C ARG A 271 17.11 29.82 -11.71
N ASP A 272 16.44 29.41 -12.78
CA ASP A 272 15.63 30.38 -13.57
C ASP A 272 14.15 30.32 -13.24
N GLY A 273 13.64 29.18 -12.76
CA GLY A 273 12.21 29.08 -12.58
C GLY A 273 11.46 28.71 -13.85
N HIS A 274 12.17 28.60 -14.97
CA HIS A 274 11.66 28.15 -16.28
C HIS A 274 10.16 28.33 -16.51
N LEU B 6 -5.17 1.51 -36.32
CA LEU B 6 -4.92 0.11 -36.02
C LEU B 6 -5.77 -0.38 -34.85
N ALA B 7 -5.09 -0.99 -33.87
CA ALA B 7 -5.67 -1.62 -32.68
C ALA B 7 -6.31 -2.96 -33.03
N LEU B 8 -6.72 -3.70 -31.99
CA LEU B 8 -7.32 -5.01 -32.14
C LEU B 8 -8.50 -5.11 -31.19
N SER B 9 -9.62 -5.63 -31.68
CA SER B 9 -10.82 -5.75 -30.86
C SER B 9 -10.77 -7.06 -30.06
N ALA B 10 -11.66 -7.16 -29.08
CA ALA B 10 -11.64 -8.33 -28.22
C ALA B 10 -12.24 -9.55 -28.90
N ALA B 11 -13.06 -9.36 -29.93
CA ALA B 11 -13.45 -10.50 -30.75
C ALA B 11 -12.28 -10.94 -31.64
N GLU B 12 -11.52 -9.98 -32.17
CA GLU B 12 -10.31 -10.32 -32.92
C GLU B 12 -9.27 -10.96 -32.00
N GLN B 13 -9.20 -10.50 -30.74
CA GLN B 13 -8.31 -11.14 -29.77
C GLN B 13 -8.71 -12.58 -29.51
N GLN B 14 -10.01 -12.82 -29.27
CA GLN B 14 -10.48 -14.19 -29.07
C GLN B 14 -10.17 -15.05 -30.30
N ASP B 15 -10.44 -14.52 -31.49
CA ASP B 15 -10.16 -15.24 -32.73
C ASP B 15 -8.69 -15.61 -32.82
N LEU B 16 -7.81 -14.63 -32.66
CA LEU B 16 -6.36 -14.88 -32.73
C LEU B 16 -5.93 -15.93 -31.71
N ASP B 17 -6.34 -15.79 -30.46
CA ASP B 17 -5.95 -16.76 -29.43
C ASP B 17 -6.38 -18.17 -29.82
N ALA B 18 -7.62 -18.32 -30.28
CA ALA B 18 -8.13 -19.64 -30.64
C ALA B 18 -7.39 -20.21 -31.85
N ARG B 19 -7.10 -19.35 -32.83
CA ARG B 19 -6.37 -19.81 -34.01
C ARG B 19 -4.96 -20.23 -33.64
N VAL B 20 -4.33 -19.54 -32.69
CA VAL B 20 -3.00 -19.96 -32.21
C VAL B 20 -3.08 -21.33 -31.57
N GLY B 21 -4.05 -21.50 -30.66
CA GLY B 21 -4.27 -22.82 -30.06
C GLY B 21 -4.48 -23.91 -31.10
N LYS B 22 -5.29 -23.62 -32.13
CA LYS B 22 -5.53 -24.59 -33.19
C LYS B 22 -4.26 -24.89 -33.98
N GLU B 23 -3.40 -23.90 -34.15
CA GLU B 23 -2.15 -24.12 -34.93
C GLU B 23 -1.28 -25.12 -34.15
N ILE B 24 -1.22 -24.98 -32.83
CA ILE B 24 -0.40 -25.89 -31.98
C ILE B 24 -1.04 -27.27 -32.03
N ASP B 25 -2.38 -27.31 -31.99
CA ASP B 25 -3.10 -28.60 -32.12
C ASP B 25 -2.65 -29.31 -33.40
N ALA B 26 -2.65 -28.59 -34.52
CA ALA B 26 -2.34 -29.21 -35.83
C ALA B 26 -0.85 -29.57 -35.94
N ALA B 27 0.00 -29.00 -35.09
CA ALA B 27 1.44 -29.32 -35.12
C ALA B 27 1.70 -30.57 -34.30
N ARG B 28 0.64 -31.23 -33.86
CA ARG B 28 0.79 -32.49 -33.10
C ARG B 28 1.73 -32.24 -31.93
N LEU B 29 1.39 -31.27 -31.08
CA LEU B 29 2.25 -30.91 -29.94
C LEU B 29 1.47 -31.12 -28.65
N ARG B 30 0.28 -31.71 -28.75
CA ARG B 30 -0.57 -31.86 -27.53
C ARG B 30 -0.28 -33.22 -26.89
N ARG B 31 -0.57 -33.37 -25.59
CA ARG B 31 -0.32 -34.64 -24.87
C ARG B 31 -0.95 -35.81 -25.62
N ALA B 32 -2.19 -35.64 -26.07
CA ALA B 32 -2.86 -36.70 -26.87
C ALA B 32 -1.90 -37.22 -27.93
N ASP B 33 -1.55 -36.36 -28.88
CA ASP B 33 -0.65 -36.79 -29.99
C ASP B 33 0.79 -36.55 -29.58
N ASN B 34 1.68 -36.28 -30.54
CA ASN B 34 3.11 -35.94 -30.26
C ASN B 34 3.83 -37.23 -29.85
N ALA B 35 4.84 -37.61 -30.63
CA ALA B 35 5.56 -38.88 -30.39
C ALA B 35 6.28 -38.88 -29.05
N PHE B 36 7.08 -37.86 -28.76
CA PHE B 36 7.90 -37.88 -27.53
C PHE B 36 7.01 -38.22 -26.34
N PHE B 37 5.89 -37.51 -26.21
CA PHE B 37 5.01 -37.71 -25.03
C PHE B 37 4.57 -39.17 -24.97
N GLY B 38 4.06 -39.69 -26.07
CA GLY B 38 3.61 -41.10 -26.11
C GLY B 38 4.76 -42.06 -25.87
N GLU B 39 5.86 -41.92 -26.60
CA GLU B 39 7.01 -42.86 -26.46
C GLU B 39 7.46 -42.87 -25.01
N ALA B 40 7.44 -41.72 -24.35
CA ALA B 40 7.94 -41.64 -22.97
C ALA B 40 6.94 -42.30 -22.02
N ARG B 41 5.66 -42.29 -22.39
CA ARG B 41 4.66 -42.99 -21.55
C ARG B 41 5.14 -44.42 -21.35
N LYS B 42 5.29 -45.16 -22.45
CA LYS B 42 5.72 -46.57 -22.37
C LYS B 42 7.13 -46.63 -21.77
N ALA B 43 8.13 -46.20 -22.54
CA ALA B 43 9.54 -46.20 -22.09
C ALA B 43 9.84 -47.42 -21.21
N GLU B 44 9.64 -48.62 -21.75
CA GLU B 44 10.01 -49.84 -20.99
C GLU B 44 11.34 -49.61 -20.30
N SER B 45 12.37 -49.18 -21.05
CA SER B 45 13.68 -48.86 -20.45
C SER B 45 14.41 -47.89 -21.37
N VAL B 46 15.42 -47.20 -20.84
CA VAL B 46 16.15 -46.18 -21.64
C VAL B 46 17.65 -46.44 -21.55
N THR B 47 18.30 -46.64 -22.69
CA THR B 47 19.74 -46.78 -22.68
C THR B 47 20.38 -45.45 -22.24
N PRO B 48 21.55 -45.50 -21.61
CA PRO B 48 22.22 -44.24 -21.24
C PRO B 48 22.66 -43.42 -22.44
N GLU B 49 22.77 -44.02 -23.63
CA GLU B 49 23.12 -43.28 -24.83
C GLU B 49 21.94 -42.48 -25.36
N ALA B 50 20.76 -43.11 -25.43
CA ALA B 50 19.55 -42.38 -25.81
C ALA B 50 19.27 -41.25 -24.83
N ALA B 51 19.45 -41.53 -23.54
CA ALA B 51 19.27 -40.49 -22.51
C ALA B 51 20.25 -39.34 -22.75
N LEU B 52 21.52 -39.66 -23.02
CA LEU B 52 22.51 -38.62 -23.28
C LEU B 52 22.18 -37.83 -24.55
N ALA B 53 21.65 -38.50 -25.58
CA ALA B 53 21.30 -37.80 -26.80
C ALA B 53 20.16 -36.81 -26.54
N ILE B 54 19.12 -37.25 -25.84
CA ILE B 54 18.04 -36.33 -25.49
C ILE B 54 18.57 -35.20 -24.62
N ALA B 55 19.49 -35.52 -23.70
CA ALA B 55 20.07 -34.50 -22.83
C ALA B 55 20.81 -33.43 -23.62
N HIS B 56 21.64 -33.84 -24.58
CA HIS B 56 22.37 -32.87 -25.41
C HIS B 56 21.40 -32.03 -26.23
N ARG B 57 20.41 -32.67 -26.84
CA ARG B 57 19.45 -31.93 -27.64
C ARG B 57 18.72 -30.90 -26.79
N TRP B 58 18.28 -31.30 -25.59
CA TRP B 58 17.57 -30.38 -24.71
C TRP B 58 18.46 -29.24 -24.25
N ARG B 59 19.72 -29.54 -23.92
CA ARG B 59 20.67 -28.50 -23.58
C ARG B 59 20.70 -27.43 -24.66
N ALA B 60 20.88 -27.86 -25.91
CA ALA B 60 20.97 -26.88 -27.01
C ALA B 60 19.67 -26.11 -27.15
N MET B 61 18.53 -26.81 -27.10
CA MET B 61 17.25 -26.16 -27.37
C MET B 61 16.88 -25.17 -26.28
N THR B 62 17.15 -25.49 -25.02
CA THR B 62 16.82 -24.55 -23.95
C THR B 62 17.78 -23.37 -23.90
N LYS B 63 19.08 -23.61 -24.08
CA LYS B 63 20.01 -22.49 -24.16
C LYS B 63 19.56 -21.50 -25.23
N ALA B 64 19.24 -22.03 -26.42
CA ALA B 64 18.78 -21.17 -27.51
C ALA B 64 17.45 -20.50 -27.17
N PHE B 65 16.50 -21.25 -26.60
CA PHE B 65 15.21 -20.66 -26.22
C PHE B 65 15.41 -19.46 -25.31
N MET B 66 16.19 -19.63 -24.24
CA MET B 66 16.38 -18.56 -23.29
C MET B 66 17.05 -17.35 -23.94
N PHE B 67 18.18 -17.57 -24.62
CA PHE B 67 18.93 -16.43 -25.14
C PHE B 67 18.17 -15.71 -26.25
N THR B 68 17.57 -16.45 -27.18
CA THR B 68 16.84 -15.80 -28.26
C THR B 68 15.55 -15.16 -27.78
N THR B 69 14.94 -15.70 -26.72
CA THR B 69 13.76 -15.04 -26.14
C THR B 69 14.14 -13.73 -25.46
N LEU B 70 15.25 -13.70 -24.72
CA LEU B 70 15.73 -12.45 -24.17
C LEU B 70 16.06 -11.45 -25.27
N SER B 71 16.66 -11.94 -26.37
CA SER B 71 16.92 -11.07 -27.51
C SER B 71 15.64 -10.47 -28.07
N GLY B 72 14.60 -11.29 -28.21
CA GLY B 72 13.32 -10.78 -28.67
C GLY B 72 12.72 -9.76 -27.71
N LEU B 73 12.90 -9.99 -26.41
CA LEU B 73 12.48 -9.00 -25.40
C LEU B 73 13.18 -7.67 -25.66
N GLY B 74 14.49 -7.72 -25.90
CA GLY B 74 15.22 -6.49 -26.19
C GLY B 74 14.74 -5.82 -27.47
N VAL B 75 14.40 -6.60 -28.48
CA VAL B 75 13.85 -6.04 -29.72
C VAL B 75 12.54 -5.31 -29.43
N MET B 76 11.67 -5.95 -28.65
CA MET B 76 10.41 -5.31 -28.29
C MET B 76 10.66 -4.01 -27.51
N ALA B 77 11.62 -4.03 -26.58
CA ALA B 77 11.96 -2.82 -25.84
C ALA B 77 12.42 -1.70 -26.77
N ARG B 78 13.26 -2.06 -27.75
CA ARG B 78 13.76 -1.06 -28.68
C ARG B 78 12.60 -0.46 -29.48
N ARG B 79 11.67 -1.30 -29.91
CA ARG B 79 10.47 -0.79 -30.58
C ARG B 79 9.68 0.13 -29.66
N PHE B 80 9.52 -0.26 -28.39
CA PHE B 80 8.77 0.53 -27.42
C PHE B 80 9.38 1.92 -27.24
N GLN B 81 10.71 2.00 -27.16
CA GLN B 81 11.34 3.31 -27.01
C GLN B 81 11.03 4.22 -28.20
N GLY B 82 10.81 3.64 -29.39
CA GLY B 82 10.40 4.42 -30.54
C GLY B 82 9.08 5.14 -30.37
N GLN B 83 8.21 4.64 -29.50
CA GLN B 83 6.90 5.27 -29.29
C GLN B 83 6.99 6.25 -28.13
N ASP B 84 6.17 7.30 -28.20
CA ASP B 84 6.25 8.35 -27.19
C ASP B 84 5.60 7.92 -25.89
N ALA B 85 4.48 7.18 -25.97
CA ALA B 85 3.81 6.64 -24.79
C ALA B 85 3.26 5.26 -25.12
N PRO B 86 4.08 4.22 -25.00
CA PRO B 86 3.61 2.86 -25.28
C PRO B 86 2.33 2.52 -24.52
N ASP B 87 1.45 1.76 -25.19
CA ASP B 87 0.18 1.38 -24.60
C ASP B 87 0.37 0.48 -23.38
N HIS B 88 -0.35 0.79 -22.30
CA HIS B 88 -0.17 0.10 -21.03
C HIS B 88 -0.52 -1.39 -21.11
N GLU B 89 -1.47 -1.77 -21.97
CA GLU B 89 -1.80 -3.19 -22.09
C GLU B 89 -0.65 -3.97 -22.72
N LEU B 90 -0.03 -3.39 -23.75
CA LEU B 90 1.17 -3.97 -24.33
C LEU B 90 2.28 -4.03 -23.30
N LEU B 91 2.37 -3.01 -22.44
CA LEU B 91 3.41 -2.99 -21.40
C LEU B 91 3.18 -4.08 -20.37
N ALA B 92 1.92 -4.37 -20.03
CA ALA B 92 1.63 -5.47 -19.11
C ALA B 92 2.04 -6.81 -19.71
N ALA B 93 1.71 -7.03 -20.99
CA ALA B 93 2.13 -8.28 -21.62
C ALA B 93 3.65 -8.37 -21.68
N PHE B 94 4.31 -7.24 -21.93
CA PHE B 94 5.77 -7.16 -21.91
C PHE B 94 6.32 -7.55 -20.54
N GLN B 95 5.71 -7.05 -19.47
CA GLN B 95 6.11 -7.44 -18.12
C GLN B 95 5.99 -8.95 -17.92
N THR B 96 4.93 -9.54 -18.47
CA THR B 96 4.78 -11.00 -18.38
C THR B 96 5.91 -11.72 -19.09
N VAL B 97 6.25 -11.27 -20.30
CA VAL B 97 7.41 -11.82 -21.03
C VAL B 97 8.64 -11.82 -20.13
N TYR B 98 8.90 -10.66 -19.52
CA TYR B 98 10.10 -10.49 -18.70
C TYR B 98 10.11 -11.48 -17.54
N GLN B 99 8.99 -11.60 -16.82
CA GLN B 99 8.93 -12.50 -15.67
C GLN B 99 9.18 -13.94 -16.08
N VAL B 100 8.47 -14.39 -17.12
CA VAL B 100 8.54 -15.80 -17.51
C VAL B 100 9.97 -16.17 -17.90
N ILE B 101 10.60 -15.38 -18.78
CA ILE B 101 11.96 -15.75 -19.16
C ILE B 101 12.95 -15.53 -18.00
N GLY B 102 12.62 -14.65 -17.06
CA GLY B 102 13.44 -14.51 -15.89
C GLY B 102 13.45 -15.73 -15.03
N ASP B 103 12.42 -16.58 -15.14
CA ASP B 103 12.53 -17.86 -14.44
C ASP B 103 13.71 -18.68 -14.95
N ASP B 104 13.90 -18.71 -16.27
CA ASP B 104 15.07 -19.40 -16.82
C ASP B 104 16.38 -18.72 -16.46
N LEU B 105 16.37 -17.40 -16.35
CA LEU B 105 17.64 -16.72 -16.09
C LEU B 105 18.02 -16.62 -14.61
N ASP B 106 17.04 -16.55 -13.71
CA ASP B 106 17.31 -16.21 -12.32
C ASP B 106 16.41 -16.90 -11.31
N ASN B 107 15.52 -17.80 -11.70
CA ASN B 107 14.75 -18.63 -10.77
C ASN B 107 13.89 -17.77 -9.83
N ALA B 108 13.14 -16.84 -10.40
CA ALA B 108 12.28 -15.98 -9.60
C ALA B 108 11.12 -16.75 -8.99
N ALA B 109 10.49 -17.62 -9.78
CA ALA B 109 9.30 -18.34 -9.32
C ALA B 109 9.62 -19.15 -8.07
N PRO B 110 8.63 -19.33 -7.18
CA PRO B 110 8.91 -20.04 -5.91
C PRO B 110 9.43 -21.46 -6.10
N ALA B 111 8.83 -22.22 -7.03
CA ALA B 111 9.24 -23.59 -7.27
C ALA B 111 10.73 -23.66 -7.62
N PHE B 112 11.24 -22.65 -8.31
CA PHE B 112 12.65 -22.63 -8.69
C PHE B 112 13.49 -22.04 -7.57
N ARG B 113 12.98 -21.00 -6.90
CA ARG B 113 13.76 -20.38 -5.83
C ARG B 113 14.06 -21.37 -4.71
N GLU B 114 13.19 -22.35 -4.51
CA GLU B 114 13.39 -23.28 -3.40
C GLU B 114 14.55 -24.24 -3.66
N VAL B 115 14.67 -24.75 -4.88
CA VAL B 115 15.58 -25.87 -5.16
C VAL B 115 16.73 -25.49 -6.08
N ALA B 116 16.63 -24.38 -6.82
CA ALA B 116 17.64 -24.15 -7.84
C ALA B 116 18.93 -23.61 -7.23
N PRO B 117 20.08 -23.97 -7.79
CA PRO B 117 21.36 -23.40 -7.33
C PRO B 117 21.37 -21.88 -7.51
N ARG B 118 22.13 -21.23 -6.64
CA ARG B 118 22.31 -19.78 -6.75
C ARG B 118 23.27 -19.48 -7.90
N GLY B 119 23.12 -18.28 -8.46
CA GLY B 119 24.02 -17.78 -9.47
C GLY B 119 23.92 -18.50 -10.81
N PRO B 120 25.00 -18.44 -11.59
CA PRO B 120 24.98 -19.03 -12.94
C PRO B 120 24.64 -20.51 -12.97
N ALA B 121 25.01 -21.26 -11.93
CA ALA B 121 24.69 -22.69 -11.88
C ALA B 121 23.19 -22.93 -11.89
N GLY B 122 22.38 -21.90 -11.58
CA GLY B 122 20.95 -22.03 -11.60
C GLY B 122 20.30 -21.67 -12.91
N ILE B 123 21.04 -21.06 -13.83
CA ILE B 123 20.54 -20.88 -15.19
C ILE B 123 20.18 -22.25 -15.75
N HIS B 124 18.99 -22.34 -16.35
CA HIS B 124 18.34 -23.65 -16.48
C HIS B 124 19.08 -24.57 -17.43
N TYR B 125 19.65 -24.05 -18.51
CA TYR B 125 20.44 -24.94 -19.37
C TYR B 125 21.72 -25.37 -18.66
N VAL B 126 22.29 -24.51 -17.82
CA VAL B 126 23.47 -24.87 -17.04
C VAL B 126 23.09 -25.87 -15.94
N TRP B 127 21.98 -25.60 -15.26
CA TRP B 127 21.45 -26.53 -14.25
C TRP B 127 21.22 -27.91 -14.86
N TRP B 128 20.66 -27.95 -16.07
CA TRP B 128 20.42 -29.21 -16.77
C TRP B 128 21.74 -29.89 -17.16
N GLU B 129 22.72 -29.11 -17.63
CA GLU B 129 24.05 -29.63 -17.87
C GLU B 129 24.58 -30.35 -16.63
N ASP B 130 24.50 -29.69 -15.48
CA ASP B 130 25.19 -30.16 -14.29
C ASP B 130 24.49 -31.37 -13.66
N THR B 131 23.15 -31.39 -13.70
CA THR B 131 22.41 -32.39 -12.95
C THR B 131 21.79 -33.50 -13.80
N VAL B 132 21.76 -33.33 -15.13
CA VAL B 132 21.10 -34.37 -15.95
C VAL B 132 22.11 -34.91 -16.97
N LEU B 133 22.62 -34.06 -17.85
CA LEU B 133 23.54 -34.50 -18.93
C LEU B 133 24.78 -35.17 -18.34
N LYS B 134 25.64 -34.40 -17.67
CA LYS B 134 26.91 -34.96 -17.13
C LYS B 134 26.66 -36.26 -16.35
N PRO B 135 25.76 -36.31 -15.35
CA PRO B 135 25.48 -37.57 -14.67
C PRO B 135 25.28 -38.75 -15.62
N VAL B 136 24.48 -38.56 -16.67
CA VAL B 136 24.23 -39.64 -17.67
C VAL B 136 25.52 -39.86 -18.46
N ALA B 137 26.18 -38.80 -18.88
CA ALA B 137 27.37 -38.97 -19.70
C ALA B 137 28.45 -39.75 -18.98
N ALA B 138 28.44 -39.73 -17.64
CA ALA B 138 29.40 -40.54 -16.90
C ALA B 138 29.23 -42.04 -17.17
N HIS B 139 28.04 -42.47 -17.61
CA HIS B 139 27.76 -43.87 -17.88
C HIS B 139 27.71 -44.20 -19.37
N VAL B 140 28.40 -43.41 -20.20
CA VAL B 140 28.45 -43.62 -21.65
C VAL B 140 29.90 -43.57 -22.09
N ALA B 141 30.29 -44.52 -22.94
CA ALA B 141 31.67 -44.56 -23.41
C ALA B 141 31.97 -43.38 -24.31
N GLU B 142 33.25 -42.97 -24.32
CA GLU B 142 33.64 -41.73 -24.99
C GLU B 142 33.23 -41.72 -26.46
N GLU B 143 33.40 -42.87 -27.13
CA GLU B 143 33.03 -42.95 -28.55
C GLU B 143 31.54 -42.72 -28.72
N ASP B 144 30.73 -43.24 -27.81
CA ASP B 144 29.30 -43.02 -27.86
C ASP B 144 28.93 -41.63 -27.37
N ARG B 145 29.75 -41.03 -26.50
CA ARG B 145 29.49 -39.67 -26.05
C ARG B 145 29.61 -38.69 -27.21
N GLN B 146 30.72 -38.75 -27.96
CA GLN B 146 30.85 -37.89 -29.12
C GLN B 146 29.68 -38.06 -30.08
N SER B 147 29.16 -39.28 -30.19
CA SER B 147 28.03 -39.56 -31.08
C SER B 147 26.75 -38.94 -30.56
N ALA B 148 26.51 -39.03 -29.25
CA ALA B 148 25.27 -38.53 -28.67
C ALA B 148 25.15 -37.01 -28.77
N ALA B 149 26.27 -36.29 -28.89
CA ALA B 149 26.25 -34.85 -28.95
C ALA B 149 25.86 -34.32 -30.33
N VAL B 150 25.87 -35.15 -31.36
CA VAL B 150 25.56 -34.70 -32.70
C VAL B 150 24.07 -34.47 -32.83
N LEU B 151 23.68 -33.25 -33.21
CA LEU B 151 22.26 -32.87 -33.20
C LEU B 151 21.60 -33.27 -34.51
N PRO B 152 20.41 -33.87 -34.45
CA PRO B 152 19.68 -34.15 -35.69
C PRO B 152 19.39 -32.88 -36.47
N ARG B 153 19.06 -33.05 -37.75
CA ARG B 153 18.75 -31.91 -38.59
C ARG B 153 17.51 -31.16 -38.10
N ALA B 154 16.53 -31.87 -37.55
CA ALA B 154 15.32 -31.21 -37.04
C ALA B 154 15.63 -30.32 -35.84
N VAL B 155 16.53 -30.77 -34.98
CA VAL B 155 16.90 -29.96 -33.80
C VAL B 155 17.60 -28.68 -34.25
N THR B 156 18.57 -28.81 -35.16
CA THR B 156 19.25 -27.63 -35.69
C THR B 156 18.28 -26.73 -36.45
N GLY B 157 17.25 -27.29 -37.08
CA GLY B 157 16.25 -26.46 -37.71
C GLY B 157 15.48 -25.62 -36.71
N LEU B 158 15.11 -26.22 -35.58
CA LEU B 158 14.48 -25.44 -34.51
C LEU B 158 15.43 -24.36 -34.00
N LEU B 159 16.72 -24.69 -33.84
CA LEU B 159 17.69 -23.69 -33.39
C LEU B 159 17.78 -22.52 -34.37
N ASP B 160 17.76 -22.80 -35.67
CA ASP B 160 17.80 -21.73 -36.66
C ASP B 160 16.53 -20.90 -36.63
N SER B 161 15.38 -21.56 -36.41
CA SER B 161 14.14 -20.81 -36.23
C SER B 161 14.25 -19.84 -35.06
N MET B 162 14.85 -20.30 -33.96
CA MET B 162 15.05 -19.43 -32.81
C MET B 162 15.98 -18.26 -33.15
N ASP B 163 17.05 -18.54 -33.90
CA ASP B 163 17.94 -17.47 -34.32
C ASP B 163 17.23 -16.44 -35.19
N ARG B 164 16.27 -16.89 -36.02
CA ARG B 164 15.48 -15.94 -36.81
C ARG B 164 14.55 -15.12 -35.91
N LEU B 165 13.82 -15.80 -35.02
CA LEU B 165 12.88 -15.13 -34.13
C LEU B 165 13.56 -14.20 -33.13
N ALA B 166 14.86 -14.38 -32.89
CA ALA B 166 15.59 -13.54 -31.94
C ALA B 166 15.54 -12.06 -32.33
N THR B 167 15.32 -11.74 -33.61
CA THR B 167 15.29 -10.36 -34.06
C THR B 167 13.91 -9.95 -34.58
N HIS B 168 12.91 -10.80 -34.44
CA HIS B 168 11.54 -10.54 -34.87
C HIS B 168 10.81 -9.71 -33.81
N PRO B 169 10.10 -8.66 -34.21
CA PRO B 169 9.42 -7.81 -33.21
C PRO B 169 8.37 -8.53 -32.38
N LEU B 170 7.90 -9.70 -32.81
CA LEU B 170 6.99 -10.52 -32.03
C LEU B 170 7.59 -11.86 -31.65
N GLY B 171 8.90 -12.05 -31.87
CA GLY B 171 9.50 -13.37 -31.73
C GLY B 171 9.42 -13.92 -30.32
N ALA B 172 9.72 -13.09 -29.32
CA ALA B 172 9.66 -13.56 -27.93
C ALA B 172 8.24 -13.99 -27.55
N ALA B 173 7.23 -13.23 -28.00
CA ALA B 173 5.85 -13.60 -27.72
C ALA B 173 5.49 -14.91 -28.38
N VAL B 174 5.92 -15.11 -29.63
CA VAL B 174 5.64 -16.37 -30.33
C VAL B 174 6.28 -17.54 -29.58
N GLN B 175 7.56 -17.40 -29.25
CA GLN B 175 8.28 -18.50 -28.60
C GLN B 175 7.66 -18.83 -27.25
N LEU B 176 7.33 -17.82 -26.45
CA LEU B 176 6.74 -18.11 -25.15
C LEU B 176 5.36 -18.72 -25.32
N ARG B 177 4.55 -18.18 -26.23
CA ARG B 177 3.20 -18.67 -26.47
C ARG B 177 3.20 -20.15 -26.82
N VAL B 178 4.17 -20.59 -27.61
CA VAL B 178 4.21 -22.01 -27.96
C VAL B 178 4.86 -22.83 -26.84
N VAL B 179 6.04 -22.41 -26.37
CA VAL B 179 6.85 -23.24 -25.47
C VAL B 179 6.13 -23.47 -24.15
N GLU B 180 5.55 -22.41 -23.55
CA GLU B 180 4.93 -22.59 -22.25
C GLU B 180 3.69 -23.47 -22.32
N ASP B 181 3.09 -23.62 -23.50
CA ASP B 181 1.94 -24.51 -23.65
C ASP B 181 2.34 -25.97 -23.53
N ILE B 182 3.54 -26.33 -23.99
CA ILE B 182 4.02 -27.70 -24.04
C ILE B 182 5.07 -28.00 -22.99
N ALA B 183 5.45 -27.01 -22.17
CA ALA B 183 6.58 -27.18 -21.25
C ALA B 183 6.30 -28.26 -20.21
N LEU B 184 5.07 -28.32 -19.70
CA LEU B 184 4.76 -29.30 -18.66
C LEU B 184 4.86 -30.72 -19.20
N ASP B 185 4.29 -30.96 -20.37
CA ASP B 185 4.38 -32.28 -20.99
C ASP B 185 5.83 -32.66 -21.27
N ILE B 186 6.65 -31.70 -21.72
CA ILE B 186 8.06 -32.01 -21.93
C ILE B 186 8.70 -32.42 -20.60
N ALA B 187 8.42 -31.69 -19.53
CA ALA B 187 9.00 -32.02 -18.23
C ALA B 187 8.50 -33.36 -17.71
N VAL B 188 7.24 -33.69 -17.98
CA VAL B 188 6.68 -34.97 -17.58
C VAL B 188 7.36 -36.12 -18.32
N GLY B 189 7.51 -35.96 -19.63
CA GLY B 189 8.28 -36.92 -20.41
C GLY B 189 9.69 -37.09 -19.88
N PHE B 190 10.30 -35.99 -19.42
CA PHE B 190 11.64 -36.09 -18.86
C PHE B 190 11.62 -36.88 -17.56
N ARG B 191 10.66 -36.62 -16.67
CA ARG B 191 10.58 -37.35 -15.42
C ARG B 191 10.47 -38.84 -15.71
N ARG B 192 9.57 -39.18 -16.65
CA ARG B 192 9.36 -40.58 -17.01
C ARG B 192 10.63 -41.22 -17.58
N LEU B 193 11.21 -40.63 -18.62
CA LEU B 193 12.30 -41.32 -19.31
C LEU B 193 13.57 -41.35 -18.44
N TYR B 194 13.87 -40.25 -17.74
CA TYR B 194 15.10 -40.23 -16.96
C TYR B 194 14.98 -40.96 -15.63
N ALA B 195 13.77 -41.38 -15.23
CA ALA B 195 13.69 -42.29 -14.10
C ALA B 195 13.99 -43.73 -14.49
N LYS B 196 13.82 -44.10 -15.76
CA LYS B 196 13.93 -45.47 -16.23
C LYS B 196 15.21 -45.74 -17.04
N VAL B 197 16.35 -45.19 -16.62
CA VAL B 197 17.59 -45.37 -17.37
C VAL B 197 18.29 -46.62 -16.86
N GLU B 198 18.43 -47.61 -17.73
CA GLU B 198 18.95 -48.93 -17.36
C GLU B 198 20.47 -48.91 -17.38
N VAL B 199 21.08 -48.90 -16.21
CA VAL B 199 22.53 -49.02 -16.06
C VAL B 199 22.79 -50.16 -15.08
N PRO B 200 23.67 -51.11 -15.40
CA PRO B 200 23.82 -52.29 -14.53
C PRO B 200 24.49 -51.94 -13.21
N GLY B 201 24.02 -52.58 -12.15
CA GLY B 201 24.55 -52.37 -10.81
C GLY B 201 23.89 -51.23 -10.08
N THR B 202 24.33 -50.01 -10.37
CA THR B 202 23.80 -48.83 -9.71
C THR B 202 22.51 -48.36 -10.39
N THR B 203 21.76 -47.52 -9.66
CA THR B 203 20.54 -46.92 -10.17
C THR B 203 20.80 -45.46 -10.44
N LEU B 204 20.52 -45.02 -11.67
CA LEU B 204 20.91 -43.70 -12.16
C LEU B 204 20.44 -42.48 -11.38
N PHE B 205 19.13 -42.27 -11.33
CA PHE B 205 18.60 -41.06 -10.71
C PHE B 205 17.71 -41.38 -9.52
N ALA B 206 18.30 -41.96 -8.47
CA ALA B 206 17.55 -42.51 -7.35
C ALA B 206 17.27 -41.50 -6.24
N GLY B 207 18.24 -40.62 -5.94
CA GLY B 207 18.10 -39.72 -4.81
C GLY B 207 16.86 -38.85 -4.90
N ARG B 208 16.39 -38.43 -3.72
CA ARG B 208 15.15 -37.66 -3.64
C ARG B 208 15.25 -36.32 -4.36
N ASP B 209 16.43 -35.71 -4.38
CA ASP B 209 16.64 -34.41 -4.99
C ASP B 209 17.33 -34.50 -6.35
N ASP B 210 17.48 -35.71 -6.89
CA ASP B 210 18.33 -35.88 -8.07
C ASP B 210 17.76 -35.19 -9.29
N LEU B 211 16.43 -35.15 -9.43
CA LEU B 211 15.80 -34.50 -10.58
C LEU B 211 15.07 -33.23 -10.16
N ALA B 212 15.70 -32.46 -9.28
CA ALA B 212 15.10 -31.21 -8.81
C ALA B 212 14.72 -30.31 -9.98
N TRP B 213 15.56 -30.27 -11.01
CA TRP B 213 15.25 -29.53 -12.23
C TRP B 213 13.86 -29.91 -12.75
N VAL B 214 13.64 -31.21 -12.95
CA VAL B 214 12.40 -31.67 -13.57
C VAL B 214 11.23 -31.51 -12.62
N ASP B 215 11.43 -31.80 -11.33
CA ASP B 215 10.35 -31.67 -10.36
C ASP B 215 9.91 -30.22 -10.23
N SER B 216 10.87 -29.29 -10.13
CA SER B 216 10.53 -27.87 -10.05
C SER B 216 9.82 -27.41 -11.31
N HIS B 217 10.22 -27.92 -12.47
CA HIS B 217 9.51 -27.56 -13.69
C HIS B 217 8.08 -28.10 -13.66
N ILE B 218 7.89 -29.33 -13.17
CA ILE B 218 6.54 -29.88 -13.05
C ILE B 218 5.72 -29.04 -12.07
N LYS B 219 6.38 -28.52 -11.04
CA LYS B 219 5.72 -27.65 -10.07
C LYS B 219 5.21 -26.38 -10.73
N ALA B 220 6.08 -25.69 -11.47
CA ALA B 220 5.86 -24.31 -11.91
C ALA B 220 5.31 -24.17 -13.33
N GLU B 221 5.28 -25.22 -14.13
CA GLU B 221 4.94 -25.03 -15.53
C GLU B 221 3.45 -24.84 -15.73
N THR B 222 2.62 -25.27 -14.78
CA THR B 222 1.19 -24.98 -14.88
C THR B 222 0.94 -23.48 -14.75
N MET B 223 1.74 -22.81 -13.92
CA MET B 223 1.60 -21.37 -13.76
C MET B 223 2.24 -20.64 -14.93
N HIS B 224 3.33 -21.19 -15.46
CA HIS B 224 3.99 -20.57 -16.65
C HIS B 224 2.99 -20.57 -17.81
N ALA B 225 2.38 -21.72 -18.07
CA ALA B 225 1.39 -21.83 -19.12
C ALA B 225 0.20 -20.92 -18.86
N ALA B 226 -0.19 -20.77 -17.59
CA ALA B 226 -1.26 -19.82 -17.26
C ALA B 226 -0.84 -18.39 -17.59
N GLN B 227 0.43 -18.07 -17.36
CA GLN B 227 0.90 -16.72 -17.61
C GLN B 227 0.88 -16.34 -19.09
N VAL B 228 1.33 -17.25 -19.97
CA VAL B 228 1.47 -16.77 -21.35
C VAL B 228 0.20 -16.71 -22.16
N SER B 229 -0.83 -17.45 -21.78
CA SER B 229 -2.06 -17.47 -22.56
C SER B 229 -3.21 -16.76 -21.88
N ASP B 230 -2.92 -15.84 -20.94
CA ASP B 230 -3.94 -15.01 -20.29
C ASP B 230 -4.70 -14.25 -21.34
N GLU B 231 -6.00 -14.08 -21.15
CA GLU B 231 -6.71 -13.23 -22.09
C GLU B 231 -6.35 -11.76 -21.93
N ASP B 232 -5.80 -11.34 -20.78
CA ASP B 232 -5.53 -9.92 -20.51
C ASP B 232 -4.07 -9.52 -20.56
N THR B 233 -3.17 -10.37 -20.03
CA THR B 233 -1.74 -10.04 -20.02
C THR B 233 -0.91 -11.14 -20.67
N GLY B 234 -1.51 -11.95 -21.54
CA GLY B 234 -0.81 -13.04 -22.19
C GLY B 234 -0.10 -12.60 -23.45
N MET B 235 0.59 -13.57 -24.06
CA MET B 235 1.50 -13.26 -25.16
C MET B 235 0.77 -12.60 -26.33
N THR B 236 -0.43 -13.09 -26.64
CA THR B 236 -1.19 -12.57 -27.76
C THR B 236 -1.70 -11.15 -27.52
N ARG B 237 -1.62 -10.66 -26.29
CA ARG B 237 -1.94 -9.27 -26.02
C ARG B 237 -0.82 -8.33 -26.42
N LEU B 238 0.31 -8.88 -26.89
CA LEU B 238 1.34 -8.07 -27.51
C LEU B 238 1.08 -7.83 -28.99
N VAL B 239 0.07 -8.48 -29.55
CA VAL B 239 -0.35 -8.22 -30.93
C VAL B 239 -1.19 -6.95 -30.96
N ALA B 240 -0.69 -5.92 -31.63
CA ALA B 240 -1.33 -4.61 -31.63
C ALA B 240 -2.09 -4.33 -32.92
N ASP B 241 -2.17 -5.30 -33.83
CA ASP B 241 -2.55 -5.07 -35.21
C ASP B 241 -3.41 -6.22 -35.69
N ARG B 242 -4.12 -6.02 -36.80
CA ARG B 242 -4.62 -7.15 -37.57
C ARG B 242 -3.49 -7.78 -38.39
N GLU B 243 -2.60 -6.93 -38.91
CA GLU B 243 -1.49 -7.41 -39.75
C GLU B 243 -0.53 -8.24 -38.90
N GLN B 244 -0.24 -7.76 -37.70
CA GLN B 244 0.66 -8.50 -36.78
C GLN B 244 0.00 -9.84 -36.45
N ALA B 245 -1.31 -9.83 -36.28
CA ALA B 245 -2.04 -11.08 -35.95
C ALA B 245 -1.74 -12.12 -37.03
N GLU B 246 -1.69 -11.69 -38.28
CA GLU B 246 -1.34 -12.63 -39.37
C GLU B 246 0.09 -13.12 -39.15
N GLU B 247 1.04 -12.19 -39.10
CA GLU B 247 2.46 -12.58 -38.88
C GLU B 247 2.53 -13.48 -37.66
N PHE B 248 1.95 -13.04 -36.54
CA PHE B 248 2.05 -13.87 -35.34
C PHE B 248 1.57 -15.28 -35.62
N LEU B 249 0.44 -15.43 -36.33
CA LEU B 249 -0.06 -16.78 -36.57
C LEU B 249 0.85 -17.59 -37.50
N THR B 250 1.35 -16.93 -38.55
CA THR B 250 2.20 -17.64 -39.54
C THR B 250 3.49 -18.12 -38.87
N ALA B 251 4.01 -17.32 -37.92
CA ALA B 251 5.23 -17.71 -37.18
C ALA B 251 4.92 -18.90 -36.28
N VAL B 252 3.84 -18.80 -35.51
CA VAL B 252 3.43 -19.93 -34.62
C VAL B 252 3.47 -21.21 -35.44
N ARG B 253 2.92 -21.18 -36.65
CA ARG B 253 2.87 -22.41 -37.50
C ARG B 253 4.29 -22.93 -37.73
N GLU B 254 5.18 -22.08 -38.23
CA GLU B 254 6.55 -22.54 -38.57
C GLU B 254 7.28 -22.95 -37.29
N TYR B 255 7.09 -22.20 -36.20
CA TYR B 255 7.82 -22.50 -34.95
C TYR B 255 7.30 -23.81 -34.39
N ALA B 256 5.97 -23.91 -34.27
CA ALA B 256 5.40 -25.15 -33.75
C ALA B 256 5.84 -26.35 -34.56
N ALA B 257 5.95 -26.18 -35.89
CA ALA B 257 6.44 -27.27 -36.74
C ALA B 257 7.89 -27.63 -36.40
N HIS B 258 8.75 -26.61 -36.25
CA HIS B 258 10.13 -26.89 -35.85
C HIS B 258 10.16 -27.65 -34.54
N TRP B 259 9.31 -27.24 -33.59
CA TRP B 259 9.28 -27.88 -32.28
C TRP B 259 8.83 -29.34 -32.38
N SER B 260 7.80 -29.60 -33.17
CA SER B 260 7.32 -30.97 -33.35
C SER B 260 8.41 -31.86 -33.93
N ALA B 261 9.09 -31.39 -34.98
CA ALA B 261 10.16 -32.21 -35.56
C ALA B 261 11.26 -32.49 -34.54
N ALA B 262 11.67 -31.46 -33.79
CA ALA B 262 12.73 -31.67 -32.81
C ALA B 262 12.33 -32.70 -31.76
N LEU B 263 11.08 -32.64 -31.28
CA LEU B 263 10.64 -33.60 -30.27
C LEU B 263 10.44 -35.00 -30.86
N GLU B 264 10.08 -35.08 -32.14
CA GLU B 264 10.04 -36.38 -32.80
C GLU B 264 11.40 -37.04 -32.75
N THR B 265 12.48 -36.25 -32.87
CA THR B 265 13.79 -36.87 -32.75
C THR B 265 14.03 -37.43 -31.34
N TYR B 266 13.37 -36.87 -30.33
CA TYR B 266 13.43 -37.46 -28.99
C TYR B 266 12.76 -38.83 -28.97
N ALA B 267 11.58 -38.91 -29.59
CA ALA B 267 10.90 -40.20 -29.69
C ALA B 267 11.77 -41.23 -30.40
N GLN B 268 12.36 -40.83 -31.53
CA GLN B 268 13.26 -41.71 -32.27
C GLN B 268 14.42 -42.20 -31.40
N ALA B 269 15.03 -41.28 -30.65
CA ALA B 269 16.14 -41.67 -29.79
C ALA B 269 15.68 -42.68 -28.74
N LEU B 270 14.47 -42.51 -28.22
CA LEU B 270 13.95 -43.50 -27.27
C LEU B 270 13.74 -44.86 -27.93
N ARG B 271 13.31 -44.87 -29.19
CA ARG B 271 13.06 -46.14 -29.87
C ARG B 271 14.35 -46.86 -30.23
N ASP B 272 15.41 -46.13 -30.56
CA ASP B 272 16.62 -46.79 -31.03
C ASP B 272 17.53 -47.21 -29.89
N GLY B 273 17.57 -46.43 -28.82
CA GLY B 273 18.72 -46.47 -27.94
C GLY B 273 19.89 -45.71 -28.52
N HIS B 274 19.61 -44.69 -29.35
CA HIS B 274 20.61 -43.87 -30.01
C HIS B 274 21.67 -43.35 -29.06
N LEU C 8 -34.54 13.07 21.52
CA LEU C 8 -35.00 12.58 22.81
C LEU C 8 -34.12 11.46 23.36
N SER C 9 -32.83 11.76 23.53
CA SER C 9 -31.88 10.85 24.15
C SER C 9 -30.78 11.73 24.74
N ALA C 10 -30.14 11.24 25.81
CA ALA C 10 -29.17 12.08 26.52
C ALA C 10 -28.02 11.25 27.06
N ALA C 11 -27.98 11.06 28.38
CA ALA C 11 -27.13 10.05 28.97
C ALA C 11 -27.60 8.65 28.60
N GLU C 12 -28.86 8.55 28.16
CA GLU C 12 -29.39 7.29 27.65
C GLU C 12 -28.59 6.81 26.45
N GLN C 13 -27.98 7.74 25.71
CA GLN C 13 -27.10 7.34 24.62
C GLN C 13 -25.96 6.46 25.13
N GLN C 14 -25.30 6.88 26.21
CA GLN C 14 -24.24 6.07 26.80
C GLN C 14 -24.78 4.71 27.23
N ASP C 15 -25.94 4.72 27.87
CA ASP C 15 -26.54 3.45 28.37
C ASP C 15 -26.87 2.51 27.20
N LEU C 16 -27.53 3.01 26.16
CA LEU C 16 -27.91 2.17 25.00
C LEU C 16 -26.65 1.61 24.36
N ASP C 17 -25.72 2.50 23.99
CA ASP C 17 -24.47 2.06 23.37
C ASP C 17 -23.89 0.90 24.18
N ALA C 18 -23.94 1.01 25.50
CA ALA C 18 -23.32 -0.03 26.37
C ALA C 18 -24.11 -1.33 26.27
N ARG C 19 -25.43 -1.26 26.35
CA ARG C 19 -26.24 -2.51 26.36
C ARG C 19 -26.12 -3.21 25.01
N VAL C 20 -25.97 -2.45 23.93
CA VAL C 20 -25.76 -3.08 22.59
C VAL C 20 -24.48 -3.89 22.68
N GLY C 21 -23.41 -3.27 23.20
CA GLY C 21 -22.15 -4.00 23.38
C GLY C 21 -22.40 -5.28 24.15
N LYS C 22 -23.11 -5.19 25.27
CA LYS C 22 -23.45 -6.39 26.08
C LYS C 22 -24.24 -7.36 25.20
N GLU C 23 -25.11 -6.85 24.34
CA GLU C 23 -25.81 -7.76 23.46
C GLU C 23 -24.84 -8.52 22.56
N ILE C 24 -23.91 -7.80 21.95
CA ILE C 24 -22.95 -8.49 21.09
C ILE C 24 -22.05 -9.40 21.93
N ASP C 25 -21.76 -9.01 23.17
CA ASP C 25 -21.06 -9.90 24.09
C ASP C 25 -21.79 -11.24 24.24
N ALA C 26 -23.06 -11.19 24.66
CA ALA C 26 -23.83 -12.39 24.96
C ALA C 26 -23.95 -13.33 23.77
N ALA C 27 -23.97 -12.80 22.54
CA ALA C 27 -24.10 -13.68 21.39
C ALA C 27 -22.84 -14.48 21.09
N ARG C 28 -21.82 -14.38 21.95
CA ARG C 28 -20.53 -15.05 21.76
C ARG C 28 -19.94 -14.72 20.39
N LEU C 29 -19.76 -13.41 20.14
CA LEU C 29 -19.24 -12.96 18.86
C LEU C 29 -17.87 -12.26 18.92
N ARG C 30 -17.28 -12.07 20.09
CA ARG C 30 -15.99 -11.41 20.09
C ARG C 30 -14.93 -12.43 19.73
N ARG C 31 -13.72 -11.93 19.54
CA ARG C 31 -12.52 -12.73 19.35
C ARG C 31 -12.46 -13.94 20.26
N ALA C 32 -12.73 -13.75 21.55
CA ALA C 32 -12.42 -14.75 22.56
C ALA C 32 -13.51 -15.78 22.78
N ASP C 33 -14.76 -15.51 22.35
CA ASP C 33 -15.88 -16.36 22.72
C ASP C 33 -16.59 -17.01 21.53
N ASN C 34 -16.09 -16.86 20.31
CA ASN C 34 -16.78 -17.36 19.13
C ASN C 34 -16.08 -18.59 18.56
N ALA C 35 -16.90 -19.55 18.12
CA ALA C 35 -16.41 -20.84 17.65
C ALA C 35 -15.58 -20.73 16.37
N PHE C 36 -16.06 -19.95 15.39
CA PHE C 36 -15.38 -19.91 14.09
C PHE C 36 -13.99 -19.29 14.18
N PHE C 37 -13.84 -18.21 14.96
CA PHE C 37 -12.52 -17.60 15.08
C PHE C 37 -11.52 -18.58 15.69
N GLY C 38 -11.96 -19.31 16.72
CA GLY C 38 -11.09 -20.32 17.32
C GLY C 38 -10.75 -21.43 16.35
N GLU C 39 -11.77 -21.96 15.65
CA GLU C 39 -11.52 -23.02 14.68
C GLU C 39 -10.52 -22.55 13.62
N ALA C 40 -10.54 -21.25 13.30
CA ALA C 40 -9.55 -20.70 12.38
C ALA C 40 -8.19 -20.58 13.04
N ARG C 41 -8.15 -20.30 14.34
CA ARG C 41 -6.90 -20.24 15.10
C ARG C 41 -6.23 -21.60 15.27
N LYS C 42 -6.85 -22.68 14.79
CA LYS C 42 -6.35 -24.03 15.05
C LYS C 42 -5.94 -24.73 13.76
N SER C 45 -4.40 -27.72 9.35
CA SER C 45 -4.72 -27.63 7.93
C SER C 45 -6.23 -27.65 7.71
N VAL C 46 -6.66 -27.31 6.49
CA VAL C 46 -8.08 -27.20 6.16
C VAL C 46 -8.33 -27.82 4.78
N THR C 47 -9.38 -28.62 4.68
CA THR C 47 -9.71 -29.22 3.39
C THR C 47 -10.37 -28.19 2.45
N PRO C 48 -10.12 -28.31 1.14
CA PRO C 48 -10.82 -27.45 0.17
C PRO C 48 -12.32 -27.73 0.02
N GLU C 49 -12.85 -28.81 0.60
CA GLU C 49 -14.30 -29.00 0.54
C GLU C 49 -14.98 -28.00 1.47
N ALA C 50 -14.47 -27.92 2.70
CA ALA C 50 -14.92 -26.91 3.64
C ALA C 50 -14.66 -25.52 3.09
N ALA C 51 -13.52 -25.33 2.42
CA ALA C 51 -13.20 -24.02 1.86
C ALA C 51 -14.25 -23.57 0.86
N LEU C 52 -14.63 -24.44 -0.08
CA LEU C 52 -15.65 -24.04 -1.06
C LEU C 52 -17.00 -23.84 -0.38
N ALA C 53 -17.32 -24.66 0.62
CA ALA C 53 -18.59 -24.48 1.31
C ALA C 53 -18.64 -23.14 2.05
N ILE C 54 -17.56 -22.82 2.76
CA ILE C 54 -17.46 -21.55 3.48
C ILE C 54 -17.52 -20.38 2.53
N ALA C 55 -16.82 -20.48 1.40
CA ALA C 55 -16.85 -19.39 0.41
C ALA C 55 -18.26 -19.18 -0.12
N HIS C 56 -18.99 -20.27 -0.42
CA HIS C 56 -20.36 -20.12 -0.88
C HIS C 56 -21.22 -19.44 0.18
N ARG C 57 -21.08 -19.87 1.43
CA ARG C 57 -21.87 -19.28 2.51
C ARG C 57 -21.55 -17.80 2.67
N TRP C 58 -20.27 -17.44 2.61
CA TRP C 58 -19.87 -16.05 2.74
C TRP C 58 -20.36 -15.22 1.56
N ARG C 59 -20.27 -15.75 0.34
CA ARG C 59 -20.83 -15.05 -0.82
C ARG C 59 -22.28 -14.68 -0.54
N ALA C 60 -23.08 -15.66 -0.13
CA ALA C 60 -24.50 -15.39 0.10
C ALA C 60 -24.69 -14.36 1.20
N MET C 61 -23.96 -14.51 2.32
CA MET C 61 -24.20 -13.65 3.47
C MET C 61 -23.75 -12.22 3.22
N THR C 62 -22.60 -12.04 2.56
CA THR C 62 -22.11 -10.69 2.31
C THR C 62 -22.91 -9.99 1.21
N LYS C 63 -23.27 -10.71 0.13
CA LYS C 63 -24.16 -10.14 -0.87
C LYS C 63 -25.46 -9.66 -0.23
N ALA C 64 -26.08 -10.50 0.60
CA ALA C 64 -27.33 -10.11 1.26
C ALA C 64 -27.10 -8.93 2.19
N PHE C 65 -26.00 -8.94 2.94
CA PHE C 65 -25.68 -7.83 3.82
C PHE C 65 -25.66 -6.52 3.04
N MET C 66 -24.92 -6.49 1.94
CA MET C 66 -24.78 -5.26 1.16
C MET C 66 -26.13 -4.80 0.63
N PHE C 67 -26.87 -5.69 -0.05
CA PHE C 67 -28.10 -5.24 -0.70
C PHE C 67 -29.16 -4.85 0.33
N THR C 68 -29.36 -5.64 1.39
CA THR C 68 -30.38 -5.29 2.36
C THR C 68 -29.99 -4.07 3.20
N THR C 69 -28.69 -3.84 3.41
CA THR C 69 -28.28 -2.61 4.09
C THR C 69 -28.57 -1.39 3.22
N LEU C 70 -28.32 -1.50 1.91
CA LEU C 70 -28.71 -0.43 1.00
C LEU C 70 -30.21 -0.20 1.04
N SER C 71 -30.99 -1.29 1.12
CA SER C 71 -32.44 -1.16 1.26
C SER C 71 -32.81 -0.40 2.52
N GLY C 72 -32.17 -0.73 3.64
CA GLY C 72 -32.42 0.00 4.87
C GLY C 72 -32.05 1.47 4.76
N LEU C 73 -30.97 1.78 4.04
CA LEU C 73 -30.60 3.16 3.78
C LEU C 73 -31.74 3.89 3.07
N GLY C 74 -32.30 3.26 2.04
CA GLY C 74 -33.42 3.86 1.33
C GLY C 74 -34.65 4.03 2.20
N VAL C 75 -34.92 3.05 3.06
CA VAL C 75 -36.06 3.16 3.98
C VAL C 75 -35.86 4.34 4.92
N MET C 76 -34.65 4.50 5.46
CA MET C 76 -34.37 5.64 6.32
C MET C 76 -34.53 6.97 5.57
N ALA C 77 -34.03 7.02 4.32
CA ALA C 77 -34.14 8.24 3.51
C ALA C 77 -35.60 8.59 3.28
N ARG C 78 -36.41 7.60 2.96
CA ARG C 78 -37.82 7.86 2.85
C ARG C 78 -38.33 8.37 4.20
N ARG C 79 -37.81 7.81 5.29
CA ARG C 79 -38.61 8.06 6.46
C ARG C 79 -38.42 9.54 6.76
N PHE C 80 -37.15 9.94 6.57
CA PHE C 80 -36.64 11.30 6.75
C PHE C 80 -37.36 12.30 5.89
N GLN C 81 -37.61 11.93 4.62
CA GLN C 81 -38.36 12.83 3.76
C GLN C 81 -39.75 13.07 4.32
N GLY C 82 -40.30 12.09 5.04
CA GLY C 82 -41.57 12.36 5.71
C GLY C 82 -41.52 13.52 6.70
N GLN C 83 -40.35 13.85 7.23
CA GLN C 83 -40.19 14.93 8.20
C GLN C 83 -39.83 16.24 7.52
N ASP C 84 -40.21 17.35 8.15
CA ASP C 84 -40.01 18.67 7.56
C ASP C 84 -38.56 19.11 7.66
N ALA C 85 -37.92 18.86 8.79
CA ALA C 85 -36.51 19.20 9.00
C ALA C 85 -35.86 18.12 9.86
N PRO C 86 -35.36 17.06 9.23
CA PRO C 86 -34.70 15.99 9.99
C PRO C 86 -33.61 16.53 10.92
N ASP C 87 -33.51 15.93 12.10
CA ASP C 87 -32.52 16.34 13.09
C ASP C 87 -31.12 16.08 12.57
N HIS C 88 -30.24 17.09 12.67
CA HIS C 88 -28.91 16.97 12.11
C HIS C 88 -28.10 15.86 12.79
N GLU C 89 -28.38 15.59 14.06
CA GLU C 89 -27.67 14.53 14.75
C GLU C 89 -27.99 13.17 14.13
N LEU C 90 -29.25 12.95 13.78
CA LEU C 90 -29.62 11.74 13.04
C LEU C 90 -28.96 11.71 11.66
N LEU C 91 -28.88 12.86 11.00
CA LEU C 91 -28.31 12.93 9.65
C LEU C 91 -26.84 12.59 9.61
N ALA C 92 -26.06 12.96 10.65
CA ALA C 92 -24.66 12.56 10.67
C ALA C 92 -24.50 11.04 10.66
N ALA C 93 -25.28 10.35 11.49
CA ALA C 93 -25.25 8.89 11.48
C ALA C 93 -25.74 8.32 10.16
N PHE C 94 -26.73 8.97 9.55
CA PHE C 94 -27.17 8.58 8.20
C PHE C 94 -26.02 8.64 7.21
N GLN C 95 -25.24 9.74 7.26
CA GLN C 95 -24.05 9.87 6.43
C GLN C 95 -23.07 8.74 6.68
N THR C 96 -22.92 8.35 7.96
CA THR C 96 -22.03 7.23 8.28
C THR C 96 -22.51 5.94 7.63
N VAL C 97 -23.82 5.66 7.71
CA VAL C 97 -24.38 4.50 7.01
C VAL C 97 -23.96 4.53 5.55
N TYR C 98 -24.16 5.69 4.92
CA TYR C 98 -23.88 5.81 3.49
C TYR C 98 -22.42 5.48 3.19
N GLN C 99 -21.49 6.10 3.93
CA GLN C 99 -20.07 5.88 3.66
C GLN C 99 -19.67 4.42 3.87
N VAL C 100 -20.06 3.85 5.02
CA VAL C 100 -19.59 2.51 5.36
C VAL C 100 -20.07 1.50 4.34
N ILE C 101 -21.38 1.48 4.04
CA ILE C 101 -21.83 0.48 3.06
C ILE C 101 -21.38 0.83 1.64
N GLY C 102 -21.11 2.12 1.37
CA GLY C 102 -20.56 2.47 0.08
C GLY C 102 -19.18 1.91 -0.13
N ASP C 103 -18.47 1.60 0.96
CA ASP C 103 -17.19 0.91 0.79
C ASP C 103 -17.39 -0.46 0.18
N ASP C 104 -18.40 -1.21 0.64
CA ASP C 104 -18.69 -2.51 0.06
C ASP C 104 -19.17 -2.38 -1.38
N LEU C 105 -19.85 -1.27 -1.70
CA LEU C 105 -20.37 -1.15 -3.06
C LEU C 105 -19.35 -0.60 -4.06
N ASP C 106 -18.41 0.26 -3.63
CA ASP C 106 -17.57 0.97 -4.59
C ASP C 106 -16.13 1.22 -4.14
N ASN C 107 -15.69 0.72 -2.99
CA ASN C 107 -14.27 0.76 -2.60
C ASN C 107 -13.76 2.19 -2.48
N ALA C 108 -14.52 3.03 -1.78
CA ALA C 108 -14.10 4.42 -1.61
C ALA C 108 -12.91 4.53 -0.65
N ALA C 109 -12.94 3.76 0.44
CA ALA C 109 -11.91 3.86 1.47
C ALA C 109 -10.53 3.60 0.88
N PRO C 110 -9.49 4.25 1.42
CA PRO C 110 -8.14 4.06 0.86
C PRO C 110 -7.68 2.61 0.84
N ALA C 111 -7.99 1.84 1.89
CA ALA C 111 -7.57 0.43 1.93
C ALA C 111 -8.10 -0.34 0.73
N PHE C 112 -9.33 -0.04 0.30
CA PHE C 112 -9.95 -0.72 -0.83
C PHE C 112 -9.67 -0.03 -2.15
N ARG C 113 -9.61 1.30 -2.17
CA ARG C 113 -9.46 2.03 -3.42
C ARG C 113 -8.20 1.62 -4.17
N GLU C 114 -7.15 1.22 -3.46
CA GLU C 114 -5.89 0.86 -4.11
C GLU C 114 -5.93 -0.52 -4.75
N VAL C 115 -6.56 -1.51 -4.12
CA VAL C 115 -6.35 -2.89 -4.49
C VAL C 115 -7.56 -3.55 -5.15
N ALA C 116 -8.74 -2.97 -5.03
CA ALA C 116 -9.93 -3.63 -5.54
C ALA C 116 -10.05 -3.46 -7.05
N PRO C 117 -10.62 -4.43 -7.75
CA PRO C 117 -10.89 -4.24 -9.18
C PRO C 117 -11.81 -3.04 -9.37
N ARG C 118 -11.64 -2.36 -10.50
CA ARG C 118 -12.50 -1.23 -10.82
C ARG C 118 -13.88 -1.72 -11.25
N GLY C 119 -14.88 -0.87 -11.04
CA GLY C 119 -16.22 -1.14 -11.50
C GLY C 119 -16.88 -2.28 -10.73
N PRO C 120 -17.85 -2.94 -11.38
CA PRO C 120 -18.60 -4.00 -10.71
C PRO C 120 -17.74 -5.12 -10.16
N ALA C 121 -16.62 -5.43 -10.80
CA ALA C 121 -15.75 -6.49 -10.31
C ALA C 121 -15.22 -6.20 -8.90
N GLY C 122 -15.31 -4.95 -8.45
CA GLY C 122 -14.89 -4.58 -7.12
C GLY C 122 -15.95 -4.65 -6.07
N ILE C 123 -17.23 -4.80 -6.46
CA ILE C 123 -18.27 -5.09 -5.48
C ILE C 123 -17.87 -6.33 -4.71
N HIS C 124 -17.95 -6.25 -3.38
CA HIS C 124 -17.15 -7.13 -2.54
C HIS C 124 -17.60 -8.59 -2.63
N TYR C 125 -18.90 -8.85 -2.78
CA TYR C 125 -19.29 -10.24 -2.99
C TYR C 125 -18.85 -10.74 -4.36
N VAL C 126 -18.81 -9.85 -5.36
CA VAL C 126 -18.30 -10.23 -6.67
C VAL C 126 -16.79 -10.45 -6.60
N TRP C 127 -16.09 -9.55 -5.93
CA TRP C 127 -14.67 -9.72 -5.67
C TRP C 127 -14.39 -11.04 -4.98
N TRP C 128 -15.25 -11.42 -4.04
CA TRP C 128 -15.12 -12.70 -3.34
C TRP C 128 -15.36 -13.88 -4.27
N GLU C 129 -16.39 -13.79 -5.11
CA GLU C 129 -16.62 -14.80 -6.14
C GLU C 129 -15.37 -15.01 -6.99
N ASP C 130 -14.81 -13.92 -7.49
CA ASP C 130 -13.73 -14.01 -8.48
C ASP C 130 -12.39 -14.37 -7.86
N THR C 131 -12.14 -13.94 -6.61
CA THR C 131 -10.81 -14.05 -6.04
C THR C 131 -10.70 -15.21 -5.05
N VAL C 132 -11.79 -15.55 -4.37
CA VAL C 132 -11.89 -16.74 -3.54
C VAL C 132 -12.99 -17.54 -4.22
N LEU C 133 -13.50 -18.60 -3.58
CA LEU C 133 -14.48 -19.47 -4.21
C LEU C 133 -14.03 -20.03 -5.56
N LYS C 134 -13.94 -19.17 -6.58
CA LYS C 134 -13.58 -19.65 -7.91
C LYS C 134 -12.21 -20.33 -7.93
N PRO C 135 -11.14 -19.78 -7.32
CA PRO C 135 -9.90 -20.55 -7.24
C PRO C 135 -10.05 -21.83 -6.45
N VAL C 136 -10.84 -21.81 -5.37
CA VAL C 136 -11.08 -23.02 -4.59
C VAL C 136 -11.95 -23.99 -5.37
N ALA C 137 -12.86 -23.48 -6.21
CA ALA C 137 -13.77 -24.36 -6.95
C ALA C 137 -13.06 -25.13 -8.06
N ALA C 138 -11.95 -24.60 -8.59
CA ALA C 138 -11.19 -25.33 -9.59
C ALA C 138 -10.63 -26.64 -9.03
N HIS C 139 -10.51 -26.74 -7.71
CA HIS C 139 -9.98 -27.92 -7.05
C HIS C 139 -11.08 -28.79 -6.46
N VAL C 140 -12.29 -28.68 -6.99
CA VAL C 140 -13.43 -29.48 -6.51
C VAL C 140 -14.15 -30.07 -7.71
N ALA C 141 -14.42 -31.37 -7.65
CA ALA C 141 -15.18 -32.00 -8.71
C ALA C 141 -16.64 -31.59 -8.61
N GLU C 142 -17.34 -31.61 -9.75
CA GLU C 142 -18.70 -31.09 -9.81
C GLU C 142 -19.60 -31.71 -8.75
N GLU C 143 -19.40 -32.99 -8.45
CA GLU C 143 -20.25 -33.68 -7.49
C GLU C 143 -20.19 -33.03 -6.11
N ASP C 144 -18.99 -32.64 -5.66
CA ASP C 144 -18.89 -31.96 -4.38
C ASP C 144 -19.16 -30.46 -4.46
N ARG C 145 -18.94 -29.83 -5.63
CA ARG C 145 -19.27 -28.42 -5.77
C ARG C 145 -20.78 -28.21 -5.61
N GLN C 146 -21.56 -28.99 -6.36
CA GLN C 146 -23.00 -28.96 -6.21
C GLN C 146 -23.42 -29.22 -4.77
N SER C 147 -22.67 -30.04 -4.05
CA SER C 147 -23.00 -30.34 -2.66
C SER C 147 -22.74 -29.14 -1.76
N ALA C 148 -21.56 -28.52 -1.90
CA ALA C 148 -21.18 -27.41 -1.05
C ALA C 148 -21.98 -26.14 -1.33
N ALA C 149 -22.56 -25.99 -2.53
CA ALA C 149 -23.21 -24.71 -2.82
C ALA C 149 -24.54 -24.53 -2.10
N VAL C 150 -25.18 -25.61 -1.63
CA VAL C 150 -26.43 -25.50 -0.89
C VAL C 150 -26.08 -25.20 0.58
N LEU C 151 -26.69 -24.14 1.12
CA LEU C 151 -26.45 -23.43 2.39
C LEU C 151 -27.17 -24.09 3.57
N PRO C 152 -26.46 -24.20 4.70
CA PRO C 152 -27.08 -24.68 5.96
C PRO C 152 -28.27 -23.80 6.34
N ARG C 153 -29.13 -24.30 7.22
CA ARG C 153 -30.32 -23.51 7.56
C ARG C 153 -30.01 -22.30 8.44
N ALA C 154 -28.99 -22.33 9.28
CA ALA C 154 -28.70 -21.10 10.01
C ALA C 154 -28.36 -19.97 9.03
N VAL C 155 -27.69 -20.33 7.93
CA VAL C 155 -27.31 -19.33 6.92
C VAL C 155 -28.54 -18.76 6.22
N THR C 156 -29.44 -19.63 5.74
CA THR C 156 -30.65 -19.13 5.09
C THR C 156 -31.55 -18.38 6.07
N GLY C 157 -31.55 -18.78 7.34
CA GLY C 157 -32.29 -18.04 8.34
C GLY C 157 -31.72 -16.64 8.54
N LEU C 158 -30.40 -16.53 8.56
CA LEU C 158 -29.77 -15.21 8.61
C LEU C 158 -30.14 -14.38 7.39
N LEU C 159 -30.16 -15.02 6.21
CA LEU C 159 -30.58 -14.32 5.00
C LEU C 159 -32.00 -13.78 5.13
N ASP C 160 -32.89 -14.58 5.73
CA ASP C 160 -34.27 -14.13 5.94
C ASP C 160 -34.32 -12.99 6.96
N SER C 161 -33.51 -13.06 8.01
CA SER C 161 -33.43 -11.96 8.96
C SER C 161 -32.98 -10.67 8.26
N MET C 162 -31.98 -10.77 7.39
CA MET C 162 -31.51 -9.60 6.65
C MET C 162 -32.60 -9.06 5.73
N ASP C 163 -33.32 -9.95 5.03
CA ASP C 163 -34.40 -9.49 4.17
C ASP C 163 -35.52 -8.82 4.98
N ARG C 164 -35.74 -9.26 6.22
CA ARG C 164 -36.69 -8.55 7.07
C ARG C 164 -36.17 -7.17 7.44
N LEU C 165 -34.92 -7.09 7.89
CA LEU C 165 -34.35 -5.79 8.25
C LEU C 165 -34.21 -4.87 7.06
N ALA C 166 -34.23 -5.40 5.83
CA ALA C 166 -34.15 -4.58 4.63
C ALA C 166 -35.26 -3.53 4.59
N THR C 167 -36.37 -3.77 5.29
CA THR C 167 -37.47 -2.84 5.35
C THR C 167 -37.69 -2.28 6.75
N HIS C 168 -36.79 -2.59 7.68
CA HIS C 168 -36.90 -2.05 9.03
C HIS C 168 -36.34 -0.63 9.03
N PRO C 169 -37.05 0.33 9.62
CA PRO C 169 -36.54 1.72 9.61
C PRO C 169 -35.20 1.90 10.32
N LEU C 170 -34.80 0.96 11.16
CA LEU C 170 -33.48 0.98 11.78
C LEU C 170 -32.63 -0.21 11.34
N GLY C 171 -33.09 -0.97 10.33
CA GLY C 171 -32.42 -2.20 9.96
C GLY C 171 -31.00 -1.98 9.48
N ALA C 172 -30.77 -0.95 8.67
CA ALA C 172 -29.42 -0.68 8.19
C ALA C 172 -28.48 -0.37 9.36
N ALA C 173 -28.97 0.40 10.34
CA ALA C 173 -28.16 0.71 11.51
C ALA C 173 -27.84 -0.55 12.31
N VAL C 174 -28.83 -1.42 12.49
CA VAL C 174 -28.62 -2.68 13.22
C VAL C 174 -27.57 -3.52 12.52
N GLN C 175 -27.75 -3.72 11.21
CA GLN C 175 -26.83 -4.57 10.45
C GLN C 175 -25.42 -4.01 10.49
N LEU C 176 -25.26 -2.69 10.29
CA LEU C 176 -23.92 -2.14 10.32
C LEU C 176 -23.32 -2.23 11.71
N ARG C 177 -24.09 -1.89 12.75
CA ARG C 177 -23.58 -1.90 14.11
C ARG C 177 -23.06 -3.27 14.50
N VAL C 178 -23.76 -4.35 14.10
CA VAL C 178 -23.29 -5.67 14.47
C VAL C 178 -22.19 -6.15 13.53
N VAL C 179 -22.43 -6.11 12.22
CA VAL C 179 -21.52 -6.71 11.25
C VAL C 179 -20.16 -6.01 11.27
N GLU C 180 -20.15 -4.68 11.30
CA GLU C 180 -18.89 -3.96 11.29
C GLU C 180 -18.09 -4.19 12.57
N ASP C 181 -18.77 -4.56 13.66
CA ASP C 181 -18.06 -4.87 14.90
C ASP C 181 -17.32 -6.19 14.79
N ILE C 182 -17.84 -7.15 14.03
CA ILE C 182 -17.25 -8.47 13.91
C ILE C 182 -16.48 -8.66 12.61
N ALA C 183 -16.37 -7.62 11.78
CA ALA C 183 -15.82 -7.77 10.44
C ALA C 183 -14.35 -8.17 10.45
N LEU C 184 -13.56 -7.58 11.35
CA LEU C 184 -12.12 -7.84 11.35
C LEU C 184 -11.81 -9.28 11.74
N ASP C 185 -12.44 -9.77 12.80
CA ASP C 185 -12.19 -11.14 13.23
C ASP C 185 -12.58 -12.14 12.15
N ILE C 186 -13.69 -11.89 11.44
CA ILE C 186 -14.07 -12.77 10.33
C ILE C 186 -13.00 -12.75 9.23
N ALA C 187 -12.52 -11.55 8.87
CA ALA C 187 -11.50 -11.47 7.82
C ALA C 187 -10.19 -12.13 8.26
N VAL C 188 -9.85 -12.01 9.55
CA VAL C 188 -8.65 -12.64 10.09
C VAL C 188 -8.78 -14.15 9.97
N GLY C 189 -9.95 -14.67 10.34
CA GLY C 189 -10.19 -16.11 10.22
C GLY C 189 -10.10 -16.56 8.78
N PHE C 190 -10.40 -15.66 7.84
CA PHE C 190 -10.43 -16.08 6.42
C PHE C 190 -9.00 -16.32 5.96
N ARG C 191 -8.14 -15.33 6.14
CA ARG C 191 -6.72 -15.49 5.76
C ARG C 191 -6.20 -16.74 6.43
N ARG C 192 -6.39 -16.84 7.74
CA ARG C 192 -5.90 -18.01 8.51
C ARG C 192 -6.40 -19.29 7.84
N LEU C 193 -7.71 -19.43 7.63
CA LEU C 193 -8.16 -20.71 7.10
C LEU C 193 -7.81 -20.88 5.63
N TYR C 194 -7.95 -19.82 4.82
CA TYR C 194 -7.75 -19.95 3.39
C TYR C 194 -6.28 -19.97 3.01
N ALA C 195 -5.36 -19.68 3.93
CA ALA C 195 -3.96 -19.91 3.61
C ALA C 195 -3.54 -21.35 3.84
N LYS C 196 -4.21 -22.05 4.77
CA LYS C 196 -3.81 -23.40 5.15
C LYS C 196 -4.70 -24.45 4.51
N VAL C 197 -5.15 -24.19 3.30
CA VAL C 197 -6.00 -25.11 2.58
C VAL C 197 -5.10 -26.00 1.73
N GLU C 198 -5.32 -27.30 1.81
CA GLU C 198 -4.37 -28.28 1.33
C GLU C 198 -4.86 -28.90 0.02
N VAL C 199 -4.12 -28.67 -1.05
CA VAL C 199 -4.31 -29.37 -2.32
C VAL C 199 -3.00 -30.07 -2.66
N PRO C 200 -3.03 -31.34 -3.07
CA PRO C 200 -1.78 -32.07 -3.31
C PRO C 200 -1.14 -31.64 -4.63
N GLY C 201 0.18 -31.49 -4.58
CA GLY C 201 0.93 -31.11 -5.76
C GLY C 201 1.28 -29.64 -5.80
N THR C 202 0.27 -28.77 -5.78
CA THR C 202 0.44 -27.35 -5.96
C THR C 202 0.21 -26.60 -4.65
N THR C 203 -0.22 -25.36 -4.73
CA THR C 203 -0.56 -24.54 -3.58
C THR C 203 -1.79 -23.71 -3.92
N LEU C 204 -2.34 -23.04 -2.91
CA LEU C 204 -3.61 -22.34 -3.08
C LEU C 204 -3.43 -20.87 -3.45
N PHE C 205 -2.79 -20.11 -2.57
CA PHE C 205 -2.74 -18.66 -2.73
C PHE C 205 -1.31 -18.13 -2.58
N ARG C 208 1.65 -13.57 -3.24
CA ARG C 208 1.32 -12.17 -2.98
C ARG C 208 0.13 -11.73 -3.82
N ASP C 209 -0.58 -10.70 -3.33
CA ASP C 209 -1.74 -10.13 -4.04
C ASP C 209 -2.74 -11.22 -4.42
N ASP C 210 -2.88 -12.22 -3.55
CA ASP C 210 -3.78 -13.34 -3.79
C ASP C 210 -4.94 -13.41 -2.82
N LEU C 211 -4.78 -12.89 -1.61
CA LEU C 211 -5.88 -12.69 -0.67
C LEU C 211 -6.10 -11.19 -0.44
N ALA C 212 -5.99 -10.42 -1.53
CA ALA C 212 -6.17 -8.97 -1.48
C ALA C 212 -7.49 -8.59 -0.83
N TRP C 213 -8.56 -9.32 -1.15
CA TRP C 213 -9.84 -9.12 -0.47
C TRP C 213 -9.62 -9.11 1.04
N VAL C 214 -8.93 -10.13 1.53
CA VAL C 214 -8.75 -10.29 2.97
C VAL C 214 -7.81 -9.23 3.51
N ASP C 215 -6.73 -8.93 2.79
CA ASP C 215 -5.75 -7.96 3.28
C ASP C 215 -6.35 -6.56 3.38
N SER C 216 -7.05 -6.12 2.32
CA SER C 216 -7.69 -4.82 2.35
C SER C 216 -8.75 -4.77 3.45
N HIS C 217 -9.47 -5.87 3.66
CA HIS C 217 -10.43 -5.90 4.75
C HIS C 217 -9.72 -5.80 6.11
N ILE C 218 -8.57 -6.46 6.25
CA ILE C 218 -7.84 -6.40 7.51
C ILE C 218 -7.42 -4.97 7.80
N LYS C 219 -7.00 -4.25 6.76
CA LYS C 219 -6.67 -2.83 6.92
C LYS C 219 -7.89 -1.98 7.28
N ALA C 220 -9.03 -2.24 6.64
CA ALA C 220 -10.16 -1.30 6.68
C ALA C 220 -11.19 -1.57 7.78
N GLU C 221 -11.16 -2.75 8.41
CA GLU C 221 -12.24 -3.00 9.35
C GLU C 221 -12.04 -2.27 10.67
N THR C 222 -10.81 -1.85 10.98
CA THR C 222 -10.65 -0.98 12.14
C THR C 222 -11.34 0.36 11.90
N MET C 223 -11.29 0.86 10.66
CA MET C 223 -12.09 2.02 10.29
C MET C 223 -13.55 1.79 10.58
N HIS C 224 -14.08 0.76 9.94
CA HIS C 224 -15.52 0.51 9.99
C HIS C 224 -16.01 0.27 11.41
N ALA C 225 -15.26 -0.52 12.19
CA ALA C 225 -15.63 -0.76 13.57
C ALA C 225 -15.63 0.54 14.39
N ALA C 226 -14.66 1.43 14.13
CA ALA C 226 -14.68 2.71 14.82
C ALA C 226 -15.86 3.57 14.38
N GLN C 227 -16.18 3.53 13.08
CA GLN C 227 -17.23 4.38 12.52
C GLN C 227 -18.60 4.03 13.06
N VAL C 228 -18.93 2.75 13.16
CA VAL C 228 -20.28 2.40 13.61
C VAL C 228 -20.47 2.57 15.11
N SER C 229 -19.38 2.70 15.87
CA SER C 229 -19.46 2.86 17.32
C SER C 229 -19.28 4.31 17.78
N ASP C 230 -19.09 5.25 16.85
CA ASP C 230 -18.86 6.64 17.24
C ASP C 230 -20.01 7.17 18.09
N GLU C 231 -19.65 7.94 19.11
CA GLU C 231 -20.64 8.50 20.03
C GLU C 231 -21.54 9.54 19.37
N ASP C 232 -21.05 10.17 18.30
CA ASP C 232 -21.75 11.27 17.63
C ASP C 232 -22.32 10.88 16.28
N THR C 233 -21.59 10.06 15.51
CA THR C 233 -22.01 9.68 14.17
C THR C 233 -22.12 8.18 14.01
N GLY C 234 -22.26 7.44 15.12
CA GLY C 234 -22.38 6.00 15.07
C GLY C 234 -23.81 5.55 14.89
N MET C 235 -23.97 4.23 14.76
CA MET C 235 -25.27 3.69 14.35
C MET C 235 -26.36 3.96 15.39
N THR C 236 -26.04 3.81 16.67
CA THR C 236 -27.05 4.01 17.70
C THR C 236 -27.51 5.46 17.79
N ARG C 237 -26.83 6.39 17.12
CA ARG C 237 -27.30 7.75 17.05
C ARG C 237 -28.41 7.97 16.04
N LEU C 238 -28.80 6.93 15.29
CA LEU C 238 -30.02 6.99 14.50
C LEU C 238 -31.24 6.61 15.32
N VAL C 239 -31.03 6.13 16.54
CA VAL C 239 -32.12 5.86 17.46
C VAL C 239 -32.58 7.18 18.06
N ALA C 240 -33.83 7.54 17.80
CA ALA C 240 -34.34 8.86 18.17
C ALA C 240 -35.22 8.84 19.42
N ASP C 241 -35.36 7.68 20.07
CA ASP C 241 -36.44 7.45 21.02
C ASP C 241 -35.95 6.59 22.16
N ARG C 242 -36.84 6.36 23.11
CA ARG C 242 -36.55 5.34 24.15
C ARG C 242 -37.19 4.07 23.61
N GLU C 243 -38.24 4.24 22.80
CA GLU C 243 -38.94 3.09 22.19
C GLU C 243 -38.08 2.51 21.07
N GLN C 244 -37.62 3.36 20.16
CA GLN C 244 -36.73 2.90 19.06
C GLN C 244 -35.52 2.18 19.68
N ALA C 245 -35.05 2.66 20.83
CA ALA C 245 -33.86 2.06 21.48
C ALA C 245 -34.21 0.64 21.93
N GLU C 246 -35.42 0.47 22.46
CA GLU C 246 -35.86 -0.90 22.85
C GLU C 246 -35.81 -1.78 21.62
N GLU C 247 -36.55 -1.39 20.57
CA GLU C 247 -36.54 -2.15 19.30
C GLU C 247 -35.09 -2.37 18.85
N PHE C 248 -34.31 -1.30 18.81
CA PHE C 248 -32.92 -1.44 18.32
C PHE C 248 -32.24 -2.54 19.14
N LEU C 249 -32.45 -2.54 20.46
CA LEU C 249 -31.73 -3.52 21.26
C LEU C 249 -32.21 -4.95 20.98
N THR C 250 -33.52 -5.13 20.90
CA THR C 250 -34.06 -6.46 20.57
C THR C 250 -33.72 -6.84 19.13
N ALA C 251 -33.70 -5.87 18.21
CA ALA C 251 -33.29 -6.16 16.85
C ALA C 251 -31.84 -6.61 16.79
N VAL C 252 -30.97 -5.91 17.53
CA VAL C 252 -29.57 -6.35 17.64
C VAL C 252 -29.51 -7.77 18.17
N ARG C 253 -30.35 -8.08 19.16
CA ARG C 253 -30.30 -9.40 19.78
C ARG C 253 -30.64 -10.49 18.75
N GLU C 254 -31.79 -10.34 18.09
CA GLU C 254 -32.20 -11.33 17.11
C GLU C 254 -31.16 -11.45 15.99
N TYR C 255 -30.62 -10.30 15.55
CA TYR C 255 -29.67 -10.30 14.45
C TYR C 255 -28.34 -10.97 14.84
N ALA C 256 -27.82 -10.63 16.02
CA ALA C 256 -26.58 -11.25 16.50
C ALA C 256 -26.75 -12.74 16.70
N ALA C 257 -27.92 -13.17 17.18
CA ALA C 257 -28.17 -14.61 17.29
C ALA C 257 -28.10 -15.29 15.94
N HIS C 258 -28.78 -14.70 14.93
CA HIS C 258 -28.72 -15.27 13.59
C HIS C 258 -27.29 -15.35 13.06
N TRP C 259 -26.50 -14.29 13.30
CA TRP C 259 -25.12 -14.28 12.80
C TRP C 259 -24.27 -15.35 13.49
N SER C 260 -24.42 -15.49 14.81
CA SER C 260 -23.71 -16.54 15.53
C SER C 260 -24.06 -17.92 14.96
N ALA C 261 -25.35 -18.15 14.72
CA ALA C 261 -25.78 -19.42 14.15
C ALA C 261 -25.11 -19.66 12.80
N ALA C 262 -25.03 -18.63 11.96
CA ALA C 262 -24.38 -18.77 10.66
C ALA C 262 -22.89 -19.10 10.79
N LEU C 263 -22.19 -18.43 11.70
CA LEU C 263 -20.75 -18.65 11.84
C LEU C 263 -20.43 -20.01 12.46
N GLU C 264 -21.34 -20.54 13.29
CA GLU C 264 -21.15 -21.89 13.80
C GLU C 264 -21.06 -22.90 12.67
N THR C 265 -21.81 -22.69 11.59
CA THR C 265 -21.71 -23.60 10.45
C THR C 265 -20.35 -23.48 9.78
N TYR C 266 -19.72 -22.31 9.88
CA TYR C 266 -18.37 -22.17 9.39
C TYR C 266 -17.41 -23.02 10.20
N ALA C 267 -17.53 -22.97 11.52
CA ALA C 267 -16.71 -23.83 12.36
C ALA C 267 -16.91 -25.31 12.03
N GLN C 268 -18.18 -25.75 11.95
CA GLN C 268 -18.36 -27.17 11.69
C GLN C 268 -17.76 -27.55 10.32
N ALA C 269 -17.98 -26.71 9.31
CA ALA C 269 -17.37 -27.02 8.02
C ALA C 269 -15.87 -27.13 8.19
N LEU C 270 -15.29 -26.30 9.08
CA LEU C 270 -13.87 -26.38 9.38
C LEU C 270 -13.50 -27.74 9.94
N ARG C 271 -14.45 -28.43 10.58
CA ARG C 271 -14.17 -29.81 11.00
C ARG C 271 -14.10 -30.81 9.83
N ASP C 272 -14.89 -30.63 8.77
CA ASP C 272 -14.85 -31.54 7.62
C ASP C 272 -13.94 -31.08 6.46
N LEU D 8 -32.33 -8.85 -22.53
CA LEU D 8 -31.64 -7.57 -22.45
C LEU D 8 -32.03 -6.66 -23.61
N SER D 9 -31.15 -5.76 -23.98
CA SER D 9 -31.38 -4.86 -25.10
C SER D 9 -30.12 -4.77 -25.95
N ALA D 10 -30.28 -4.40 -27.22
CA ALA D 10 -29.13 -4.27 -28.14
C ALA D 10 -29.40 -3.10 -29.09
N ALA D 11 -28.56 -2.06 -29.10
CA ALA D 11 -28.75 -0.84 -29.93
C ALA D 11 -29.99 -0.10 -29.45
N GLU D 12 -31.06 -0.83 -29.11
CA GLU D 12 -32.28 -0.22 -28.54
C GLU D 12 -31.85 0.85 -27.53
N GLN D 13 -30.79 0.59 -26.77
CA GLN D 13 -30.24 1.59 -25.84
C GLN D 13 -30.19 2.96 -26.52
N GLN D 14 -29.44 3.04 -27.62
CA GLN D 14 -29.27 4.33 -28.34
C GLN D 14 -30.63 5.01 -28.49
N ASP D 15 -31.58 4.28 -29.08
CA ASP D 15 -32.95 4.83 -29.21
C ASP D 15 -33.39 5.31 -27.83
N LEU D 16 -33.46 4.40 -26.86
CA LEU D 16 -33.98 4.79 -25.55
C LEU D 16 -33.36 6.11 -25.08
N ASP D 17 -32.03 6.18 -25.10
CA ASP D 17 -31.34 7.40 -24.68
C ASP D 17 -31.79 8.60 -25.50
N ALA D 18 -31.90 8.43 -26.82
CA ALA D 18 -32.30 9.55 -27.66
C ALA D 18 -33.74 9.98 -27.39
N ARG D 19 -34.64 9.02 -27.18
CA ARG D 19 -36.02 9.38 -26.88
C ARG D 19 -36.11 10.11 -25.54
N VAL D 20 -35.29 9.73 -24.57
CA VAL D 20 -35.27 10.45 -23.29
C VAL D 20 -34.81 11.89 -23.49
N GLY D 21 -33.70 12.06 -24.24
CA GLY D 21 -33.26 13.41 -24.55
C GLY D 21 -34.33 14.25 -25.23
N LYS D 22 -35.05 13.66 -26.19
CA LYS D 22 -36.11 14.38 -26.87
C LYS D 22 -37.25 14.72 -25.92
N GLU D 23 -37.56 13.79 -25.00
CA GLU D 23 -38.58 14.06 -23.99
C GLU D 23 -38.20 15.26 -23.13
N ILE D 24 -36.94 15.34 -22.72
CA ILE D 24 -36.52 16.49 -21.91
C ILE D 24 -36.60 17.76 -22.75
N ASP D 25 -36.32 17.65 -24.05
CA ASP D 25 -36.54 18.79 -24.95
C ASP D 25 -38.00 19.25 -24.92
N ALA D 26 -38.93 18.33 -25.16
CA ALA D 26 -40.35 18.67 -25.18
C ALA D 26 -40.78 19.27 -23.86
N ALA D 27 -40.12 18.91 -22.77
CA ALA D 27 -40.45 19.45 -21.46
C ALA D 27 -40.00 20.89 -21.28
N ARG D 28 -39.43 21.51 -22.32
CA ARG D 28 -38.95 22.89 -22.26
C ARG D 28 -38.03 23.10 -21.05
N LEU D 29 -36.95 22.32 -21.01
CA LEU D 29 -36.00 22.42 -19.91
C LEU D 29 -34.59 22.88 -20.30
N ARG D 30 -34.31 23.13 -21.58
CA ARG D 30 -32.93 23.47 -21.89
C ARG D 30 -32.66 24.93 -21.60
N ARG D 31 -31.36 25.29 -21.58
CA ARG D 31 -30.94 26.68 -21.41
C ARG D 31 -31.82 27.62 -22.22
N ALA D 32 -32.00 27.28 -23.49
CA ALA D 32 -32.75 28.18 -24.40
C ALA D 32 -34.20 28.31 -23.94
N ASP D 33 -34.88 27.17 -23.79
CA ASP D 33 -36.32 27.21 -23.45
C ASP D 33 -36.55 27.52 -21.97
N ASN D 34 -37.35 26.71 -21.29
CA ASN D 34 -37.68 26.96 -19.87
C ASN D 34 -38.10 28.42 -19.68
N ALA D 35 -37.53 29.09 -18.68
CA ALA D 35 -37.93 30.48 -18.37
C ALA D 35 -37.08 30.97 -17.19
N PHE D 36 -36.98 30.14 -16.17
CA PHE D 36 -36.19 30.53 -14.98
C PHE D 36 -34.82 30.99 -15.47
N PHE D 37 -34.24 30.22 -16.39
CA PHE D 37 -32.91 30.56 -16.85
C PHE D 37 -32.89 31.93 -17.52
N GLY D 38 -33.90 32.18 -18.36
CA GLY D 38 -33.97 33.48 -19.03
C GLY D 38 -34.15 34.64 -18.07
N GLU D 39 -35.10 34.54 -17.15
CA GLU D 39 -35.29 35.63 -16.19
C GLU D 39 -34.07 35.83 -15.30
N ALA D 40 -33.39 34.74 -14.91
CA ALA D 40 -32.24 34.93 -14.03
C ALA D 40 -31.10 35.60 -14.76
N ARG D 41 -30.92 35.30 -16.05
CA ARG D 41 -29.91 36.02 -16.81
C ARG D 41 -30.33 37.47 -17.09
N LYS D 42 -31.61 37.69 -17.36
CA LYS D 42 -32.07 38.98 -17.87
C LYS D 42 -32.49 39.96 -16.79
N ALA D 43 -32.75 39.49 -15.57
CA ALA D 43 -33.23 40.36 -14.50
C ALA D 43 -32.25 41.51 -14.24
N GLU D 44 -32.75 42.74 -14.32
CA GLU D 44 -31.93 43.89 -13.96
C GLU D 44 -31.57 43.86 -12.48
N SER D 45 -32.52 43.43 -11.65
CA SER D 45 -32.29 43.30 -10.21
C SER D 45 -33.33 42.34 -9.65
N VAL D 46 -33.13 41.94 -8.39
CA VAL D 46 -33.98 40.95 -7.74
C VAL D 46 -34.28 41.44 -6.33
N THR D 47 -35.57 41.36 -5.94
CA THR D 47 -36.00 41.72 -4.60
C THR D 47 -35.63 40.61 -3.61
N PRO D 48 -35.41 40.94 -2.34
CA PRO D 48 -35.13 39.88 -1.35
C PRO D 48 -36.31 38.96 -1.09
N GLU D 49 -37.54 39.38 -1.44
CA GLU D 49 -38.72 38.53 -1.22
C GLU D 49 -38.81 37.43 -2.28
N ALA D 50 -38.63 37.78 -3.56
CA ALA D 50 -38.58 36.75 -4.59
C ALA D 50 -37.43 35.78 -4.32
N ALA D 51 -36.30 36.30 -3.87
CA ALA D 51 -35.17 35.45 -3.52
C ALA D 51 -35.54 34.48 -2.40
N LEU D 52 -36.22 34.97 -1.36
CA LEU D 52 -36.61 34.08 -0.26
C LEU D 52 -37.60 33.02 -0.73
N ALA D 53 -38.51 33.39 -1.62
CA ALA D 53 -39.48 32.41 -2.12
C ALA D 53 -38.78 31.32 -2.93
N ILE D 54 -37.88 31.72 -3.84
CA ILE D 54 -37.11 30.75 -4.61
C ILE D 54 -36.26 29.88 -3.69
N ALA D 55 -35.68 30.48 -2.66
CA ALA D 55 -34.86 29.72 -1.71
C ALA D 55 -35.68 28.64 -1.03
N HIS D 56 -36.89 28.98 -0.56
CA HIS D 56 -37.75 27.99 0.08
C HIS D 56 -38.11 26.87 -0.90
N ARG D 57 -38.49 27.24 -2.12
CA ARG D 57 -38.88 26.24 -3.11
C ARG D 57 -37.73 25.30 -3.42
N TRP D 58 -36.53 25.85 -3.62
CA TRP D 58 -35.37 25.01 -3.90
C TRP D 58 -35.02 24.13 -2.73
N ARG D 59 -35.08 24.67 -1.50
CA ARG D 59 -34.87 23.86 -0.31
C ARG D 59 -35.76 22.63 -0.34
N ALA D 60 -37.06 22.83 -0.56
CA ALA D 60 -37.99 21.70 -0.56
C ALA D 60 -37.66 20.73 -1.68
N MET D 61 -37.38 21.25 -2.88
CA MET D 61 -37.20 20.36 -4.03
C MET D 61 -35.92 19.55 -3.92
N THR D 62 -34.83 20.16 -3.42
CA THR D 62 -33.58 19.42 -3.29
C THR D 62 -33.62 18.42 -2.15
N LYS D 63 -34.20 18.81 -1.01
CA LYS D 63 -34.40 17.84 0.07
C LYS D 63 -35.16 16.61 -0.45
N ALA D 64 -36.26 16.85 -1.17
CA ALA D 64 -37.06 15.75 -1.70
C ALA D 64 -36.29 14.95 -2.73
N PHE D 65 -35.57 15.63 -3.64
CA PHE D 65 -34.79 14.93 -4.65
C PHE D 65 -33.80 13.97 -4.01
N MET D 66 -32.99 14.47 -3.07
CA MET D 66 -31.96 13.62 -2.48
C MET D 66 -32.59 12.45 -1.73
N PHE D 67 -33.57 12.73 -0.86
CA PHE D 67 -34.11 11.64 -0.05
C PHE D 67 -34.85 10.61 -0.89
N THR D 68 -35.67 11.04 -1.86
CA THR D 68 -36.40 10.08 -2.67
C THR D 68 -35.48 9.33 -3.63
N THR D 69 -34.38 9.94 -4.07
CA THR D 69 -33.43 9.20 -4.89
C THR D 69 -32.72 8.13 -4.07
N LEU D 70 -32.34 8.45 -2.83
CA LEU D 70 -31.79 7.41 -1.95
C LEU D 70 -32.82 6.30 -1.72
N SER D 71 -34.09 6.66 -1.57
CA SER D 71 -35.15 5.66 -1.44
C SER D 71 -35.21 4.75 -2.66
N GLY D 72 -35.14 5.33 -3.86
CA GLY D 72 -35.11 4.53 -5.08
C GLY D 72 -33.89 3.63 -5.13
N LEU D 73 -32.75 4.13 -4.62
CA LEU D 73 -31.56 3.31 -4.50
C LEU D 73 -31.85 2.06 -3.67
N GLY D 74 -32.51 2.25 -2.54
CA GLY D 74 -32.87 1.11 -1.71
C GLY D 74 -33.82 0.15 -2.39
N VAL D 75 -34.79 0.68 -3.14
CA VAL D 75 -35.72 -0.19 -3.88
C VAL D 75 -34.97 -1.05 -4.89
N MET D 76 -34.07 -0.42 -5.65
CA MET D 76 -33.26 -1.18 -6.60
C MET D 76 -32.40 -2.23 -5.91
N ALA D 77 -31.82 -1.87 -4.75
CA ALA D 77 -31.01 -2.82 -4.01
C ALA D 77 -31.83 -4.04 -3.59
N ARG D 78 -33.06 -3.82 -3.13
CA ARG D 78 -33.92 -4.94 -2.75
C ARG D 78 -34.22 -5.82 -3.96
N ARG D 79 -34.52 -5.20 -5.11
CA ARG D 79 -34.75 -5.96 -6.33
C ARG D 79 -33.53 -6.81 -6.67
N PHE D 80 -32.33 -6.21 -6.60
CA PHE D 80 -31.11 -6.94 -6.91
C PHE D 80 -30.89 -8.11 -5.97
N GLN D 81 -31.15 -7.92 -4.67
CA GLN D 81 -31.03 -9.03 -3.74
C GLN D 81 -32.01 -10.14 -4.09
N GLY D 82 -33.14 -9.79 -4.71
CA GLY D 82 -34.04 -10.83 -5.18
C GLY D 82 -33.43 -11.76 -6.21
N GLN D 83 -32.43 -11.29 -6.95
CA GLN D 83 -31.80 -12.10 -8.00
C GLN D 83 -30.55 -12.83 -7.49
N ASP D 84 -30.28 -13.98 -8.11
CA ASP D 84 -29.19 -14.85 -7.66
C ASP D 84 -27.82 -14.30 -8.04
N ALA D 85 -27.69 -13.76 -9.25
CA ALA D 85 -26.45 -13.14 -9.71
C ALA D 85 -26.83 -11.95 -10.58
N PRO D 86 -27.09 -10.80 -9.95
CA PRO D 86 -27.46 -9.60 -10.72
C PRO D 86 -26.48 -9.29 -11.83
N ASP D 87 -27.02 -8.79 -12.94
CA ASP D 87 -26.22 -8.48 -14.13
C ASP D 87 -25.21 -7.39 -13.81
N HIS D 88 -23.95 -7.63 -14.19
CA HIS D 88 -22.86 -6.71 -13.85
C HIS D 88 -23.04 -5.33 -14.48
N GLU D 89 -23.65 -5.26 -15.67
CA GLU D 89 -23.86 -3.97 -16.32
C GLU D 89 -24.90 -3.14 -15.56
N LEU D 90 -25.98 -3.79 -15.13
CA LEU D 90 -26.95 -3.11 -14.28
C LEU D 90 -26.30 -2.65 -12.98
N LEU D 91 -25.39 -3.46 -12.44
CA LEU D 91 -24.68 -3.07 -11.22
C LEU D 91 -23.76 -1.87 -11.47
N ALA D 92 -23.15 -1.78 -12.65
CA ALA D 92 -22.34 -0.61 -12.95
C ALA D 92 -23.19 0.66 -12.95
N ALA D 93 -24.37 0.60 -13.58
CA ALA D 93 -25.26 1.76 -13.55
C ALA D 93 -25.72 2.06 -12.12
N PHE D 94 -25.96 1.01 -11.33
CA PHE D 94 -26.30 1.15 -9.91
C PHE D 94 -25.19 1.89 -9.15
N GLN D 95 -23.94 1.53 -9.41
CA GLN D 95 -22.80 2.22 -8.81
C GLN D 95 -22.80 3.69 -9.20
N THR D 96 -23.15 3.98 -10.45
CA THR D 96 -23.25 5.39 -10.87
C THR D 96 -24.30 6.13 -10.04
N VAL D 97 -25.47 5.51 -9.86
CA VAL D 97 -26.50 6.09 -8.99
C VAL D 97 -25.92 6.44 -7.63
N TYR D 98 -25.22 5.47 -7.03
CA TYR D 98 -24.70 5.65 -5.68
C TYR D 98 -23.74 6.84 -5.63
N GLN D 99 -22.78 6.88 -6.56
CA GLN D 99 -21.78 7.95 -6.56
C GLN D 99 -22.45 9.30 -6.72
N VAL D 100 -23.34 9.42 -7.71
CA VAL D 100 -23.93 10.73 -8.01
C VAL D 100 -24.71 11.26 -6.81
N ILE D 101 -25.58 10.43 -6.23
CA ILE D 101 -26.37 10.94 -5.10
C ILE D 101 -25.48 11.19 -3.87
N GLY D 102 -24.32 10.54 -3.81
CA GLY D 102 -23.39 10.80 -2.73
C GLY D 102 -22.83 12.19 -2.68
N ASP D 103 -22.81 12.91 -3.80
CA ASP D 103 -22.40 14.31 -3.73
C ASP D 103 -23.39 15.15 -2.92
N ASP D 104 -24.70 14.93 -3.15
CA ASP D 104 -25.71 15.64 -2.38
C ASP D 104 -25.70 15.22 -0.92
N LEU D 105 -25.41 13.94 -0.63
CA LEU D 105 -25.48 13.51 0.76
C LEU D 105 -24.18 13.72 1.54
N ASP D 106 -23.02 13.64 0.88
CA ASP D 106 -21.75 13.57 1.59
C ASP D 106 -20.59 14.28 0.90
N ASN D 107 -20.80 14.98 -0.21
CA ASN D 107 -19.77 15.83 -0.81
C ASN D 107 -18.53 15.02 -1.20
N ALA D 108 -18.77 13.91 -1.90
CA ALA D 108 -17.65 13.04 -2.29
C ALA D 108 -16.81 13.68 -3.38
N ALA D 109 -17.45 14.31 -4.38
CA ALA D 109 -16.73 14.86 -5.52
C ALA D 109 -15.69 15.90 -5.05
N PRO D 110 -14.58 16.02 -5.77
CA PRO D 110 -13.53 16.98 -5.33
C PRO D 110 -14.03 18.41 -5.20
N ALA D 111 -14.81 18.86 -6.19
CA ALA D 111 -15.33 20.23 -6.19
C ALA D 111 -16.14 20.51 -4.93
N PHE D 112 -16.87 19.50 -4.44
CA PHE D 112 -17.65 19.71 -3.23
C PHE D 112 -16.80 19.48 -1.99
N ARG D 113 -15.90 18.49 -2.06
CA ARG D 113 -15.07 18.15 -0.91
C ARG D 113 -14.21 19.33 -0.48
N GLU D 114 -13.83 20.20 -1.40
CA GLU D 114 -12.93 21.29 -1.04
C GLU D 114 -13.64 22.34 -0.18
N VAL D 115 -14.90 22.66 -0.49
CA VAL D 115 -15.54 23.83 0.08
C VAL D 115 -16.70 23.52 1.02
N ALA D 116 -17.25 22.31 1.00
CA ALA D 116 -18.48 22.10 1.77
C ALA D 116 -18.16 21.90 3.24
N PRO D 117 -19.04 22.37 4.14
CA PRO D 117 -18.83 22.10 5.57
C PRO D 117 -18.86 20.61 5.86
N ARG D 118 -18.12 20.22 6.90
CA ARG D 118 -18.10 18.83 7.31
C ARG D 118 -19.40 18.45 8.02
N GLY D 119 -19.74 17.16 7.94
CA GLY D 119 -20.89 16.62 8.62
C GLY D 119 -22.21 17.05 8.02
N PRO D 120 -23.28 17.02 8.83
CA PRO D 120 -24.62 17.33 8.30
C PRO D 120 -24.72 18.71 7.67
N ALA D 121 -23.94 19.68 8.13
CA ALA D 121 -24.00 21.02 7.55
C ALA D 121 -23.65 21.04 6.08
N GLY D 122 -23.01 19.98 5.57
CA GLY D 122 -22.67 19.91 4.16
C GLY D 122 -23.71 19.26 3.28
N ILE D 123 -24.71 18.60 3.85
CA ILE D 123 -25.84 18.11 3.08
C ILE D 123 -26.47 19.29 2.34
N HIS D 124 -26.74 19.10 1.05
CA HIS D 124 -26.91 20.23 0.15
C HIS D 124 -28.14 21.05 0.47
N TYR D 125 -29.24 20.41 0.87
CA TYR D 125 -30.39 21.21 1.28
C TYR D 125 -30.12 21.93 2.60
N VAL D 126 -29.34 21.31 3.49
CA VAL D 126 -28.98 21.97 4.75
C VAL D 126 -27.98 23.09 4.49
N TRP D 127 -26.98 22.82 3.65
CA TRP D 127 -26.03 23.84 3.23
C TRP D 127 -26.75 25.02 2.59
N TRP D 128 -27.77 24.74 1.77
CA TRP D 128 -28.55 25.78 1.12
C TRP D 128 -29.37 26.58 2.13
N GLU D 129 -30.00 25.89 3.09
CA GLU D 129 -30.68 26.58 4.18
C GLU D 129 -29.75 27.55 4.89
N ASP D 130 -28.58 27.07 5.28
CA ASP D 130 -27.70 27.85 6.15
C ASP D 130 -27.01 28.97 5.40
N THR D 131 -26.73 28.78 4.11
CA THR D 131 -25.87 29.67 3.36
C THR D 131 -26.60 30.59 2.39
N VAL D 132 -27.78 30.21 1.89
CA VAL D 132 -28.54 31.01 0.95
C VAL D 132 -29.87 31.47 1.52
N LEU D 133 -30.69 30.53 1.99
CA LEU D 133 -32.05 30.89 2.48
C LEU D 133 -31.98 31.91 3.62
N LYS D 134 -31.47 31.49 4.78
CA LYS D 134 -31.46 32.37 5.97
C LYS D 134 -30.84 33.73 5.66
N PRO D 135 -29.61 33.83 5.12
CA PRO D 135 -29.05 35.14 4.77
C PRO D 135 -30.05 36.05 4.05
N VAL D 136 -30.73 35.55 3.02
CA VAL D 136 -31.74 36.38 2.31
C VAL D 136 -32.91 36.62 3.26
N ALA D 137 -33.28 35.62 4.07
CA ALA D 137 -34.45 35.78 4.93
C ALA D 137 -34.25 36.89 5.94
N ALA D 138 -33.00 37.17 6.30
CA ALA D 138 -32.73 38.27 7.22
C ALA D 138 -33.19 39.62 6.69
N HIS D 139 -33.33 39.76 5.36
CA HIS D 139 -33.70 41.03 4.75
C HIS D 139 -35.17 41.07 4.31
N VAL D 140 -36.01 40.25 4.94
CA VAL D 140 -37.44 40.21 4.67
C VAL D 140 -38.18 40.21 6.00
N ALA D 141 -39.21 41.04 6.12
CA ALA D 141 -40.00 41.08 7.34
C ALA D 141 -40.86 39.83 7.49
N GLU D 142 -41.19 39.50 8.74
CA GLU D 142 -41.84 38.24 9.06
C GLU D 142 -43.11 38.00 8.25
N GLU D 143 -43.87 39.06 7.99
CA GLU D 143 -45.13 38.89 7.26
C GLU D 143 -44.87 38.35 5.86
N ASP D 144 -43.83 38.84 5.20
CA ASP D 144 -43.46 38.31 3.89
C ASP D 144 -42.68 37.00 3.99
N ARG D 145 -42.01 36.76 5.11
CA ARG D 145 -41.33 35.48 5.30
C ARG D 145 -42.33 34.34 5.31
N GLN D 146 -43.33 34.45 6.16
CA GLN D 146 -44.38 33.44 6.24
C GLN D 146 -45.08 33.25 4.91
N SER D 147 -45.27 34.33 4.15
CA SER D 147 -45.93 34.28 2.86
C SER D 147 -45.08 33.61 1.77
N ALA D 148 -43.78 33.89 1.75
CA ALA D 148 -42.88 33.36 0.74
C ALA D 148 -42.68 31.85 0.86
N ALA D 149 -42.88 31.26 2.04
CA ALA D 149 -42.64 29.84 2.27
C ALA D 149 -43.74 28.95 1.69
N VAL D 150 -44.86 29.53 1.28
CA VAL D 150 -45.98 28.73 0.78
C VAL D 150 -45.62 28.20 -0.60
N LEU D 151 -45.69 26.89 -0.76
CA LEU D 151 -45.19 26.31 -2.00
C LEU D 151 -46.27 26.35 -3.07
N PRO D 152 -45.96 26.80 -4.28
CA PRO D 152 -46.93 26.73 -5.37
C PRO D 152 -47.38 25.29 -5.61
N ARG D 153 -48.53 25.17 -6.29
CA ARG D 153 -49.03 23.83 -6.60
C ARG D 153 -48.10 23.08 -7.53
N ALA D 154 -47.40 23.80 -8.43
CA ALA D 154 -46.46 23.12 -9.32
C ALA D 154 -45.30 22.51 -8.53
N VAL D 155 -44.82 23.22 -7.51
CA VAL D 155 -43.72 22.69 -6.70
C VAL D 155 -44.19 21.47 -5.91
N THR D 156 -45.37 21.56 -5.28
CA THR D 156 -45.92 20.42 -4.56
C THR D 156 -46.21 19.25 -5.50
N GLY D 157 -46.59 19.52 -6.75
CA GLY D 157 -46.79 18.44 -7.71
C GLY D 157 -45.49 17.73 -8.04
N LEU D 158 -44.42 18.51 -8.22
CA LEU D 158 -43.11 17.89 -8.40
C LEU D 158 -42.72 17.07 -7.18
N LEU D 159 -42.99 17.60 -5.98
CA LEU D 159 -42.70 16.86 -4.75
C LEU D 159 -43.48 15.55 -4.69
N ASP D 160 -44.74 15.56 -5.10
CA ASP D 160 -45.54 14.33 -5.11
C ASP D 160 -45.00 13.34 -6.13
N SER D 161 -44.58 13.85 -7.29
CA SER D 161 -43.94 12.99 -8.29
C SER D 161 -42.71 12.29 -7.71
N MET D 162 -41.87 13.06 -7.00
CA MET D 162 -40.69 12.47 -6.37
C MET D 162 -41.09 11.46 -5.30
N ASP D 163 -42.11 11.78 -4.49
CA ASP D 163 -42.56 10.85 -3.47
C ASP D 163 -43.02 9.53 -4.06
N ARG D 164 -43.61 9.57 -5.24
CA ARG D 164 -44.12 8.33 -5.88
C ARG D 164 -42.95 7.56 -6.49
N LEU D 165 -42.01 8.28 -7.10
CA LEU D 165 -40.83 7.64 -7.67
C LEU D 165 -39.90 7.09 -6.60
N ALA D 166 -40.04 7.55 -5.35
CA ALA D 166 -39.23 7.03 -4.26
C ALA D 166 -39.35 5.52 -4.09
N THR D 167 -40.45 4.92 -4.55
CA THR D 167 -40.66 3.48 -4.44
C THR D 167 -40.73 2.80 -5.80
N HIS D 168 -40.47 3.52 -6.88
CA HIS D 168 -40.50 2.97 -8.23
C HIS D 168 -39.19 2.25 -8.53
N PRO D 169 -39.23 1.06 -9.11
CA PRO D 169 -37.98 0.31 -9.37
C PRO D 169 -37.01 1.02 -10.29
N LEU D 170 -37.44 2.02 -11.06
CA LEU D 170 -36.55 2.83 -11.88
C LEU D 170 -36.55 4.29 -11.44
N GLY D 171 -37.15 4.61 -10.30
CA GLY D 171 -37.33 6.00 -9.92
C GLY D 171 -36.03 6.77 -9.76
N ALA D 172 -35.04 6.15 -9.12
CA ALA D 172 -33.75 6.82 -8.96
C ALA D 172 -33.11 7.11 -10.30
N ALA D 173 -33.19 6.15 -11.23
CA ALA D 173 -32.61 6.35 -12.56
C ALA D 173 -33.33 7.47 -13.30
N VAL D 174 -34.66 7.50 -13.24
CA VAL D 174 -35.43 8.54 -13.90
C VAL D 174 -35.06 9.91 -13.35
N GLN D 175 -35.07 10.03 -12.01
CA GLN D 175 -34.79 11.32 -11.38
C GLN D 175 -33.39 11.79 -11.71
N LEU D 176 -32.40 10.90 -11.63
CA LEU D 176 -31.03 11.33 -11.92
C LEU D 176 -30.87 11.72 -13.39
N ARG D 177 -31.41 10.90 -14.30
CA ARG D 177 -31.31 11.18 -15.73
C ARG D 177 -31.88 12.55 -16.06
N VAL D 178 -32.98 12.94 -15.42
CA VAL D 178 -33.57 14.24 -15.72
C VAL D 178 -32.83 15.36 -15.00
N VAL D 179 -32.62 15.21 -13.69
CA VAL D 179 -32.10 16.30 -12.86
C VAL D 179 -30.68 16.70 -13.27
N GLU D 180 -29.81 15.70 -13.49
CA GLU D 180 -28.42 16.02 -13.79
C GLU D 180 -28.25 16.71 -15.13
N ASP D 181 -29.24 16.61 -16.02
CA ASP D 181 -29.17 17.33 -17.30
C ASP D 181 -29.38 18.82 -17.11
N ILE D 182 -30.23 19.22 -16.16
CA ILE D 182 -30.59 20.61 -15.96
C ILE D 182 -29.89 21.24 -14.77
N ALA D 183 -29.06 20.47 -14.07
CA ALA D 183 -28.46 20.96 -12.83
C ALA D 183 -27.54 22.15 -13.09
N LEU D 184 -26.78 22.13 -14.19
CA LEU D 184 -25.85 23.21 -14.45
C LEU D 184 -26.59 24.51 -14.74
N ASP D 185 -27.60 24.47 -15.61
CA ASP D 185 -28.37 25.66 -15.91
C ASP D 185 -29.07 26.21 -14.66
N ILE D 186 -29.59 25.32 -13.81
CA ILE D 186 -30.19 25.79 -12.56
C ILE D 186 -29.15 26.48 -11.69
N ALA D 187 -27.96 25.88 -11.57
CA ALA D 187 -26.92 26.49 -10.73
C ALA D 187 -26.47 27.83 -11.29
N VAL D 188 -26.41 27.96 -12.62
CA VAL D 188 -26.05 29.23 -13.22
C VAL D 188 -27.12 30.27 -12.95
N GLY D 189 -28.40 29.90 -13.10
CA GLY D 189 -29.47 30.81 -12.72
C GLY D 189 -29.37 31.26 -11.28
N PHE D 190 -28.96 30.36 -10.39
CA PHE D 190 -28.80 30.74 -8.99
C PHE D 190 -27.65 31.73 -8.82
N ARG D 191 -26.51 31.45 -9.45
CA ARG D 191 -25.37 32.36 -9.36
C ARG D 191 -25.74 33.76 -9.87
N ARG D 192 -26.49 33.80 -10.96
CA ARG D 192 -26.90 35.10 -11.53
C ARG D 192 -27.85 35.84 -10.58
N LEU D 193 -29.02 35.26 -10.27
CA LEU D 193 -30.04 35.99 -9.47
C LEU D 193 -29.58 36.34 -8.05
N TYR D 194 -28.83 35.46 -7.38
CA TYR D 194 -28.51 35.72 -5.94
C TYR D 194 -27.42 36.75 -5.80
N ALA D 195 -26.87 37.23 -6.90
CA ALA D 195 -25.89 38.33 -6.81
C ALA D 195 -26.64 39.66 -7.00
N LYS D 196 -27.81 39.62 -7.62
CA LYS D 196 -28.55 40.84 -7.90
C LYS D 196 -29.64 41.10 -6.87
N VAL D 197 -29.44 40.69 -5.63
CA VAL D 197 -30.48 40.85 -4.63
C VAL D 197 -30.29 42.15 -3.85
N GLY D 201 -30.12 48.63 1.12
CA GLY D 201 -28.87 49.26 0.71
C GLY D 201 -27.65 48.66 1.40
N THR D 202 -27.27 47.47 0.97
CA THR D 202 -26.11 46.76 1.50
C THR D 202 -25.73 45.67 0.50
N THR D 203 -24.64 44.96 0.81
CA THR D 203 -24.13 43.89 -0.04
C THR D 203 -24.33 42.56 0.69
N LEU D 204 -25.14 41.68 0.10
CA LEU D 204 -25.49 40.41 0.75
C LEU D 204 -24.46 39.29 0.68
N PHE D 205 -24.20 38.79 -0.53
CA PHE D 205 -23.25 37.69 -0.72
C PHE D 205 -22.00 38.36 -1.28
N ALA D 206 -21.30 39.08 -0.40
CA ALA D 206 -20.15 39.88 -0.81
C ALA D 206 -18.91 39.03 -1.03
N GLY D 207 -18.52 38.25 -0.01
CA GLY D 207 -17.28 37.51 -0.09
C GLY D 207 -17.29 36.46 -1.19
N ARG D 208 -16.08 36.07 -1.59
CA ARG D 208 -15.94 35.12 -2.68
C ARG D 208 -16.62 33.79 -2.35
N ASP D 209 -16.48 33.33 -1.11
CA ASP D 209 -17.02 32.05 -0.68
C ASP D 209 -18.43 32.16 -0.11
N ASP D 210 -19.12 33.29 -0.34
CA ASP D 210 -20.47 33.45 0.18
C ASP D 210 -21.50 32.67 -0.63
N LEU D 211 -21.20 32.36 -1.89
CA LEU D 211 -22.05 31.50 -2.71
C LEU D 211 -21.31 30.21 -3.07
N ALA D 212 -20.54 29.68 -2.13
CA ALA D 212 -19.80 28.45 -2.38
C ALA D 212 -20.72 27.34 -2.86
N TRP D 213 -21.90 27.23 -2.24
CA TRP D 213 -22.90 26.26 -2.67
C TRP D 213 -23.06 26.29 -4.19
N VAL D 214 -23.25 27.49 -4.73
CA VAL D 214 -23.45 27.60 -6.16
C VAL D 214 -22.15 27.35 -6.91
N ASP D 215 -21.04 27.94 -6.41
CA ASP D 215 -19.78 27.84 -7.14
C ASP D 215 -19.35 26.40 -7.26
N SER D 216 -19.31 25.67 -6.14
CA SER D 216 -18.92 24.27 -6.20
C SER D 216 -19.82 23.48 -7.13
N HIS D 217 -21.10 23.84 -7.24
CA HIS D 217 -22.00 23.11 -8.12
C HIS D 217 -21.64 23.32 -9.60
N ILE D 218 -21.37 24.57 -9.95
CA ILE D 218 -21.01 24.91 -11.36
C ILE D 218 -19.81 24.06 -11.78
N LYS D 219 -18.86 23.87 -10.86
CA LYS D 219 -17.64 23.10 -11.20
C LYS D 219 -17.97 21.61 -11.33
N ALA D 220 -18.81 21.09 -10.45
CA ALA D 220 -19.09 19.64 -10.43
C ALA D 220 -20.12 19.25 -11.49
N GLU D 221 -20.89 20.21 -12.00
CA GLU D 221 -21.95 19.80 -12.92
C GLU D 221 -21.45 19.44 -14.31
N THR D 222 -20.28 19.93 -14.72
CA THR D 222 -19.59 19.59 -15.98
C THR D 222 -19.21 18.10 -16.09
N MET D 223 -19.39 17.34 -15.02
CA MET D 223 -19.11 15.91 -14.92
C MET D 223 -20.32 15.04 -14.60
N HIS D 224 -21.24 15.52 -13.77
CA HIS D 224 -22.43 14.76 -13.40
C HIS D 224 -23.30 14.44 -14.61
N ALA D 225 -23.53 15.44 -15.47
CA ALA D 225 -24.39 15.27 -16.63
C ALA D 225 -23.87 14.15 -17.54
N ALA D 226 -22.56 14.05 -17.69
CA ALA D 226 -21.99 12.93 -18.44
C ALA D 226 -22.21 11.62 -17.69
N GLN D 227 -22.17 11.65 -16.35
CA GLN D 227 -22.29 10.43 -15.58
C GLN D 227 -23.65 9.78 -15.78
N VAL D 228 -24.72 10.58 -15.82
CA VAL D 228 -26.04 9.96 -16.01
C VAL D 228 -26.35 9.61 -17.47
N SER D 229 -25.60 10.15 -18.44
CA SER D 229 -25.86 9.92 -19.85
C SER D 229 -24.99 8.85 -20.49
N ASP D 230 -24.12 8.19 -19.71
CA ASP D 230 -23.20 7.20 -20.26
C ASP D 230 -23.91 6.08 -21.02
N GLU D 231 -23.34 5.71 -22.16
CA GLU D 231 -23.86 4.59 -22.94
C GLU D 231 -23.56 3.25 -22.29
N ASP D 232 -22.59 3.19 -21.38
CA ASP D 232 -22.17 1.95 -20.73
C ASP D 232 -22.60 1.87 -19.27
N THR D 233 -22.48 2.95 -18.51
CA THR D 233 -22.84 2.96 -17.09
C THR D 233 -23.85 4.06 -16.76
N GLY D 234 -24.58 4.55 -17.75
CA GLY D 234 -25.54 5.61 -17.53
C GLY D 234 -26.90 5.10 -17.08
N MET D 235 -27.80 6.07 -16.83
CA MET D 235 -29.06 5.73 -16.18
C MET D 235 -29.89 4.78 -17.02
N THR D 236 -29.90 4.99 -18.35
CA THR D 236 -30.69 4.09 -19.20
C THR D 236 -30.10 2.69 -19.26
N ARG D 237 -28.88 2.49 -18.76
CA ARG D 237 -28.34 1.14 -18.67
C ARG D 237 -28.86 0.36 -17.46
N LEU D 238 -29.66 1.00 -16.60
CA LEU D 238 -30.39 0.26 -15.59
C LEU D 238 -31.72 -0.26 -16.12
N VAL D 239 -32.10 0.15 -17.32
CA VAL D 239 -33.27 -0.38 -17.99
C VAL D 239 -32.90 -1.72 -18.61
N ALA D 240 -33.53 -2.79 -18.14
CA ALA D 240 -33.17 -4.14 -18.53
C ALA D 240 -34.09 -4.75 -19.57
N ASP D 241 -35.07 -4.00 -20.07
CA ASP D 241 -36.22 -4.58 -20.77
C ASP D 241 -36.63 -3.67 -21.92
N ARG D 242 -37.44 -4.22 -22.82
CA ARG D 242 -38.24 -3.37 -23.70
C ARG D 242 -39.40 -2.76 -22.92
N GLU D 243 -40.00 -3.57 -22.03
CA GLU D 243 -41.10 -3.10 -21.20
C GLU D 243 -40.62 -2.04 -20.20
N GLN D 244 -39.52 -2.33 -19.50
CA GLN D 244 -38.94 -1.32 -18.62
C GLN D 244 -38.55 -0.08 -19.40
N ALA D 245 -38.13 -0.24 -20.66
CA ALA D 245 -37.83 0.91 -21.50
C ALA D 245 -39.06 1.78 -21.70
N GLU D 246 -40.21 1.16 -21.98
CA GLU D 246 -41.41 1.96 -22.19
C GLU D 246 -41.83 2.65 -20.91
N GLU D 247 -41.79 1.93 -19.79
CA GLU D 247 -42.13 2.55 -18.51
C GLU D 247 -41.20 3.71 -18.19
N PHE D 248 -39.91 3.54 -18.49
CA PHE D 248 -38.93 4.60 -18.26
C PHE D 248 -39.27 5.84 -19.08
N LEU D 249 -39.69 5.65 -20.32
CA LEU D 249 -40.00 6.81 -21.16
C LEU D 249 -41.22 7.56 -20.63
N THR D 250 -42.29 6.84 -20.25
CA THR D 250 -43.46 7.55 -19.73
C THR D 250 -43.15 8.26 -18.41
N ALA D 251 -42.38 7.61 -17.54
CA ALA D 251 -42.01 8.24 -16.27
C ALA D 251 -41.18 9.49 -16.49
N VAL D 252 -40.19 9.44 -17.39
CA VAL D 252 -39.42 10.62 -17.72
C VAL D 252 -40.32 11.74 -18.22
N ARG D 253 -41.32 11.40 -19.03
CA ARG D 253 -42.21 12.43 -19.57
C ARG D 253 -42.91 13.17 -18.44
N GLU D 254 -43.61 12.42 -17.58
CA GLU D 254 -44.37 13.05 -16.50
C GLU D 254 -43.45 13.82 -15.54
N TYR D 255 -42.30 13.24 -15.21
CA TYR D 255 -41.40 13.86 -14.23
C TYR D 255 -40.80 15.14 -14.78
N ALA D 256 -40.34 15.13 -16.03
CA ALA D 256 -39.81 16.33 -16.64
C ALA D 256 -40.87 17.42 -16.73
N ALA D 257 -42.13 17.04 -16.99
CA ALA D 257 -43.20 18.03 -16.99
C ALA D 257 -43.33 18.71 -15.63
N HIS D 258 -43.35 17.91 -14.55
CA HIS D 258 -43.42 18.50 -13.22
C HIS D 258 -42.24 19.44 -12.96
N TRP D 259 -41.05 19.04 -13.39
CA TRP D 259 -39.86 19.88 -13.17
C TRP D 259 -40.00 21.20 -13.90
N SER D 260 -40.46 21.17 -15.15
CA SER D 260 -40.65 22.39 -15.91
C SER D 260 -41.64 23.32 -15.22
N ALA D 261 -42.77 22.79 -14.76
CA ALA D 261 -43.75 23.64 -14.08
C ALA D 261 -43.15 24.31 -12.83
N ALA D 262 -42.43 23.52 -12.03
CA ALA D 262 -41.82 24.08 -10.83
C ALA D 262 -40.84 25.19 -11.18
N LEU D 263 -40.03 24.98 -12.21
CA LEU D 263 -39.07 26.01 -12.60
C LEU D 263 -39.77 27.22 -13.22
N GLU D 264 -40.96 27.01 -13.82
CA GLU D 264 -41.80 28.11 -14.28
C GLU D 264 -42.15 29.06 -13.15
N THR D 265 -42.51 28.49 -12.00
CA THR D 265 -42.88 29.36 -10.88
C THR D 265 -41.71 30.21 -10.38
N TYR D 266 -40.47 29.78 -10.65
CA TYR D 266 -39.31 30.60 -10.32
C TYR D 266 -39.30 31.90 -11.12
N ALA D 267 -39.52 31.78 -12.44
CA ALA D 267 -39.64 32.98 -13.28
C ALA D 267 -40.79 33.85 -12.80
N GLN D 268 -41.93 33.24 -12.51
CA GLN D 268 -43.08 34.01 -12.01
C GLN D 268 -42.71 34.82 -10.78
N ALA D 269 -42.03 34.17 -9.81
CA ALA D 269 -41.61 34.87 -8.61
C ALA D 269 -40.60 35.98 -8.93
N LEU D 270 -39.72 35.74 -9.91
CA LEU D 270 -38.72 36.74 -10.28
C LEU D 270 -39.37 37.99 -10.87
N ARG D 271 -40.46 37.82 -11.62
CA ARG D 271 -41.09 38.97 -12.26
C ARG D 271 -41.80 39.88 -11.25
N ASP D 272 -42.30 39.33 -10.16
CA ASP D 272 -43.06 40.11 -9.19
C ASP D 272 -42.13 40.79 -8.18
N LEU E 8 2.99 -12.80 39.14
CA LEU E 8 3.50 -13.79 38.18
C LEU E 8 2.49 -14.88 37.91
N SER E 9 1.38 -14.86 38.64
CA SER E 9 0.33 -15.85 38.51
C SER E 9 -0.86 -15.25 37.77
N ALA E 10 -1.69 -16.11 37.19
CA ALA E 10 -2.79 -15.59 36.42
C ALA E 10 -3.87 -15.00 37.31
N ALA E 11 -3.93 -15.44 38.57
CA ALA E 11 -4.74 -14.73 39.57
C ALA E 11 -4.17 -13.34 39.80
N GLU E 12 -2.85 -13.22 39.82
CA GLU E 12 -2.23 -11.90 39.99
C GLU E 12 -2.51 -10.99 38.81
N GLN E 13 -2.48 -11.53 37.59
CA GLN E 13 -2.84 -10.72 36.43
C GLN E 13 -4.30 -10.27 36.48
N GLN E 14 -5.22 -11.20 36.77
CA GLN E 14 -6.62 -10.80 36.86
C GLN E 14 -6.81 -9.71 37.91
N ASP E 15 -6.25 -9.91 39.09
CA ASP E 15 -6.37 -8.93 40.17
C ASP E 15 -5.78 -7.59 39.78
N LEU E 16 -4.51 -7.58 39.37
CA LEU E 16 -3.82 -6.34 39.01
C LEU E 16 -4.54 -5.59 37.90
N ASP E 17 -4.90 -6.29 36.82
CA ASP E 17 -5.61 -5.65 35.71
C ASP E 17 -6.91 -4.99 36.19
N ALA E 18 -7.68 -5.71 37.00
CA ALA E 18 -8.94 -5.15 37.48
C ALA E 18 -8.68 -3.98 38.43
N ARG E 19 -7.67 -4.09 39.28
CA ARG E 19 -7.32 -3.02 40.21
C ARG E 19 -6.85 -1.76 39.47
N VAL E 20 -6.13 -1.94 38.36
CA VAL E 20 -5.73 -0.80 37.55
C VAL E 20 -6.97 -0.12 36.96
N GLY E 21 -7.87 -0.93 36.41
CA GLY E 21 -9.14 -0.39 35.96
C GLY E 21 -9.86 0.39 37.05
N LYS E 22 -9.86 -0.16 38.26
CA LYS E 22 -10.50 0.52 39.40
C LYS E 22 -9.79 1.82 39.74
N GLU E 23 -8.45 1.83 39.65
CA GLU E 23 -7.70 3.06 39.88
C GLU E 23 -8.13 4.15 38.91
N ILE E 24 -8.23 3.81 37.63
CA ILE E 24 -8.64 4.80 36.63
C ILE E 24 -10.10 5.20 36.85
N ASP E 25 -10.94 4.27 37.29
CA ASP E 25 -12.31 4.58 37.65
C ASP E 25 -12.37 5.64 38.75
N ALA E 26 -11.71 5.38 39.87
CA ALA E 26 -11.75 6.29 41.00
C ALA E 26 -11.22 7.68 40.65
N ALA E 27 -10.30 7.76 39.69
CA ALA E 27 -9.71 9.05 39.31
C ALA E 27 -10.66 9.92 38.49
N ARG E 28 -11.90 9.49 38.27
CA ARG E 28 -12.87 10.22 37.46
C ARG E 28 -12.27 10.61 36.11
N LEU E 29 -11.85 9.57 35.38
CA LEU E 29 -11.27 9.75 34.05
C LEU E 29 -12.13 9.13 32.96
N ARG E 30 -13.25 8.50 33.31
CA ARG E 30 -14.06 7.87 32.30
C ARG E 30 -14.99 8.89 31.64
N ARG E 31 -15.63 8.48 30.55
CA ARG E 31 -16.50 9.41 29.79
C ARG E 31 -17.56 10.04 30.68
N ALA E 32 -18.23 9.23 31.50
CA ALA E 32 -19.37 9.74 32.31
C ALA E 32 -18.92 10.77 33.34
N ASP E 33 -17.80 10.52 34.02
CA ASP E 33 -17.36 11.41 35.13
C ASP E 33 -16.53 12.56 34.56
N ASN E 34 -15.22 12.54 34.76
CA ASN E 34 -14.34 13.66 34.33
C ASN E 34 -15.05 15.00 34.49
N ALA E 35 -15.06 15.82 33.44
CA ALA E 35 -15.67 17.16 33.47
C ALA E 35 -15.33 17.80 32.13
N PHE E 36 -14.09 17.65 31.70
CA PHE E 36 -13.72 18.16 30.36
C PHE E 36 -14.66 17.50 29.37
N PHE E 37 -14.80 16.17 29.46
CA PHE E 37 -15.62 15.49 28.47
C PHE E 37 -17.03 16.06 28.47
N GLY E 38 -17.59 16.25 29.65
CA GLY E 38 -18.96 16.82 29.76
C GLY E 38 -19.00 18.26 29.30
N GLU E 39 -18.03 19.07 29.74
CA GLU E 39 -18.05 20.51 29.41
C GLU E 39 -17.95 20.67 27.90
N ALA E 40 -17.08 19.89 27.25
CA ALA E 40 -16.87 20.04 25.80
C ALA E 40 -18.15 19.67 25.04
N ARG E 41 -18.89 18.69 25.55
CA ARG E 41 -20.12 18.25 24.86
C ARG E 41 -21.22 19.31 24.99
N LYS E 42 -21.39 19.87 26.19
CA LYS E 42 -22.53 20.81 26.40
C LYS E 42 -22.17 22.21 25.92
N ALA E 43 -20.89 22.54 25.94
CA ALA E 43 -20.45 23.87 25.48
C ALA E 43 -21.29 24.30 24.27
N GLU E 44 -22.09 25.34 24.42
CA GLU E 44 -22.85 25.87 23.27
C GLU E 44 -21.85 26.49 22.30
N SER E 45 -20.87 27.20 22.84
CA SER E 45 -19.84 27.84 22.00
C SER E 45 -18.53 27.94 22.77
N VAL E 46 -17.42 28.08 22.06
CA VAL E 46 -16.10 28.21 22.67
C VAL E 46 -15.39 29.41 22.08
N THR E 47 -14.76 30.20 22.95
CA THR E 47 -14.00 31.37 22.56
C THR E 47 -12.65 30.96 21.97
N PRO E 48 -12.08 31.77 21.07
CA PRO E 48 -10.75 31.45 20.56
C PRO E 48 -9.68 31.52 21.64
N GLU E 49 -9.96 32.21 22.75
CA GLU E 49 -9.01 32.28 23.86
C GLU E 49 -9.00 30.97 24.64
N ALA E 50 -10.19 30.44 24.97
CA ALA E 50 -10.26 29.13 25.59
C ALA E 50 -9.66 28.06 24.69
N ALA E 51 -9.97 28.11 23.40
CA ALA E 51 -9.41 27.15 22.45
C ALA E 51 -7.89 27.22 22.42
N LEU E 52 -7.33 28.43 22.35
CA LEU E 52 -5.87 28.58 22.32
C LEU E 52 -5.23 28.11 23.62
N ALA E 53 -5.88 28.36 24.76
CA ALA E 53 -5.33 27.91 26.04
C ALA E 53 -5.29 26.38 26.09
N ILE E 54 -6.38 25.73 25.70
CA ILE E 54 -6.41 24.27 25.64
C ILE E 54 -5.35 23.77 24.68
N ALA E 55 -5.17 24.46 23.55
CA ALA E 55 -4.16 24.06 22.57
C ALA E 55 -2.76 24.08 23.17
N HIS E 56 -2.42 25.14 23.89
CA HIS E 56 -1.10 25.21 24.51
C HIS E 56 -0.91 24.10 25.54
N ARG E 57 -1.92 23.88 26.39
CA ARG E 57 -1.81 22.83 27.39
C ARG E 57 -1.63 21.47 26.74
N TRP E 58 -2.40 21.19 25.70
CA TRP E 58 -2.30 19.90 25.02
C TRP E 58 -0.95 19.74 24.34
N ARG E 59 -0.46 20.79 23.68
CA ARG E 59 0.88 20.73 23.09
C ARG E 59 1.90 20.29 24.13
N ALA E 60 1.90 20.95 25.29
CA ALA E 60 2.89 20.60 26.31
C ALA E 60 2.68 19.17 26.80
N MET E 61 1.44 18.77 27.01
CA MET E 61 1.16 17.46 27.59
C MET E 61 1.50 16.32 26.63
N THR E 62 1.20 16.47 25.34
CA THR E 62 1.54 15.41 24.39
C THR E 62 3.02 15.34 24.12
N LYS E 63 3.67 16.51 23.97
CA LYS E 63 5.12 16.52 23.83
C LYS E 63 5.79 15.78 24.98
N ALA E 64 5.39 16.11 26.22
CA ALA E 64 5.98 15.46 27.38
C ALA E 64 5.63 13.97 27.42
N PHE E 65 4.37 13.62 27.13
CA PHE E 65 3.97 12.22 27.11
C PHE E 65 4.86 11.41 26.17
N MET E 66 4.99 11.88 24.92
CA MET E 66 5.77 11.14 23.93
C MET E 66 7.22 11.01 24.36
N PHE E 67 7.86 12.14 24.71
CA PHE E 67 9.29 12.10 24.99
C PHE E 67 9.59 11.28 26.25
N THR E 68 8.83 11.48 27.32
CA THR E 68 9.08 10.74 28.55
C THR E 68 8.69 9.27 28.41
N THR E 69 7.71 8.94 27.57
CA THR E 69 7.41 7.54 27.32
C THR E 69 8.53 6.86 26.56
N LEU E 70 9.09 7.54 25.56
CA LEU E 70 10.28 7.01 24.87
C LEU E 70 11.44 6.83 25.85
N SER E 71 11.63 7.79 26.75
CA SER E 71 12.67 7.67 27.77
C SER E 71 12.46 6.45 28.66
N GLY E 72 11.22 6.25 29.12
CA GLY E 72 10.93 5.08 29.92
C GLY E 72 11.16 3.78 29.16
N LEU E 73 10.84 3.79 27.87
CA LEU E 73 11.15 2.66 27.00
C LEU E 73 12.65 2.37 27.02
N GLY E 74 13.46 3.41 26.90
CA GLY E 74 14.90 3.23 26.96
C GLY E 74 15.37 2.71 28.32
N VAL E 75 14.73 3.17 29.39
CA VAL E 75 15.07 2.66 30.73
C VAL E 75 14.81 1.17 30.78
N MET E 76 13.65 0.74 30.27
CA MET E 76 13.35 -0.69 30.21
C MET E 76 14.38 -1.43 29.36
N ALA E 77 14.86 -0.80 28.30
CA ALA E 77 15.83 -1.47 27.43
C ALA E 77 17.12 -1.78 28.21
N ARG E 78 17.61 -0.81 28.97
CA ARG E 78 18.87 -0.99 29.75
C ARG E 78 18.70 -2.11 30.78
N ARG E 79 17.59 -2.11 31.50
CA ARG E 79 17.35 -3.16 32.53
C ARG E 79 17.26 -4.52 31.86
N PHE E 80 16.69 -4.58 30.64
CA PHE E 80 16.60 -5.86 29.90
C PHE E 80 18.00 -6.27 29.46
N GLN E 81 18.83 -5.29 29.10
CA GLN E 81 20.21 -5.66 28.74
C GLN E 81 20.95 -6.19 29.95
N GLY E 82 20.55 -5.76 31.14
CA GLY E 82 21.17 -6.31 32.35
C GLY E 82 20.86 -7.80 32.50
N GLN E 83 19.77 -8.27 31.90
CA GLN E 83 19.36 -9.68 32.09
C GLN E 83 20.04 -10.55 31.04
N ASP E 84 20.16 -11.85 31.30
CA ASP E 84 20.87 -12.76 30.37
C ASP E 84 19.91 -13.24 29.29
N ALA E 85 18.75 -13.75 29.70
CA ALA E 85 17.74 -14.20 28.73
C ALA E 85 16.40 -13.53 29.07
N PRO E 86 16.21 -12.24 28.74
CA PRO E 86 14.98 -11.54 29.06
C PRO E 86 13.73 -12.40 28.77
N ASP E 87 12.77 -12.41 29.70
CA ASP E 87 11.54 -13.21 29.54
C ASP E 87 10.83 -12.82 28.25
N HIS E 88 10.36 -13.81 27.50
CA HIS E 88 9.74 -13.54 26.20
C HIS E 88 8.40 -12.82 26.33
N GLU E 89 7.63 -13.09 27.39
CA GLU E 89 6.35 -12.41 27.56
C GLU E 89 6.53 -10.93 27.87
N LEU E 90 7.48 -10.60 28.74
CA LEU E 90 7.83 -9.21 28.99
C LEU E 90 8.32 -8.55 27.70
N LEU E 91 9.04 -9.30 26.87
CA LEU E 91 9.50 -8.75 25.60
C LEU E 91 8.33 -8.47 24.66
N ALA E 92 7.30 -9.31 24.66
CA ALA E 92 6.11 -9.04 23.87
C ALA E 92 5.42 -7.76 24.32
N ALA E 93 5.29 -7.58 25.64
CA ALA E 93 4.70 -6.34 26.14
C ALA E 93 5.56 -5.13 25.77
N PHE E 94 6.87 -5.30 25.83
CA PHE E 94 7.81 -4.26 25.40
C PHE E 94 7.58 -3.89 23.93
N GLN E 95 7.38 -4.89 23.08
CA GLN E 95 7.07 -4.66 21.68
C GLN E 95 5.78 -3.84 21.53
N THR E 96 4.78 -4.14 22.37
CA THR E 96 3.55 -3.34 22.34
C THR E 96 3.84 -1.88 22.69
N VAL E 97 4.66 -1.67 23.74
CA VAL E 97 5.09 -0.31 24.08
C VAL E 97 5.65 0.38 22.85
N TYR E 98 6.58 -0.31 22.17
CA TYR E 98 7.26 0.29 21.03
C TYR E 98 6.27 0.69 19.94
N GLN E 99 5.37 -0.21 19.57
CA GLN E 99 4.43 0.09 18.50
C GLN E 99 3.54 1.27 18.84
N VAL E 100 2.92 1.22 20.03
CA VAL E 100 1.93 2.23 20.39
C VAL E 100 2.58 3.60 20.45
N ILE E 101 3.71 3.73 21.18
CA ILE E 101 4.31 5.05 21.28
C ILE E 101 4.93 5.48 19.96
N GLY E 102 5.33 4.53 19.10
CA GLY E 102 5.83 4.90 17.78
C GLY E 102 4.81 5.51 16.87
N ASP E 103 3.52 5.26 17.11
CA ASP E 103 2.53 5.94 16.30
C ASP E 103 2.62 7.46 16.43
N ASP E 104 2.85 7.97 17.65
CA ASP E 104 3.00 9.41 17.84
C ASP E 104 4.25 9.95 17.16
N LEU E 105 5.30 9.15 17.07
CA LEU E 105 6.57 9.60 16.51
C LEU E 105 6.65 9.49 15.00
N ASP E 106 5.98 8.51 14.39
CA ASP E 106 6.18 8.27 12.97
C ASP E 106 4.93 7.80 12.21
N ASN E 107 3.76 7.75 12.83
CA ASN E 107 2.49 7.56 12.12
C ASN E 107 2.45 6.25 11.34
N ALA E 108 2.82 5.15 12.01
CA ALA E 108 2.81 3.85 11.34
C ALA E 108 1.39 3.37 11.08
N ALA E 109 0.48 3.56 12.04
CA ALA E 109 -0.87 3.04 11.98
C ALA E 109 -1.59 3.52 10.73
N PRO E 110 -2.51 2.72 10.18
CA PRO E 110 -3.20 3.14 8.94
C PRO E 110 -3.95 4.45 9.10
N ALA E 111 -4.62 4.64 10.24
CA ALA E 111 -5.38 5.87 10.47
C ALA E 111 -4.50 7.10 10.35
N PHE E 112 -3.24 7.01 10.79
CA PHE E 112 -2.35 8.16 10.73
C PHE E 112 -1.59 8.25 9.41
N ARG E 113 -1.15 7.11 8.87
CA ARG E 113 -0.36 7.12 7.64
C ARG E 113 -1.11 7.76 6.49
N GLU E 114 -2.45 7.67 6.49
CA GLU E 114 -3.23 8.20 5.38
C GLU E 114 -3.20 9.72 5.36
N VAL E 115 -3.24 10.36 6.53
CA VAL E 115 -3.46 11.80 6.63
C VAL E 115 -2.27 12.56 7.19
N ALA E 116 -1.35 11.88 7.85
CA ALA E 116 -0.29 12.59 8.59
C ALA E 116 0.70 13.32 7.68
N PRO E 117 1.21 14.50 8.11
CA PRO E 117 2.22 15.20 7.36
C PRO E 117 3.50 14.35 7.38
N ARG E 118 4.42 14.64 6.48
CA ARG E 118 5.62 13.79 6.40
C ARG E 118 6.72 14.32 7.30
N GLY E 119 7.58 13.45 7.82
CA GLY E 119 8.74 13.87 8.61
C GLY E 119 8.39 14.44 9.97
N PRO E 120 9.17 15.41 10.46
CA PRO E 120 8.96 15.95 11.79
C PRO E 120 7.55 16.52 11.95
N ALA E 121 7.01 17.08 10.87
CA ALA E 121 5.69 17.69 10.96
C ALA E 121 4.60 16.68 11.31
N GLY E 122 4.88 15.39 11.18
CA GLY E 122 3.94 14.36 11.54
C GLY E 122 4.04 13.90 12.97
N ILE E 123 5.12 14.28 13.68
CA ILE E 123 5.16 14.09 15.12
C ILE E 123 3.96 14.80 15.72
N HIS E 124 3.26 14.11 16.62
CA HIS E 124 1.88 14.49 16.91
C HIS E 124 1.78 15.84 17.62
N TYR E 125 2.72 16.16 18.50
CA TYR E 125 2.67 17.48 19.11
C TYR E 125 3.01 18.58 18.09
N VAL E 126 3.88 18.29 17.13
CA VAL E 126 4.19 19.26 16.08
C VAL E 126 3.00 19.43 15.15
N TRP E 127 2.41 18.31 14.75
CA TRP E 127 1.19 18.33 13.95
C TRP E 127 0.08 19.12 14.63
N TRP E 128 -0.08 18.94 15.94
CA TRP E 128 -1.08 19.68 16.70
C TRP E 128 -0.73 21.16 16.75
N GLU E 129 0.54 21.49 16.93
CA GLU E 129 0.99 22.89 16.82
C GLU E 129 0.53 23.49 15.51
N ASP E 130 0.80 22.79 14.41
CA ASP E 130 0.64 23.39 13.09
C ASP E 130 -0.81 23.47 12.65
N THR E 131 -1.66 22.50 13.03
CA THR E 131 -3.00 22.45 12.48
C THR E 131 -4.10 22.91 13.44
N VAL E 132 -3.82 22.96 14.74
CA VAL E 132 -4.77 23.43 15.74
C VAL E 132 -4.28 24.72 16.40
N LEU E 133 -3.15 24.65 17.12
CA LEU E 133 -2.64 25.77 17.91
C LEU E 133 -2.49 27.06 17.09
N LYS E 134 -1.57 27.07 16.12
CA LYS E 134 -1.33 28.28 15.35
C LYS E 134 -2.56 28.84 14.65
N PRO E 135 -3.41 28.03 14.00
CA PRO E 135 -4.64 28.59 13.41
C PRO E 135 -5.56 29.25 14.43
N VAL E 136 -5.68 28.67 15.63
CA VAL E 136 -6.50 29.32 16.66
C VAL E 136 -5.82 30.58 17.17
N ALA E 137 -4.48 30.57 17.21
CA ALA E 137 -3.76 31.74 17.71
C ALA E 137 -3.87 32.91 16.75
N ALA E 138 -4.12 32.64 15.48
CA ALA E 138 -4.35 33.73 14.53
C ALA E 138 -5.60 34.56 14.89
N HIS E 139 -6.54 34.00 15.64
CA HIS E 139 -7.78 34.69 16.00
C HIS E 139 -7.77 35.18 17.45
N VAL E 140 -6.61 35.37 18.05
CA VAL E 140 -6.48 35.87 19.41
C VAL E 140 -5.45 36.99 19.41
N ALA E 141 -5.77 38.11 20.08
CA ALA E 141 -4.85 39.24 20.13
C ALA E 141 -3.63 38.91 21.00
N GLU E 142 -2.53 39.62 20.72
CA GLU E 142 -1.22 39.28 21.26
C GLU E 142 -1.20 39.13 22.78
N GLU E 143 -1.85 40.04 23.49
CA GLU E 143 -1.84 39.99 24.95
C GLU E 143 -2.57 38.73 25.45
N ASP E 144 -3.67 38.38 24.79
CA ASP E 144 -4.40 37.20 25.24
C ASP E 144 -3.68 35.92 24.84
N ARG E 145 -2.86 35.95 23.78
CA ARG E 145 -2.03 34.78 23.49
C ARG E 145 -1.00 34.58 24.60
N GLN E 146 -0.28 35.65 24.95
CA GLN E 146 0.68 35.54 26.05
C GLN E 146 0.00 35.03 27.30
N SER E 147 -1.26 35.42 27.51
CA SER E 147 -1.98 34.93 28.68
C SER E 147 -2.32 33.44 28.55
N ALA E 148 -2.76 33.01 27.36
CA ALA E 148 -3.19 31.63 27.15
C ALA E 148 -2.05 30.62 27.25
N ALA E 149 -0.81 31.05 27.00
CA ALA E 149 0.32 30.13 27.03
C ALA E 149 0.77 29.78 28.44
N VAL E 150 0.29 30.51 29.45
CA VAL E 150 0.72 30.27 30.83
C VAL E 150 0.05 28.99 31.31
N LEU E 151 0.85 28.04 31.75
CA LEU E 151 0.27 26.74 32.05
C LEU E 151 -0.26 26.71 33.48
N PRO E 152 -1.48 26.23 33.70
CA PRO E 152 -1.99 26.09 35.06
C PRO E 152 -1.09 25.21 35.92
N ARG E 153 -1.26 25.34 37.24
CA ARG E 153 -0.45 24.58 38.18
C ARG E 153 -0.69 23.08 38.04
N ALA E 154 -1.93 22.68 37.75
CA ALA E 154 -2.22 21.25 37.57
C ALA E 154 -1.52 20.70 36.33
N VAL E 155 -1.42 21.51 35.29
CA VAL E 155 -0.74 21.08 34.07
C VAL E 155 0.73 20.84 34.36
N THR E 156 1.37 21.78 35.05
CA THR E 156 2.77 21.61 35.43
C THR E 156 2.97 20.43 36.37
N GLY E 157 1.98 20.14 37.22
CA GLY E 157 2.09 18.97 38.07
C GLY E 157 2.08 17.68 37.27
N LEU E 158 1.21 17.59 36.26
CA LEU E 158 1.26 16.43 35.37
C LEU E 158 2.60 16.35 34.64
N LEU E 159 3.11 17.49 34.18
CA LEU E 159 4.39 17.49 33.48
C LEU E 159 5.52 16.99 34.38
N ASP E 160 5.51 17.40 35.65
CA ASP E 160 6.53 16.91 36.59
C ASP E 160 6.37 15.41 36.84
N SER E 161 5.14 14.94 36.94
CA SER E 161 4.91 13.50 37.06
C SER E 161 5.50 12.75 35.88
N MET E 162 5.28 13.27 34.66
CA MET E 162 5.86 12.64 33.48
C MET E 162 7.38 12.66 33.52
N ASP E 163 7.97 13.78 33.93
CA ASP E 163 9.43 13.85 34.04
C ASP E 163 9.96 12.82 35.04
N ARG E 164 9.22 12.54 36.11
CA ARG E 164 9.64 11.49 37.03
C ARG E 164 9.54 10.12 36.36
N LEU E 165 8.41 9.84 35.71
CA LEU E 165 8.23 8.55 35.07
C LEU E 165 9.19 8.33 33.91
N ALA E 166 9.79 9.40 33.39
CA ALA E 166 10.75 9.25 32.29
C ALA E 166 11.94 8.37 32.64
N THR E 167 12.26 8.25 33.93
CA THR E 167 13.39 7.44 34.37
C THR E 167 12.95 6.27 35.24
N HIS E 168 11.65 6.05 35.36
CA HIS E 168 11.09 4.98 36.16
C HIS E 168 11.12 3.66 35.37
N PRO E 169 11.54 2.55 35.99
CA PRO E 169 11.59 1.28 35.25
C PRO E 169 10.24 0.80 34.74
N LEU E 170 9.13 1.34 35.25
CA LEU E 170 7.80 1.02 34.74
C LEU E 170 7.10 2.25 34.17
N GLY E 171 7.80 3.36 34.01
CA GLY E 171 7.13 4.60 33.63
C GLY E 171 6.42 4.53 32.30
N ALA E 172 7.06 3.92 31.29
CA ALA E 172 6.43 3.81 29.99
C ALA E 172 5.14 3.00 30.06
N ALA E 173 5.15 1.91 30.82
CA ALA E 173 3.96 1.08 30.97
C ALA E 173 2.83 1.83 31.67
N VAL E 174 3.16 2.55 32.75
CA VAL E 174 2.13 3.31 33.47
C VAL E 174 1.51 4.36 32.56
N GLN E 175 2.35 5.14 31.89
CA GLN E 175 1.86 6.21 31.05
C GLN E 175 0.99 5.68 29.92
N LEU E 176 1.44 4.62 29.26
CA LEU E 176 0.64 4.08 28.16
C LEU E 176 -0.67 3.50 28.67
N ARG E 177 -0.62 2.75 29.77
CA ARG E 177 -1.81 2.10 30.32
C ARG E 177 -2.91 3.11 30.63
N VAL E 178 -2.53 4.27 31.18
CA VAL E 178 -3.57 5.26 31.52
C VAL E 178 -3.98 6.07 30.28
N VAL E 179 -2.99 6.62 29.59
CA VAL E 179 -3.25 7.59 28.52
C VAL E 179 -4.00 6.93 27.38
N GLU E 180 -3.59 5.74 26.94
CA GLU E 180 -4.27 5.12 25.82
C GLU E 180 -5.68 4.71 26.19
N ASP E 181 -5.95 4.50 27.48
CA ASP E 181 -7.31 4.19 27.91
C ASP E 181 -8.20 5.42 27.81
N ILE E 182 -7.67 6.62 28.06
CA ILE E 182 -8.52 7.82 28.05
C ILE E 182 -8.38 8.65 26.76
N ALA E 183 -7.52 8.23 25.83
CA ALA E 183 -7.19 9.05 24.67
C ALA E 183 -8.39 9.30 23.76
N LEU E 184 -9.24 8.29 23.58
CA LEU E 184 -10.37 8.44 22.65
C LEU E 184 -11.34 9.50 23.16
N ASP E 185 -11.69 9.43 24.44
CA ASP E 185 -12.57 10.46 25.02
C ASP E 185 -11.92 11.83 24.93
N ILE E 186 -10.60 11.92 25.13
CA ILE E 186 -9.94 13.22 24.97
C ILE E 186 -10.10 13.73 23.54
N ALA E 187 -9.89 12.86 22.55
CA ALA E 187 -9.99 13.26 21.15
C ALA E 187 -11.42 13.65 20.78
N VAL E 188 -12.41 12.95 21.36
CA VAL E 188 -13.80 13.29 21.09
C VAL E 188 -14.13 14.66 21.66
N GLY E 189 -13.68 14.93 22.89
CA GLY E 189 -13.82 16.27 23.44
C GLY E 189 -13.17 17.32 22.56
N PHE E 190 -12.03 16.98 21.95
CA PHE E 190 -11.36 17.92 21.06
C PHE E 190 -12.19 18.17 19.80
N ARG E 191 -12.76 17.12 19.22
CA ARG E 191 -13.58 17.28 18.00
C ARG E 191 -14.77 18.19 18.32
N ARG E 192 -15.45 17.91 19.43
CA ARG E 192 -16.66 18.70 19.77
C ARG E 192 -16.29 20.16 20.04
N LEU E 193 -15.26 20.43 20.84
CA LEU E 193 -14.94 21.83 21.22
C LEU E 193 -14.34 22.64 20.06
N TYR E 194 -13.50 22.02 19.22
CA TYR E 194 -12.81 22.82 18.18
C TYR E 194 -13.74 23.03 16.99
N ALA E 195 -14.91 22.39 17.02
CA ALA E 195 -15.91 22.60 15.94
C ALA E 195 -16.78 23.80 16.32
N LYS E 196 -16.77 24.17 17.60
CA LYS E 196 -17.61 25.27 18.06
C LYS E 196 -16.84 26.54 18.45
N VAL E 197 -15.77 26.89 17.75
CA VAL E 197 -14.98 28.06 18.12
C VAL E 197 -15.54 29.29 17.42
N GLU E 198 -16.01 30.25 18.21
CA GLU E 198 -16.73 31.42 17.69
C GLU E 198 -15.74 32.48 17.20
N VAL E 199 -15.70 32.71 15.89
CA VAL E 199 -14.99 33.86 15.34
C VAL E 199 -15.96 34.66 14.47
N PRO E 200 -15.82 35.98 14.39
CA PRO E 200 -16.82 36.79 13.68
C PRO E 200 -16.70 36.69 12.17
N GLY E 201 -17.85 36.55 11.52
CA GLY E 201 -17.91 36.46 10.07
C GLY E 201 -17.46 35.13 9.53
N THR E 202 -16.18 34.82 9.74
CA THR E 202 -15.62 33.54 9.32
C THR E 202 -15.96 32.45 10.34
N THR E 203 -15.73 31.20 9.93
CA THR E 203 -15.83 30.05 10.81
C THR E 203 -14.50 29.31 10.78
N LEU E 204 -14.10 28.75 11.93
CA LEU E 204 -12.70 28.41 12.13
C LEU E 204 -12.31 27.10 11.47
N PHE E 205 -12.89 25.98 11.92
CA PHE E 205 -12.43 24.68 11.46
C PHE E 205 -13.44 24.04 10.54
N ALA E 206 -13.79 24.75 9.46
CA ALA E 206 -14.91 24.36 8.62
C ALA E 206 -14.56 23.22 7.66
N GLY E 207 -13.34 23.23 7.12
CA GLY E 207 -13.00 22.29 6.06
C GLY E 207 -13.13 20.84 6.51
N ARG E 208 -13.36 19.97 5.53
CA ARG E 208 -13.51 18.54 5.83
C ARG E 208 -12.20 17.94 6.32
N ASP E 209 -11.06 18.53 5.94
CA ASP E 209 -9.75 18.03 6.34
C ASP E 209 -9.10 18.88 7.42
N ASP E 210 -9.83 19.83 8.01
CA ASP E 210 -9.21 20.80 8.90
C ASP E 210 -8.89 20.22 10.28
N LEU E 211 -9.53 19.13 10.69
CA LEU E 211 -9.22 18.45 11.95
C LEU E 211 -8.64 17.06 11.69
N ALA E 212 -7.76 16.93 10.69
CA ALA E 212 -7.18 15.64 10.36
C ALA E 212 -6.53 14.98 11.57
N TRP E 213 -5.80 15.77 12.37
CA TRP E 213 -5.22 15.27 13.61
C TRP E 213 -6.27 14.58 14.47
N VAL E 214 -7.40 15.27 14.70
CA VAL E 214 -8.42 14.77 15.61
C VAL E 214 -9.14 13.58 15.00
N ASP E 215 -9.45 13.65 13.71
CA ASP E 215 -10.18 12.55 13.06
C ASP E 215 -9.34 11.28 13.04
N SER E 216 -8.06 11.39 12.66
CA SER E 216 -7.20 10.22 12.66
C SER E 216 -7.05 9.64 14.07
N HIS E 217 -6.95 10.51 15.08
CA HIS E 217 -6.86 10.00 16.45
C HIS E 217 -8.13 9.29 16.86
N ILE E 218 -9.30 9.82 16.46
CA ILE E 218 -10.56 9.16 16.79
C ILE E 218 -10.62 7.79 16.12
N LYS E 219 -10.09 7.69 14.89
CA LYS E 219 -10.02 6.39 14.23
C LYS E 219 -9.13 5.42 15.00
N ALA E 220 -7.97 5.87 15.49
CA ALA E 220 -6.95 4.96 15.99
C ALA E 220 -6.97 4.69 17.49
N GLU E 221 -7.69 5.50 18.29
CA GLU E 221 -7.53 5.38 19.73
C GLU E 221 -8.27 4.18 20.33
N THR E 222 -9.30 3.67 19.66
CA THR E 222 -9.96 2.47 20.16
C THR E 222 -9.03 1.27 20.10
N MET E 223 -8.18 1.23 19.07
CA MET E 223 -7.24 0.15 18.90
C MET E 223 -6.05 0.33 19.82
N HIS E 224 -5.60 1.57 20.01
CA HIS E 224 -4.52 1.81 20.96
C HIS E 224 -4.95 1.37 22.37
N ALA E 225 -6.16 1.76 22.77
CA ALA E 225 -6.69 1.35 24.07
C ALA E 225 -6.79 -0.17 24.19
N ALA E 226 -7.17 -0.84 23.09
CA ALA E 226 -7.18 -2.30 23.13
C ALA E 226 -5.78 -2.86 23.33
N GLN E 227 -4.78 -2.25 22.70
CA GLN E 227 -3.41 -2.77 22.79
C GLN E 227 -2.84 -2.63 24.20
N VAL E 228 -3.05 -1.49 24.85
CA VAL E 228 -2.43 -1.34 26.18
C VAL E 228 -3.18 -2.09 27.27
N SER E 229 -4.45 -2.45 27.04
CA SER E 229 -5.24 -3.14 28.04
C SER E 229 -5.31 -4.64 27.82
N ASP E 230 -4.65 -5.14 26.77
CA ASP E 230 -4.67 -6.57 26.46
C ASP E 230 -4.11 -7.40 27.62
N GLU E 231 -4.76 -8.53 27.87
CA GLU E 231 -4.34 -9.45 28.93
C GLU E 231 -3.06 -10.21 28.59
N ASP E 232 -2.68 -10.30 27.32
CA ASP E 232 -1.54 -11.12 26.91
C ASP E 232 -0.30 -10.32 26.53
N THR E 233 -0.44 -9.19 25.83
CA THR E 233 0.71 -8.36 25.47
C THR E 233 0.49 -6.92 25.90
N GLY E 234 -0.38 -6.69 26.88
CA GLY E 234 -0.70 -5.36 27.33
C GLY E 234 0.28 -4.83 28.37
N MET E 235 0.02 -3.61 28.80
CA MET E 235 1.01 -2.89 29.59
C MET E 235 1.32 -3.59 30.91
N THR E 236 0.30 -4.16 31.56
CA THR E 236 0.51 -4.86 32.81
C THR E 236 1.32 -6.13 32.62
N ARG E 237 1.59 -6.51 31.36
CA ARG E 237 2.50 -7.61 31.08
C ARG E 237 3.96 -7.23 31.26
N LEU E 238 4.28 -5.97 31.51
CA LEU E 238 5.63 -5.58 31.86
C LEU E 238 5.92 -5.69 33.35
N VAL E 239 4.91 -5.93 34.16
CA VAL E 239 5.10 -6.19 35.59
C VAL E 239 5.49 -7.65 35.76
N ALA E 240 6.69 -7.90 36.26
CA ALA E 240 7.25 -9.23 36.37
C ALA E 240 7.16 -9.78 37.79
N ASP E 241 6.47 -9.06 38.68
CA ASP E 241 6.66 -9.22 40.11
C ASP E 241 5.34 -9.10 40.86
N ARG E 242 5.37 -9.53 42.12
CA ARG E 242 4.36 -9.07 43.07
C ARG E 242 4.69 -7.66 43.56
N GLU E 243 5.97 -7.36 43.77
CA GLU E 243 6.38 -6.04 44.23
C GLU E 243 6.18 -4.98 43.15
N GLN E 244 6.64 -5.27 41.92
CA GLN E 244 6.40 -4.35 40.82
C GLN E 244 4.91 -4.12 40.61
N ALA E 245 4.07 -5.12 40.90
CA ALA E 245 2.63 -4.94 40.79
C ALA E 245 2.13 -3.83 41.72
N GLU E 246 2.58 -3.84 42.97
CA GLU E 246 2.13 -2.81 43.90
C GLU E 246 2.68 -1.45 43.52
N GLU E 247 3.97 -1.40 43.15
CA GLU E 247 4.55 -0.14 42.71
C GLU E 247 3.80 0.40 41.49
N PHE E 248 3.43 -0.50 40.56
CA PHE E 248 2.68 -0.11 39.37
C PHE E 248 1.34 0.47 39.74
N LEU E 249 0.64 -0.13 40.71
CA LEU E 249 -0.67 0.37 41.08
C LEU E 249 -0.58 1.74 41.72
N THR E 250 0.39 1.96 42.61
CA THR E 250 0.52 3.29 43.22
C THR E 250 0.97 4.34 42.21
N ALA E 251 1.88 3.96 41.30
CA ALA E 251 2.27 4.89 40.26
C ALA E 251 1.06 5.28 39.43
N VAL E 252 0.21 4.30 39.11
CA VAL E 252 -1.03 4.61 38.43
C VAL E 252 -1.91 5.53 39.29
N ARG E 253 -1.97 5.33 40.62
CA ARG E 253 -2.86 6.18 41.42
C ARG E 253 -2.46 7.62 41.22
N GLU E 254 -1.19 7.92 41.51
CA GLU E 254 -0.74 9.31 41.43
C GLU E 254 -0.80 9.85 39.99
N TYR E 255 -0.42 9.04 38.99
CA TYR E 255 -0.40 9.54 37.61
C TYR E 255 -1.80 9.86 37.10
N ALA E 256 -2.76 8.97 37.36
CA ALA E 256 -4.15 9.25 37.00
C ALA E 256 -4.68 10.47 37.74
N ALA E 257 -4.25 10.65 39.00
CA ALA E 257 -4.66 11.85 39.73
C ALA E 257 -4.18 13.11 39.02
N HIS E 258 -2.90 13.14 38.65
CA HIS E 258 -2.37 14.29 37.91
C HIS E 258 -3.10 14.51 36.59
N TRP E 259 -3.43 13.44 35.88
CA TRP E 259 -4.12 13.57 34.60
C TRP E 259 -5.52 14.17 34.79
N SER E 260 -6.25 13.67 35.78
CA SER E 260 -7.57 14.22 36.08
C SER E 260 -7.48 15.70 36.43
N ALA E 261 -6.51 16.06 37.27
CA ALA E 261 -6.32 17.46 37.63
C ALA E 261 -6.06 18.32 36.40
N ALA E 262 -5.20 17.84 35.50
CA ALA E 262 -4.88 18.59 34.29
C ALA E 262 -6.12 18.80 33.42
N LEU E 263 -6.94 17.76 33.26
CA LEU E 263 -8.13 17.89 32.43
C LEU E 263 -9.17 18.81 33.07
N GLU E 264 -9.16 18.91 34.40
CA GLU E 264 -10.03 19.88 35.06
C GLU E 264 -9.73 21.29 34.58
N THR E 265 -8.47 21.63 34.30
CA THR E 265 -8.18 22.96 33.79
C THR E 265 -8.74 23.17 32.39
N TYR E 266 -8.90 22.10 31.61
CA TYR E 266 -9.59 22.21 30.33
C TYR E 266 -11.05 22.55 30.54
N ALA E 267 -11.69 21.85 31.49
CA ALA E 267 -13.07 22.17 31.85
C ALA E 267 -13.20 23.63 32.31
N GLN E 268 -12.27 24.05 33.17
CA GLN E 268 -12.24 25.42 33.67
C GLN E 268 -12.14 26.43 32.52
N ALA E 269 -11.21 26.19 31.59
CA ALA E 269 -11.05 27.11 30.47
C ALA E 269 -12.30 27.16 29.61
N LEU E 270 -12.97 26.02 29.42
CA LEU E 270 -14.21 26.04 28.65
C LEU E 270 -15.31 26.81 29.38
N ARG E 271 -15.33 26.72 30.71
CA ARG E 271 -16.35 27.44 31.48
C ARG E 271 -16.10 28.94 31.46
N ASP E 272 -14.84 29.35 31.42
CA ASP E 272 -14.52 30.77 31.53
C ASP E 272 -14.52 31.45 30.16
N GLY E 273 -13.80 30.89 29.21
CA GLY E 273 -13.34 31.63 28.06
C GLY E 273 -11.91 32.12 28.20
N HIS E 274 -11.13 31.50 29.09
CA HIS E 274 -9.75 31.86 29.38
C HIS E 274 -8.90 32.04 28.12
N LEU F 6 24.59 28.82 17.17
CA LEU F 6 25.66 27.86 16.93
C LEU F 6 25.17 26.65 16.14
N ALA F 7 24.29 26.90 15.16
CA ALA F 7 23.74 25.83 14.34
C ALA F 7 24.82 25.31 13.40
N LEU F 8 24.91 23.98 13.28
CA LEU F 8 25.87 23.38 12.37
C LEU F 8 25.67 23.93 10.97
N SER F 9 26.74 24.01 10.22
CA SER F 9 26.69 24.54 8.86
C SER F 9 26.76 23.40 7.87
N ALA F 10 26.24 23.66 6.67
CA ALA F 10 26.19 22.62 5.65
C ALA F 10 27.59 22.10 5.34
N ALA F 11 28.52 23.00 5.02
CA ALA F 11 29.93 22.65 4.93
C ALA F 11 30.42 21.85 6.14
N GLU F 12 29.99 22.25 7.34
CA GLU F 12 30.41 21.52 8.54
C GLU F 12 29.83 20.12 8.58
N GLN F 13 28.58 19.95 8.14
CA GLN F 13 28.01 18.61 8.03
C GLN F 13 28.79 17.76 7.02
N GLN F 14 29.11 18.34 5.86
CA GLN F 14 29.89 17.60 4.87
C GLN F 14 31.24 17.16 5.45
N ASP F 15 31.93 18.08 6.13
CA ASP F 15 33.20 17.75 6.76
C ASP F 15 33.05 16.62 7.76
N LEU F 16 32.09 16.76 8.69
CA LEU F 16 31.85 15.75 9.70
C LEU F 16 31.54 14.39 9.07
N ASP F 17 30.62 14.35 8.11
CA ASP F 17 30.26 13.09 7.46
C ASP F 17 31.50 12.43 6.84
N ALA F 18 32.32 13.22 6.14
CA ALA F 18 33.51 12.64 5.51
C ALA F 18 34.49 12.14 6.55
N ARG F 19 34.65 12.90 7.65
CA ARG F 19 35.56 12.48 8.71
C ARG F 19 35.10 11.19 9.38
N VAL F 20 33.79 11.02 9.54
CA VAL F 20 33.26 9.78 10.11
C VAL F 20 33.56 8.61 9.18
N GLY F 21 33.26 8.77 7.88
CA GLY F 21 33.61 7.73 6.92
C GLY F 21 35.09 7.37 6.97
N LYS F 22 35.96 8.39 7.06
CA LYS F 22 37.39 8.14 7.15
C LYS F 22 37.74 7.40 8.43
N GLU F 23 37.05 7.72 9.53
CA GLU F 23 37.28 7.00 10.78
C GLU F 23 36.97 5.52 10.61
N ILE F 24 35.86 5.18 9.95
CA ILE F 24 35.59 3.75 9.74
C ILE F 24 36.66 3.15 8.85
N ASP F 25 37.17 3.92 7.89
CA ASP F 25 38.31 3.45 7.10
C ASP F 25 39.49 3.07 7.99
N ALA F 26 39.91 4.00 8.86
CA ALA F 26 41.07 3.76 9.71
C ALA F 26 40.92 2.51 10.57
N ALA F 27 39.70 2.18 11.00
CA ALA F 27 39.50 1.00 11.82
C ALA F 27 39.55 -0.29 11.01
N ARG F 28 39.78 -0.21 9.70
CA ARG F 28 39.82 -1.38 8.81
C ARG F 28 38.59 -2.27 9.00
N LEU F 29 37.42 -1.67 8.78
CA LEU F 29 36.15 -2.38 8.91
C LEU F 29 35.42 -2.54 7.58
N ARG F 30 36.00 -2.04 6.49
CA ARG F 30 35.40 -2.08 5.17
C ARG F 30 35.63 -3.43 4.50
N ARG F 31 35.36 -3.51 3.20
CA ARG F 31 35.57 -4.69 2.35
C ARG F 31 34.99 -5.95 2.96
N ASN F 34 38.78 -6.01 6.19
CA ASN F 34 38.70 -6.22 7.63
C ASN F 34 39.68 -7.31 8.05
N ALA F 35 39.13 -8.48 8.34
CA ALA F 35 39.87 -9.65 8.80
C ALA F 35 38.87 -10.80 8.85
N PHE F 36 37.69 -10.53 9.41
CA PHE F 36 36.64 -11.53 9.44
C PHE F 36 36.11 -11.79 8.05
N PHE F 37 35.96 -10.73 7.25
CA PHE F 37 35.42 -10.87 5.90
C PHE F 37 36.32 -11.74 5.03
N GLY F 38 37.63 -11.48 5.04
CA GLY F 38 38.54 -12.28 4.25
C GLY F 38 38.62 -13.72 4.73
N GLU F 39 38.82 -13.92 6.03
CA GLU F 39 38.90 -15.27 6.58
C GLU F 39 37.63 -16.06 6.32
N ALA F 40 36.47 -15.39 6.33
CA ALA F 40 35.22 -16.06 6.06
C ALA F 40 35.03 -16.37 4.58
N ARG F 41 35.51 -15.47 3.70
CA ARG F 41 35.41 -15.71 2.26
C ARG F 41 36.33 -16.84 1.81
N LYS F 42 37.53 -16.92 2.38
CA LYS F 42 38.56 -17.83 1.90
C LYS F 42 38.53 -19.19 2.59
N ALA F 43 37.71 -19.36 3.61
CA ALA F 43 37.66 -20.61 4.35
C ALA F 43 37.10 -21.72 3.47
N GLU F 44 37.77 -22.88 3.48
CA GLU F 44 37.33 -24.03 2.70
C GLU F 44 36.26 -24.84 3.41
N SER F 45 36.20 -24.76 4.74
CA SER F 45 35.18 -25.42 5.55
C SER F 45 35.28 -24.83 6.95
N VAL F 46 34.30 -25.15 7.79
CA VAL F 46 34.22 -24.59 9.13
C VAL F 46 33.88 -25.70 10.11
N THR F 47 34.60 -25.74 11.23
CA THR F 47 34.26 -26.70 12.27
C THR F 47 33.01 -26.23 13.00
N PRO F 48 32.19 -27.16 13.50
CA PRO F 48 31.02 -26.75 14.28
C PRO F 48 31.38 -26.05 15.58
N GLU F 49 32.62 -26.20 16.07
CA GLU F 49 33.04 -25.49 17.28
C GLU F 49 33.30 -24.02 16.99
N ALA F 50 34.01 -23.73 15.90
CA ALA F 50 34.17 -22.34 15.47
C ALA F 50 32.82 -21.70 15.17
N ALA F 51 31.92 -22.45 14.53
CA ALA F 51 30.58 -21.95 14.24
C ALA F 51 29.84 -21.59 15.52
N LEU F 52 29.87 -22.47 16.52
CA LEU F 52 29.19 -22.16 17.77
C LEU F 52 29.83 -20.98 18.50
N ALA F 53 31.15 -20.83 18.41
CA ALA F 53 31.79 -19.68 19.04
C ALA F 53 31.31 -18.39 18.40
N ILE F 54 31.28 -18.36 17.06
CA ILE F 54 30.77 -17.18 16.36
C ILE F 54 29.30 -16.92 16.72
N ALA F 55 28.50 -17.98 16.78
CA ALA F 55 27.08 -17.82 17.11
C ALA F 55 26.88 -17.22 18.49
N HIS F 56 27.59 -17.74 19.49
CA HIS F 56 27.45 -17.20 20.85
C HIS F 56 27.91 -15.75 20.91
N ARG F 57 29.04 -15.44 20.29
CA ARG F 57 29.53 -14.08 20.32
C ARG F 57 28.53 -13.14 19.68
N TRP F 58 27.98 -13.52 18.51
CA TRP F 58 27.02 -12.67 17.81
C TRP F 58 25.74 -12.51 18.62
N ARG F 59 25.23 -13.59 19.22
CA ARG F 59 24.06 -13.46 20.08
C ARG F 59 24.27 -12.37 21.13
N ALA F 60 25.39 -12.45 21.85
CA ALA F 60 25.63 -11.46 22.90
C ALA F 60 25.75 -10.05 22.31
N MET F 61 26.46 -9.93 21.20
CA MET F 61 26.74 -8.61 20.63
C MET F 61 25.47 -7.97 20.05
N THR F 62 24.60 -8.76 19.42
CA THR F 62 23.37 -8.19 18.88
C THR F 62 22.38 -7.85 19.99
N LYS F 63 22.24 -8.72 20.98
CA LYS F 63 21.40 -8.38 22.13
C LYS F 63 21.84 -7.05 22.74
N ALA F 64 23.16 -6.91 22.96
CA ALA F 64 23.67 -5.67 23.54
C ALA F 64 23.46 -4.49 22.61
N PHE F 65 23.73 -4.66 21.31
CA PHE F 65 23.53 -3.58 20.35
C PHE F 65 22.09 -3.07 20.40
N MET F 66 21.13 -3.97 20.27
CA MET F 66 19.73 -3.58 20.24
C MET F 66 19.30 -2.90 21.53
N PHE F 67 19.57 -3.53 22.68
CA PHE F 67 19.08 -2.99 23.94
C PHE F 67 19.75 -1.66 24.28
N THR F 68 21.08 -1.58 24.10
CA THR F 68 21.77 -0.34 24.43
C THR F 68 21.46 0.77 23.45
N THR F 69 21.17 0.42 22.19
CA THR F 69 20.75 1.44 21.23
C THR F 69 19.37 1.99 21.58
N LEU F 70 18.44 1.11 21.98
CA LEU F 70 17.15 1.59 22.46
C LEU F 70 17.31 2.48 23.69
N SER F 71 18.22 2.11 24.59
CA SER F 71 18.51 2.95 25.76
C SER F 71 18.99 4.34 25.35
N GLY F 72 19.94 4.39 24.40
CA GLY F 72 20.41 5.69 23.91
C GLY F 72 19.29 6.49 23.25
N LEU F 73 18.39 5.80 22.56
CA LEU F 73 17.20 6.44 21.99
C LEU F 73 16.39 7.12 23.09
N GLY F 74 16.17 6.40 24.19
CA GLY F 74 15.44 6.99 25.31
C GLY F 74 16.18 8.18 25.92
N VAL F 75 17.50 8.10 25.97
CA VAL F 75 18.30 9.21 26.48
C VAL F 75 18.09 10.45 25.61
N MET F 76 18.14 10.28 24.29
CA MET F 76 17.88 11.42 23.41
C MET F 76 16.46 11.96 23.62
N ALA F 77 15.49 11.06 23.82
CA ALA F 77 14.12 11.53 24.07
C ALA F 77 14.07 12.39 25.33
N ARG F 78 14.77 11.97 26.39
CA ARG F 78 14.80 12.76 27.62
C ARG F 78 15.44 14.12 27.38
N ARG F 79 16.54 14.13 26.62
CA ARG F 79 17.20 15.40 26.29
C ARG F 79 16.26 16.31 25.50
N PHE F 80 15.55 15.76 24.51
CA PHE F 80 14.62 16.55 23.71
C PHE F 80 13.51 17.15 24.57
N GLN F 81 12.97 16.35 25.50
CA GLN F 81 11.93 16.88 26.39
C GLN F 81 12.45 18.04 27.22
N GLY F 82 13.74 18.03 27.53
CA GLY F 82 14.36 19.17 28.21
C GLY F 82 14.30 20.46 27.41
N GLN F 83 14.10 20.35 26.09
CA GLN F 83 14.09 21.56 25.23
C GLN F 83 12.65 22.02 24.99
N ASP F 84 12.43 23.32 24.84
CA ASP F 84 11.07 23.87 24.71
C ASP F 84 10.51 23.62 23.31
N ALA F 85 11.35 23.72 22.29
CA ALA F 85 10.92 23.47 20.91
C ALA F 85 12.01 22.75 20.14
N PRO F 86 12.23 21.43 20.34
CA PRO F 86 13.32 20.72 19.65
C PRO F 86 13.36 21.00 18.16
N ASP F 87 14.60 21.12 17.64
CA ASP F 87 14.81 21.43 16.24
C ASP F 87 14.28 20.31 15.33
N HIS F 88 13.52 20.70 14.30
CA HIS F 88 12.85 19.73 13.45
C HIS F 88 13.84 18.83 12.70
N GLU F 89 15.02 19.34 12.35
CA GLU F 89 16.00 18.51 11.64
C GLU F 89 16.54 17.41 12.56
N LEU F 90 16.82 17.77 13.81
CA LEU F 90 17.21 16.77 14.79
C LEU F 90 16.10 15.75 14.98
N LEU F 91 14.84 16.20 14.94
CA LEU F 91 13.71 15.28 15.07
C LEU F 91 13.62 14.32 13.88
N ALA F 92 13.94 14.80 12.67
CA ALA F 92 13.95 13.90 11.52
C ALA F 92 14.99 12.80 11.69
N ALA F 93 16.20 13.18 12.12
CA ALA F 93 17.22 12.16 12.37
C ALA F 93 16.79 11.21 13.50
N PHE F 94 16.11 11.75 14.51
CA PHE F 94 15.55 10.94 15.59
C PHE F 94 14.57 9.91 15.05
N GLN F 95 13.68 10.32 14.13
CA GLN F 95 12.76 9.39 13.51
C GLN F 95 13.50 8.27 12.78
N THR F 96 14.62 8.62 12.12
CA THR F 96 15.42 7.58 11.47
C THR F 96 15.95 6.57 12.49
N VAL F 97 16.47 7.06 13.62
CA VAL F 97 16.89 6.18 14.71
C VAL F 97 15.77 5.21 15.06
N TYR F 98 14.57 5.76 15.27
CA TYR F 98 13.45 4.95 15.69
C TYR F 98 13.17 3.84 14.70
N GLN F 99 13.09 4.18 13.41
CA GLN F 99 12.77 3.19 12.39
C GLN F 99 13.82 2.09 12.35
N VAL F 100 15.10 2.49 12.26
CA VAL F 100 16.15 1.51 12.04
C VAL F 100 16.23 0.52 13.19
N ILE F 101 16.31 1.00 14.43
CA ILE F 101 16.41 0.02 15.52
C ILE F 101 15.08 -0.71 15.72
N GLY F 102 13.96 -0.10 15.33
CA GLY F 102 12.70 -0.81 15.39
C GLY F 102 12.65 -2.00 14.47
N ASP F 103 13.47 -2.00 13.42
CA ASP F 103 13.55 -3.22 12.61
C ASP F 103 14.09 -4.39 13.42
N ASP F 104 15.13 -4.15 14.22
CA ASP F 104 15.66 -5.21 15.09
C ASP F 104 14.63 -5.61 16.14
N LEU F 105 13.81 -4.67 16.59
CA LEU F 105 12.88 -5.01 17.66
C LEU F 105 11.60 -5.69 17.16
N ASP F 106 11.14 -5.34 15.94
CA ASP F 106 9.81 -5.79 15.53
C ASP F 106 9.67 -6.06 14.03
N ASN F 107 10.75 -6.01 13.24
CA ASN F 107 10.74 -6.48 11.85
C ASN F 107 9.75 -5.71 10.98
N ALA F 108 9.82 -4.38 11.06
CA ALA F 108 8.92 -3.54 10.27
C ALA F 108 9.28 -3.57 8.78
N ALA F 109 10.58 -3.50 8.48
CA ALA F 109 11.07 -3.39 7.11
C ALA F 109 10.55 -4.52 6.22
N PRO F 110 10.39 -4.29 4.91
CA PRO F 110 9.83 -5.35 4.06
C PRO F 110 10.61 -6.65 4.06
N ALA F 111 11.94 -6.58 4.03
CA ALA F 111 12.75 -7.80 4.02
C ALA F 111 12.46 -8.67 5.25
N PHE F 112 12.19 -8.06 6.39
CA PHE F 112 11.95 -8.80 7.63
C PHE F 112 10.49 -9.16 7.85
N ARG F 113 9.55 -8.27 7.53
CA ARG F 113 8.14 -8.51 7.84
C ARG F 113 7.61 -9.78 7.19
N GLU F 114 8.12 -10.12 6.01
CA GLU F 114 7.60 -11.29 5.29
C GLU F 114 8.09 -12.59 5.93
N VAL F 115 9.33 -12.61 6.41
CA VAL F 115 10.00 -13.86 6.75
C VAL F 115 10.21 -14.05 8.25
N ALA F 116 10.14 -12.98 9.05
CA ALA F 116 10.51 -13.11 10.45
C ALA F 116 9.38 -13.72 11.27
N PRO F 117 9.72 -14.50 12.30
CA PRO F 117 8.67 -15.00 13.21
C PRO F 117 7.95 -13.84 13.87
N ARG F 118 6.68 -14.06 14.18
CA ARG F 118 5.88 -13.05 14.87
C ARG F 118 6.28 -12.98 16.35
N GLY F 119 6.04 -11.80 16.94
CA GLY F 119 6.23 -11.61 18.36
C GLY F 119 7.68 -11.64 18.78
N PRO F 120 7.91 -12.01 20.05
CA PRO F 120 9.28 -12.01 20.59
C PRO F 120 10.23 -12.89 19.81
N ALA F 121 9.74 -13.98 19.21
CA ALA F 121 10.60 -14.85 18.42
C ALA F 121 11.22 -14.14 17.22
N GLY F 122 10.66 -13.00 16.83
CA GLY F 122 11.21 -12.23 15.72
C GLY F 122 12.23 -11.21 16.13
N ILE F 123 12.33 -10.94 17.44
CA ILE F 123 13.43 -10.13 17.94
C ILE F 123 14.74 -10.78 17.50
N HIS F 124 15.64 -9.97 16.95
CA HIS F 124 16.69 -10.50 16.10
C HIS F 124 17.68 -11.37 16.86
N TYR F 125 18.01 -11.01 18.11
CA TYR F 125 18.88 -11.90 18.86
C TYR F 125 18.16 -13.19 19.25
N VAL F 126 16.86 -13.13 19.49
CA VAL F 126 16.10 -14.35 19.80
C VAL F 126 15.97 -15.22 18.57
N TRP F 127 15.64 -14.61 17.42
CA TRP F 127 15.62 -15.31 16.15
C TRP F 127 16.96 -15.95 15.84
N TRP F 128 18.06 -15.25 16.12
CA TRP F 128 19.39 -15.80 15.89
C TRP F 128 19.67 -16.97 16.82
N GLU F 129 19.29 -16.88 18.09
CA GLU F 129 19.36 -18.04 18.97
C GLU F 129 18.63 -19.23 18.36
N ASP F 130 17.39 -19.00 17.92
CA ASP F 130 16.51 -20.11 17.60
C ASP F 130 16.87 -20.80 16.28
N THR F 131 17.33 -20.04 15.28
CA THR F 131 17.54 -20.62 13.95
C THR F 131 19.00 -20.84 13.59
N VAL F 132 19.93 -20.21 14.31
CA VAL F 132 21.36 -20.38 14.06
C VAL F 132 22.00 -21.10 15.23
N LEU F 133 22.12 -20.42 16.37
CA LEU F 133 22.85 -20.93 17.54
C LEU F 133 22.45 -22.34 17.94
N LYS F 134 21.20 -22.54 18.39
CA LYS F 134 20.79 -23.86 18.87
C LYS F 134 20.93 -24.98 17.84
N PRO F 135 20.54 -24.80 16.56
CA PRO F 135 20.79 -25.88 15.60
C PRO F 135 22.27 -26.23 15.45
N VAL F 136 23.15 -25.22 15.50
CA VAL F 136 24.58 -25.52 15.44
C VAL F 136 25.02 -26.20 16.74
N ALA F 137 24.38 -25.88 17.85
CA ALA F 137 24.74 -26.46 19.13
C ALA F 137 24.35 -27.93 19.20
N ALA F 138 23.37 -28.33 18.40
CA ALA F 138 23.02 -29.75 18.35
C ALA F 138 24.18 -30.62 17.89
N HIS F 139 25.16 -30.06 17.18
CA HIS F 139 26.29 -30.80 16.65
C HIS F 139 27.60 -30.57 17.41
N VAL F 140 27.53 -30.17 18.68
CA VAL F 140 28.73 -29.96 19.49
C VAL F 140 28.55 -30.67 20.83
N ALA F 141 29.58 -31.37 21.27
CA ALA F 141 29.53 -32.11 22.52
C ALA F 141 29.50 -31.17 23.72
N GLU F 142 28.92 -31.65 24.82
CA GLU F 142 28.67 -30.81 25.99
C GLU F 142 29.94 -30.12 26.49
N GLU F 143 31.08 -30.84 26.45
CA GLU F 143 32.32 -30.25 26.93
C GLU F 143 32.75 -29.07 26.06
N ASP F 144 32.60 -29.17 24.75
CA ASP F 144 32.98 -28.09 23.84
C ASP F 144 31.97 -26.95 23.82
N ARG F 145 30.71 -27.22 24.17
CA ARG F 145 29.70 -26.17 24.19
C ARG F 145 30.04 -25.08 25.18
N GLN F 146 30.30 -25.46 26.43
CA GLN F 146 30.67 -24.47 27.45
C GLN F 146 31.89 -23.67 27.04
N SER F 147 32.85 -24.29 26.35
CA SER F 147 34.04 -23.58 25.92
C SER F 147 33.71 -22.56 24.85
N ALA F 148 32.86 -22.93 23.88
CA ALA F 148 32.53 -22.00 22.82
C ALA F 148 31.77 -20.77 23.33
N ALA F 149 31.10 -20.89 24.47
CA ALA F 149 30.29 -19.81 25.03
C ALA F 149 31.09 -18.73 25.74
N VAL F 150 32.36 -18.98 26.07
CA VAL F 150 33.17 -18.00 26.80
C VAL F 150 33.56 -16.88 25.85
N LEU F 151 33.25 -15.63 26.25
CA LEU F 151 33.39 -14.51 25.32
C LEU F 151 34.82 -13.98 25.32
N PRO F 152 35.41 -13.79 24.14
CA PRO F 152 36.74 -13.18 24.05
C PRO F 152 36.80 -11.81 24.70
N ARG F 153 38.04 -11.38 25.00
CA ARG F 153 38.25 -10.09 25.67
C ARG F 153 37.87 -8.91 24.77
N ALA F 154 38.13 -9.00 23.47
CA ALA F 154 37.75 -7.91 22.58
C ALA F 154 36.23 -7.76 22.50
N VAL F 155 35.52 -8.89 22.54
CA VAL F 155 34.07 -8.88 22.52
C VAL F 155 33.53 -8.22 23.79
N THR F 156 34.07 -8.60 24.95
CA THR F 156 33.65 -7.97 26.20
C THR F 156 33.99 -6.49 26.23
N GLY F 157 35.09 -6.09 25.59
CA GLY F 157 35.39 -4.67 25.51
C GLY F 157 34.35 -3.93 24.67
N LEU F 158 33.91 -4.54 23.57
CA LEU F 158 32.81 -3.98 22.80
C LEU F 158 31.53 -3.90 23.62
N LEU F 159 31.23 -4.95 24.39
CA LEU F 159 30.02 -4.94 25.20
C LEU F 159 30.05 -3.82 26.25
N ASP F 160 31.21 -3.61 26.88
CA ASP F 160 31.32 -2.53 27.85
C ASP F 160 31.21 -1.17 27.16
N SER F 161 31.79 -1.04 25.96
CA SER F 161 31.62 0.19 25.18
C SER F 161 30.15 0.46 24.88
N MET F 162 29.41 -0.58 24.49
CA MET F 162 27.98 -0.44 24.24
C MET F 162 27.24 -0.02 25.51
N ASP F 163 27.59 -0.63 26.65
CA ASP F 163 26.97 -0.25 27.91
C ASP F 163 27.26 1.21 28.25
N ARG F 164 28.43 1.71 27.88
CA ARG F 164 28.71 3.13 28.08
C ARG F 164 27.84 3.99 27.18
N LEU F 165 27.77 3.64 25.89
CA LEU F 165 26.97 4.41 24.94
C LEU F 165 25.48 4.32 25.22
N ALA F 166 25.03 3.32 25.98
CA ALA F 166 23.61 3.19 26.32
C ALA F 166 23.08 4.43 27.02
N THR F 167 23.94 5.22 27.65
CA THR F 167 23.56 6.43 28.37
C THR F 167 24.16 7.69 27.75
N HIS F 168 24.85 7.56 26.64
CA HIS F 168 25.44 8.72 25.97
C HIS F 168 24.37 9.44 25.14
N PRO F 169 24.26 10.77 25.25
CA PRO F 169 23.23 11.47 24.46
C PRO F 169 23.37 11.31 22.96
N LEU F 170 24.52 10.86 22.47
CA LEU F 170 24.70 10.54 21.06
C LEU F 170 24.98 9.06 20.83
N GLY F 171 24.84 8.23 21.87
CA GLY F 171 25.27 6.84 21.77
C GLY F 171 24.51 6.04 20.72
N ALA F 172 23.18 6.20 20.68
CA ALA F 172 22.40 5.47 19.68
C ALA F 172 22.81 5.87 18.27
N ALA F 173 23.06 7.16 18.05
CA ALA F 173 23.47 7.62 16.72
C ALA F 173 24.82 7.02 16.33
N VAL F 174 25.78 7.02 17.26
CA VAL F 174 27.09 6.44 16.99
C VAL F 174 26.96 4.96 16.66
N GLN F 175 26.25 4.22 17.51
CA GLN F 175 26.13 2.78 17.33
C GLN F 175 25.47 2.44 16.01
N LEU F 176 24.36 3.13 15.68
CA LEU F 176 23.69 2.84 14.42
C LEU F 176 24.55 3.23 13.23
N ARG F 177 25.19 4.40 13.29
CA ARG F 177 26.01 4.86 12.18
C ARG F 177 27.10 3.85 11.84
N VAL F 178 27.68 3.21 12.85
CA VAL F 178 28.75 2.24 12.57
C VAL F 178 28.16 0.88 12.17
N VAL F 179 27.26 0.35 12.99
CA VAL F 179 26.78 -1.01 12.83
C VAL F 179 26.01 -1.15 11.51
N GLU F 180 25.13 -0.19 11.20
CA GLU F 180 24.37 -0.31 9.98
C GLU F 180 25.25 -0.17 8.74
N ASP F 181 26.40 0.49 8.88
CA ASP F 181 27.32 0.59 7.76
C ASP F 181 28.03 -0.73 7.49
N ILE F 182 28.35 -1.49 8.54
CA ILE F 182 29.11 -2.73 8.35
C ILE F 182 28.25 -3.99 8.41
N ALA F 183 26.94 -3.84 8.64
CA ALA F 183 26.08 -4.98 8.89
C ALA F 183 25.98 -5.90 7.68
N LEU F 184 26.02 -5.34 6.47
CA LEU F 184 25.91 -6.16 5.28
C LEU F 184 27.09 -7.11 5.14
N ASP F 185 28.30 -6.58 5.31
CA ASP F 185 29.48 -7.45 5.28
C ASP F 185 29.39 -8.52 6.37
N ILE F 186 28.89 -8.15 7.55
CA ILE F 186 28.73 -9.15 8.62
C ILE F 186 27.79 -10.27 8.19
N ALA F 187 26.62 -9.90 7.65
CA ALA F 187 25.65 -10.91 7.24
C ALA F 187 26.16 -11.76 6.09
N VAL F 188 26.93 -11.16 5.19
CA VAL F 188 27.50 -11.91 4.07
C VAL F 188 28.50 -12.93 4.58
N GLY F 189 29.37 -12.51 5.50
CA GLY F 189 30.27 -13.45 6.15
C GLY F 189 29.52 -14.59 6.82
N PHE F 190 28.37 -14.29 7.41
CA PHE F 190 27.58 -15.34 8.05
C PHE F 190 27.06 -16.33 7.02
N ARG F 191 26.52 -15.83 5.90
CA ARG F 191 26.04 -16.73 4.86
C ARG F 191 27.16 -17.64 4.36
N ARG F 192 28.32 -17.06 4.08
CA ARG F 192 29.46 -17.82 3.58
C ARG F 192 29.89 -18.89 4.58
N LEU F 193 30.20 -18.49 5.82
CA LEU F 193 30.76 -19.44 6.76
C LEU F 193 29.75 -20.49 7.21
N TYR F 194 28.49 -20.08 7.44
CA TYR F 194 27.49 -21.01 7.91
C TYR F 194 26.97 -21.91 6.81
N ALA F 195 27.32 -21.63 5.54
CA ALA F 195 27.08 -22.58 4.48
C ALA F 195 28.14 -23.68 4.42
N LYS F 196 29.32 -23.45 5.00
CA LYS F 196 30.45 -24.36 4.90
C LYS F 196 30.74 -25.17 6.17
N VAL F 197 29.71 -25.61 6.89
CA VAL F 197 29.96 -26.38 8.12
C VAL F 197 30.03 -27.89 7.87
N LEU F 211 18.28 -20.72 6.69
CA LEU F 211 19.05 -19.50 6.93
C LEU F 211 18.25 -18.25 6.61
N ALA F 212 16.96 -18.25 6.96
CA ALA F 212 16.09 -17.10 6.68
C ALA F 212 16.65 -15.81 7.28
N TRP F 213 17.14 -15.89 8.52
CA TRP F 213 17.75 -14.74 9.20
C TRP F 213 18.77 -14.05 8.32
N VAL F 214 19.71 -14.82 7.78
CA VAL F 214 20.84 -14.25 7.04
C VAL F 214 20.38 -13.64 5.74
N ASP F 215 19.48 -14.32 5.03
CA ASP F 215 19.02 -13.82 3.74
C ASP F 215 18.24 -12.52 3.89
N SER F 216 17.32 -12.46 4.86
CA SER F 216 16.58 -11.22 5.06
C SER F 216 17.50 -10.08 5.48
N HIS F 217 18.51 -10.38 6.30
CA HIS F 217 19.43 -9.31 6.68
C HIS F 217 20.26 -8.83 5.49
N ILE F 218 20.67 -9.74 4.61
CA ILE F 218 21.40 -9.32 3.41
C ILE F 218 20.50 -8.46 2.54
N LYS F 219 19.21 -8.79 2.48
CA LYS F 219 18.26 -7.97 1.73
C LYS F 219 18.15 -6.55 2.29
N ALA F 220 18.10 -6.43 3.62
CA ALA F 220 17.75 -5.13 4.23
C ALA F 220 18.93 -4.27 4.66
N GLU F 221 20.16 -4.81 4.72
CA GLU F 221 21.23 -4.04 5.33
C GLU F 221 21.78 -2.95 4.44
N THR F 222 21.61 -3.07 3.11
CA THR F 222 21.99 -1.98 2.23
C THR F 222 21.10 -0.76 2.46
N MET F 223 19.85 -1.00 2.82
CA MET F 223 18.93 0.10 3.09
C MET F 223 19.23 0.70 4.45
N HIS F 224 19.54 -0.14 5.43
CA HIS F 224 19.91 0.40 6.73
C HIS F 224 21.17 1.26 6.65
N ALA F 225 22.19 0.80 5.92
CA ALA F 225 23.40 1.61 5.75
C ALA F 225 23.11 2.94 5.07
N ALA F 226 22.24 2.92 4.06
CA ALA F 226 21.87 4.18 3.42
C ALA F 226 21.11 5.09 4.38
N GLN F 227 20.24 4.51 5.22
CA GLN F 227 19.45 5.32 6.14
C GLN F 227 20.34 6.00 7.17
N VAL F 228 21.34 5.27 7.69
CA VAL F 228 22.20 5.90 8.69
C VAL F 228 23.21 6.83 8.05
N SER F 229 23.45 6.72 6.75
CA SER F 229 24.41 7.61 6.10
C SER F 229 23.73 8.76 5.36
N ASP F 230 22.40 8.84 5.39
CA ASP F 230 21.70 9.90 4.67
C ASP F 230 22.16 11.26 5.17
N GLU F 231 22.43 12.18 4.24
CA GLU F 231 22.90 13.51 4.63
C GLU F 231 21.81 14.38 5.25
N ASP F 232 20.54 14.04 5.06
CA ASP F 232 19.45 14.86 5.56
C ASP F 232 18.79 14.30 6.82
N THR F 233 18.62 12.98 6.91
CA THR F 233 17.97 12.37 8.06
C THR F 233 18.82 11.29 8.72
N GLY F 234 20.14 11.30 8.50
CA GLY F 234 21.01 10.28 9.04
C GLY F 234 21.51 10.60 10.44
N MET F 235 22.29 9.67 10.98
CA MET F 235 22.69 9.73 12.38
C MET F 235 23.48 10.99 12.68
N THR F 236 24.39 11.36 11.78
CA THR F 236 25.22 12.53 12.00
C THR F 236 24.43 13.83 11.96
N ARG F 237 23.17 13.80 11.53
CA ARG F 237 22.30 14.96 11.61
C ARG F 237 21.69 15.14 13.00
N LEU F 238 21.95 14.22 13.94
CA LEU F 238 21.59 14.45 15.33
C LEU F 238 22.65 15.24 16.08
N VAL F 239 23.78 15.49 15.44
CA VAL F 239 24.82 16.35 16.00
C VAL F 239 24.40 17.79 15.81
N ALA F 240 24.23 18.52 16.92
CA ALA F 240 23.71 19.88 16.88
C ALA F 240 24.78 20.94 17.04
N ASP F 241 26.05 20.56 17.12
CA ASP F 241 27.10 21.43 17.63
C ASP F 241 28.39 21.16 16.88
N ARG F 242 29.36 22.07 17.03
CA ARG F 242 30.75 21.71 16.76
C ARG F 242 31.30 20.86 17.90
N GLU F 243 30.89 21.19 19.12
CA GLU F 243 31.32 20.45 20.30
C GLU F 243 30.78 19.02 20.25
N GLN F 244 29.49 18.87 19.99
CA GLN F 244 28.92 17.54 19.77
C GLN F 244 29.53 16.88 18.55
N ALA F 245 29.94 17.67 17.55
CA ALA F 245 30.57 17.08 16.38
C ALA F 245 31.82 16.30 16.76
N GLU F 246 32.70 16.90 17.54
CA GLU F 246 33.88 16.12 17.93
C GLU F 246 33.58 15.07 18.99
N GLU F 247 32.64 15.30 19.91
CA GLU F 247 32.26 14.19 20.80
C GLU F 247 31.83 12.98 19.97
N PHE F 248 31.07 13.23 18.90
CA PHE F 248 30.64 12.19 17.99
C PHE F 248 31.82 11.52 17.29
N LEU F 249 32.80 12.31 16.85
CA LEU F 249 33.92 11.73 16.12
C LEU F 249 34.76 10.83 17.04
N THR F 250 35.05 11.29 18.26
CA THR F 250 35.82 10.45 19.18
C THR F 250 35.04 9.20 19.60
N ALA F 251 33.73 9.33 19.76
CA ALA F 251 32.91 8.14 20.07
C ALA F 251 32.97 7.14 18.93
N VAL F 252 32.91 7.62 17.70
CA VAL F 252 33.00 6.71 16.53
C VAL F 252 34.34 5.98 16.58
N ARG F 253 35.41 6.73 16.85
CA ARG F 253 36.77 6.13 16.91
C ARG F 253 36.78 4.93 17.85
N GLU F 254 36.43 5.14 19.12
CA GLU F 254 36.48 4.05 20.13
C GLU F 254 35.56 2.90 19.69
N TYR F 255 34.38 3.21 19.18
CA TYR F 255 33.40 2.14 18.81
C TYR F 255 33.93 1.33 17.64
N ALA F 256 34.25 2.00 16.51
CA ALA F 256 34.84 1.26 15.38
C ALA F 256 36.05 0.42 15.81
N ALA F 257 36.89 0.94 16.71
CA ALA F 257 38.02 0.13 17.17
C ALA F 257 37.55 -1.13 17.90
N HIS F 258 36.64 -0.96 18.86
CA HIS F 258 36.10 -2.10 19.60
C HIS F 258 35.43 -3.11 18.68
N TRP F 259 34.67 -2.62 17.70
CA TRP F 259 33.99 -3.52 16.77
C TRP F 259 35.00 -4.29 15.92
N SER F 260 36.04 -3.60 15.44
CA SER F 260 37.09 -4.26 14.68
C SER F 260 37.75 -5.38 15.48
N ALA F 261 38.10 -5.10 16.74
CA ALA F 261 38.70 -6.14 17.58
C ALA F 261 37.75 -7.33 17.76
N ALA F 262 36.47 -7.04 18.01
CA ALA F 262 35.50 -8.12 18.19
C ALA F 262 35.41 -8.99 16.93
N LEU F 263 35.42 -8.38 15.76
CA LEU F 263 35.35 -9.16 14.52
C LEU F 263 36.66 -9.91 14.24
N GLU F 264 37.78 -9.33 14.66
CA GLU F 264 39.05 -10.05 14.57
C GLU F 264 38.97 -11.35 15.35
N THR F 265 38.30 -11.33 16.51
CA THR F 265 38.13 -12.58 17.25
C THR F 265 37.24 -13.58 16.52
N TYR F 266 36.35 -13.12 15.64
CA TYR F 266 35.61 -14.03 14.79
C TYR F 266 36.54 -14.71 13.79
N ALA F 267 37.38 -13.90 13.14
CA ALA F 267 38.38 -14.46 12.21
C ALA F 267 39.28 -15.47 12.91
N GLN F 268 39.76 -15.12 14.10
CA GLN F 268 40.60 -16.03 14.88
C GLN F 268 39.94 -17.37 15.10
N ALA F 269 38.67 -17.35 15.52
CA ALA F 269 37.94 -18.60 15.71
C ALA F 269 37.81 -19.37 14.41
N LEU F 270 37.66 -18.65 13.29
CA LEU F 270 37.59 -19.33 11.99
C LEU F 270 38.90 -20.05 11.68
N ARG F 271 40.03 -19.47 12.10
CA ARG F 271 41.31 -20.12 11.81
C ARG F 271 41.51 -21.38 12.66
N ASP F 272 41.04 -21.38 13.90
CA ASP F 272 41.25 -22.52 14.80
C ASP F 272 40.09 -23.51 14.70
FE FE2 G . 14.35 2.66 -10.68
FE FE2 H . 18.29 2.01 -10.07
N ILE I . 16.41 3.55 -11.97
CA ILE I . 16.00 4.96 -11.68
C ILE I . 14.53 5.17 -12.09
O ILE I . 13.85 4.15 -12.32
CB ILE I . 16.93 5.96 -12.39
CG1 ILE I . 17.07 5.61 -13.87
CG2 ILE I . 18.28 6.04 -11.68
CD1 ILE I . 17.65 6.73 -14.72
OXT ILE I . 14.14 6.35 -12.18
FE FE2 J . 12.43 -22.91 -17.05
FE FE2 K . 9.38 -22.44 -18.49
N ILE L . 11.77 -23.17 -19.52
CA ILE L . 12.15 -24.61 -19.67
C ILE L . 13.63 -24.79 -19.33
O ILE L . 14.18 -25.83 -19.73
CB ILE L . 11.78 -25.11 -21.08
CG1 ILE L . 12.31 -24.16 -22.15
CG2 ILE L . 10.28 -25.31 -21.20
CD1 ILE L . 12.28 -24.73 -23.56
OXT ILE L . 14.19 -23.88 -18.67
FE FE2 M . -16.48 -4.91 2.66
FE FE2 N . -16.86 -3.51 6.45
N ILE O . -17.41 -5.89 4.80
CA ILE O . -17.14 -7.36 4.73
C ILE O . -17.34 -7.83 3.27
O ILE O . -17.55 -9.04 3.10
CB ILE O . -18.10 -8.13 5.66
CG1 ILE O . -19.55 -7.79 5.38
CG2 ILE O . -17.74 -7.91 7.13
CD1 ILE O . -20.54 -8.80 5.92
OXT ILE O . -17.26 -6.97 2.37
FE FE2 P . -25.59 18.43 -5.47
FE FE2 Q . -25.96 17.07 -9.14
N ILE R . -27.56 18.44 -7.04
CA ILE R . -28.17 19.80 -7.02
C ILE R . -28.28 20.28 -5.56
O ILE R . -27.56 19.72 -4.71
CB ILE R . -29.54 19.78 -7.71
CG1 ILE R . -30.44 18.69 -7.14
CG2 ILE R . -29.37 19.61 -9.22
CD1 ILE R . -31.90 18.82 -7.52
OXT ILE R . -29.10 21.20 -5.33
FE FE2 S . -1.04 10.76 19.71
FE FE2 T . -2.45 7.25 21.10
FE FE2 U . 18.28 -5.80 12.03
FE FE2 V . 20.20 -3.47 11.03
N ILE W . 20.97 -5.81 12.14
CA ILE W . 21.64 -7.09 12.51
C ILE W . 20.71 -7.90 13.44
O ILE W . 21.24 -8.78 14.15
CB ILE W . 23.01 -6.82 13.16
CG1 ILE W . 22.92 -5.85 14.32
CG2 ILE W . 24.02 -6.36 12.11
CD1 ILE W . 24.15 -5.85 15.21
OXT ILE W . 19.48 -7.67 13.35
#